data_2AI7
# 
_entry.id   2AI7 
# 
_audit_conform.dict_name       mmcif_pdbx.dic 
_audit_conform.dict_version    5.387 
_audit_conform.dict_location   http://mmcif.pdb.org/dictionaries/ascii/mmcif_pdbx.dic 
# 
loop_
_database_2.database_id 
_database_2.database_code 
_database_2.pdbx_database_accession 
_database_2.pdbx_DOI 
PDB   2AI7         pdb_00002ai7 10.2210/pdb2ai7/pdb 
RCSB  RCSB033925   ?            ?                   
WWPDB D_1000033925 ?            ?                   
# 
loop_
_pdbx_audit_revision_history.ordinal 
_pdbx_audit_revision_history.data_content_type 
_pdbx_audit_revision_history.major_revision 
_pdbx_audit_revision_history.minor_revision 
_pdbx_audit_revision_history.revision_date 
1 'Structure model' 1 0 2005-09-06 
2 'Structure model' 1 1 2008-04-30 
3 'Structure model' 1 2 2011-07-13 
4 'Structure model' 1 3 2024-02-14 
# 
_pdbx_audit_revision_details.ordinal             1 
_pdbx_audit_revision_details.revision_ordinal    1 
_pdbx_audit_revision_details.data_content_type   'Structure model' 
_pdbx_audit_revision_details.provider            repository 
_pdbx_audit_revision_details.type                'Initial release' 
_pdbx_audit_revision_details.description         ? 
_pdbx_audit_revision_details.details             ? 
# 
loop_
_pdbx_audit_revision_group.ordinal 
_pdbx_audit_revision_group.revision_ordinal 
_pdbx_audit_revision_group.data_content_type 
_pdbx_audit_revision_group.group 
1 2 'Structure model' 'Version format compliance' 
2 3 'Structure model' 'Version format compliance' 
3 4 'Structure model' 'Data collection'           
4 4 'Structure model' 'Database references'       
5 4 'Structure model' 'Derived calculations'      
# 
loop_
_pdbx_audit_revision_category.ordinal 
_pdbx_audit_revision_category.revision_ordinal 
_pdbx_audit_revision_category.data_content_type 
_pdbx_audit_revision_category.category 
1 4 'Structure model' chem_comp_atom         
2 4 'Structure model' chem_comp_bond         
3 4 'Structure model' database_2             
4 4 'Structure model' pdbx_struct_conn_angle 
5 4 'Structure model' struct_conn            
6 4 'Structure model' struct_ref_seq_dif     
7 4 'Structure model' struct_site            
# 
loop_
_pdbx_audit_revision_item.ordinal 
_pdbx_audit_revision_item.revision_ordinal 
_pdbx_audit_revision_item.data_content_type 
_pdbx_audit_revision_item.item 
1  4 'Structure model' '_database_2.pdbx_DOI'                        
2  4 'Structure model' '_database_2.pdbx_database_accession'         
3  4 'Structure model' '_pdbx_struct_conn_angle.ptnr1_auth_comp_id'  
4  4 'Structure model' '_pdbx_struct_conn_angle.ptnr1_auth_seq_id'   
5  4 'Structure model' '_pdbx_struct_conn_angle.ptnr1_label_asym_id' 
6  4 'Structure model' '_pdbx_struct_conn_angle.ptnr1_label_atom_id' 
7  4 'Structure model' '_pdbx_struct_conn_angle.ptnr1_label_comp_id' 
8  4 'Structure model' '_pdbx_struct_conn_angle.ptnr1_label_seq_id'  
9  4 'Structure model' '_pdbx_struct_conn_angle.ptnr3_auth_comp_id'  
10 4 'Structure model' '_pdbx_struct_conn_angle.ptnr3_auth_seq_id'   
11 4 'Structure model' '_pdbx_struct_conn_angle.ptnr3_label_asym_id' 
12 4 'Structure model' '_pdbx_struct_conn_angle.ptnr3_label_atom_id' 
13 4 'Structure model' '_pdbx_struct_conn_angle.ptnr3_label_comp_id' 
14 4 'Structure model' '_pdbx_struct_conn_angle.ptnr3_label_seq_id'  
15 4 'Structure model' '_pdbx_struct_conn_angle.value'               
16 4 'Structure model' '_struct_conn.pdbx_dist_value'                
17 4 'Structure model' '_struct_conn.ptnr1_auth_comp_id'             
18 4 'Structure model' '_struct_conn.ptnr1_auth_seq_id'              
19 4 'Structure model' '_struct_conn.ptnr1_label_asym_id'            
20 4 'Structure model' '_struct_conn.ptnr1_label_atom_id'            
21 4 'Structure model' '_struct_conn.ptnr1_label_comp_id'            
22 4 'Structure model' '_struct_conn.ptnr1_label_seq_id'             
23 4 'Structure model' '_struct_conn.ptnr2_auth_comp_id'             
24 4 'Structure model' '_struct_conn.ptnr2_auth_seq_id'              
25 4 'Structure model' '_struct_conn.ptnr2_label_asym_id'            
26 4 'Structure model' '_struct_conn.ptnr2_label_atom_id'            
27 4 'Structure model' '_struct_conn.ptnr2_label_comp_id'            
28 4 'Structure model' '_struct_conn.ptnr2_label_seq_id'             
29 4 'Structure model' '_struct_ref_seq_dif.details'                 
30 4 'Structure model' '_struct_site.pdbx_auth_asym_id'              
31 4 'Structure model' '_struct_site.pdbx_auth_comp_id'              
32 4 'Structure model' '_struct_site.pdbx_auth_seq_id'               
# 
_pdbx_database_status.entry_id                        2AI7 
_pdbx_database_status.deposit_site                    RCSB 
_pdbx_database_status.process_site                    RCSB 
_pdbx_database_status.recvd_initial_deposition_date   2005-07-29 
_pdbx_database_status.status_code                     REL 
_pdbx_database_status.status_code_sf                  REL 
_pdbx_database_status.status_code_mr                  ? 
_pdbx_database_status.SG_entry                        ? 
_pdbx_database_status.pdb_format_compatible           Y 
_pdbx_database_status.status_code_cs                  ? 
_pdbx_database_status.status_code_nmr_data            ? 
_pdbx_database_status.methods_development_category    ? 
# 
loop_
_pdbx_database_related.db_name 
_pdbx_database_related.db_id 
_pdbx_database_related.details 
_pdbx_database_related.content_type 
PDB 2AI8 . unspecified 
PDB 2AI9 . unspecified 
PDB 2AIA . unspecified 
PDB 2AIE . unspecified 
# 
loop_
_audit_author.name 
_audit_author.pdbx_ordinal 
'Smith, K.J.'       1  
'Petit, C.M.'       2  
'Aubart, K.'        3  
'Smyth, M.'         4  
'McManus, E.'       5  
'Jones, J.'         6  
'Fosberry, A.'      7  
'Lewis, C.'         8  
'Lonetto, M.'       9  
'Christensen, S.B.' 10 
# 
_citation.id                        primary 
_citation.title                     
'Structural Variation and inhibitor binding in polypeptide deformylase from four different bacterial species' 
_citation.journal_abbrev            'Protein Sci.' 
_citation.journal_volume            12 
_citation.page_first                349 
_citation.page_last                 360 
_citation.year                      2003 
_citation.journal_id_ASTM           PRCIEI 
_citation.country                   US 
_citation.journal_id_ISSN           0961-8368 
_citation.journal_id_CSD            0795 
_citation.book_publisher            ? 
_citation.pdbx_database_id_PubMed   12538898 
_citation.pdbx_database_id_DOI      10.1110/ps.0229303 
# 
loop_
_citation_author.citation_id 
_citation_author.name 
_citation_author.ordinal 
_citation_author.identifier_ORCID 
primary 'Smith, K.J.'       1  ? 
primary 'Petit, C.M.'       2  ? 
primary 'Aubart, K.'        3  ? 
primary 'Smyth, M.'         4  ? 
primary 'McManus, E.'       5  ? 
primary 'Jones, J.'         6  ? 
primary 'Fosberry, A.'      7  ? 
primary 'Lewis, C.'         8  ? 
primary 'Lonetto, M.'       9  ? 
primary 'Christensen, S.B.' 10 ? 
# 
loop_
_entity.id 
_entity.type 
_entity.src_method 
_entity.pdbx_description 
_entity.formula_weight 
_entity.pdbx_number_of_molecules 
_entity.pdbx_ec 
_entity.pdbx_mutation 
_entity.pdbx_fragment 
_entity.details 
1 polymer     man 'Peptide deformylase'                    22682.037 1   3.5.1.88 ? ? ? 
2 non-polymer syn 'NICKEL (II) ION'                        58.693    1   ?        ? ? ? 
3 non-polymer syn 'SULFATE ION'                            96.063    1   ?        ? ? ? 
4 non-polymer syn '[HYDROXY(3-PHENYLPROPYL)AMINO]METHANOL' 181.232   1   ?        ? ? ? 
5 water       nat water                                    18.015    137 ?        ? ? ? 
# 
_entity_name_com.entity_id   1 
_entity_name_com.name        'PDF, Polypeptide deformylase' 
# 
_entity_poly.entity_id                      1 
_entity_poly.type                           'polypeptide(L)' 
_entity_poly.nstd_linkage                   no 
_entity_poly.nstd_monomer                   no 
_entity_poly.pdbx_seq_one_letter_code       
;MSAIERISKAAHLIDMCDIIREGNPSLRTVAEEVTFPLSDQEIILGEKMMQFLKHSQDPVMAEKMGLRGGVGLAAPQLDI
SKRIIAVLVPNIVEEGETPQEAYDLEAIMYNPKIVSHSVQDAALGEGEGCLSVDRNVPGYVVRHARVTVDYFDKDGEKHR
IKLKGYNSIVVQHEIDHINGIMFYDRINEKDPFAVKDGLLILE
;
_entity_poly.pdbx_seq_one_letter_code_can   
;MSAIERISKAAHLIDMCDIIREGNPSLRTVAEEVTFPLSDQEIILGEKMMQFLKHSQDPVMAEKMGLRGGVGLAAPQLDI
SKRIIAVLVPNIVEEGETPQEAYDLEAIMYNPKIVSHSVQDAALGEGEGCLSVDRNVPGYVVRHARVTVDYFDKDGEKHR
IKLKGYNSIVVQHEIDHINGIMFYDRINEKDPFAVKDGLLILE
;
_entity_poly.pdbx_strand_id                 A 
_entity_poly.pdbx_target_identifier         ? 
# 
loop_
_pdbx_entity_nonpoly.entity_id 
_pdbx_entity_nonpoly.name 
_pdbx_entity_nonpoly.comp_id 
2 'NICKEL (II) ION'                        NI  
3 'SULFATE ION'                            SO4 
4 '[HYDROXY(3-PHENYLPROPYL)AMINO]METHANOL' SB7 
5 water                                    HOH 
# 
loop_
_entity_poly_seq.entity_id 
_entity_poly_seq.num 
_entity_poly_seq.mon_id 
_entity_poly_seq.hetero 
1 1   MET n 
1 2   SER n 
1 3   ALA n 
1 4   ILE n 
1 5   GLU n 
1 6   ARG n 
1 7   ILE n 
1 8   SER n 
1 9   LYS n 
1 10  ALA n 
1 11  ALA n 
1 12  HIS n 
1 13  LEU n 
1 14  ILE n 
1 15  ASP n 
1 16  MET n 
1 17  CYS n 
1 18  ASP n 
1 19  ILE n 
1 20  ILE n 
1 21  ARG n 
1 22  GLU n 
1 23  GLY n 
1 24  ASN n 
1 25  PRO n 
1 26  SER n 
1 27  LEU n 
1 28  ARG n 
1 29  THR n 
1 30  VAL n 
1 31  ALA n 
1 32  GLU n 
1 33  GLU n 
1 34  VAL n 
1 35  THR n 
1 36  PHE n 
1 37  PRO n 
1 38  LEU n 
1 39  SER n 
1 40  ASP n 
1 41  GLN n 
1 42  GLU n 
1 43  ILE n 
1 44  ILE n 
1 45  LEU n 
1 46  GLY n 
1 47  GLU n 
1 48  LYS n 
1 49  MET n 
1 50  MET n 
1 51  GLN n 
1 52  PHE n 
1 53  LEU n 
1 54  LYS n 
1 55  HIS n 
1 56  SER n 
1 57  GLN n 
1 58  ASP n 
1 59  PRO n 
1 60  VAL n 
1 61  MET n 
1 62  ALA n 
1 63  GLU n 
1 64  LYS n 
1 65  MET n 
1 66  GLY n 
1 67  LEU n 
1 68  ARG n 
1 69  GLY n 
1 70  GLY n 
1 71  VAL n 
1 72  GLY n 
1 73  LEU n 
1 74  ALA n 
1 75  ALA n 
1 76  PRO n 
1 77  GLN n 
1 78  LEU n 
1 79  ASP n 
1 80  ILE n 
1 81  SER n 
1 82  LYS n 
1 83  ARG n 
1 84  ILE n 
1 85  ILE n 
1 86  ALA n 
1 87  VAL n 
1 88  LEU n 
1 89  VAL n 
1 90  PRO n 
1 91  ASN n 
1 92  ILE n 
1 93  VAL n 
1 94  GLU n 
1 95  GLU n 
1 96  GLY n 
1 97  GLU n 
1 98  THR n 
1 99  PRO n 
1 100 GLN n 
1 101 GLU n 
1 102 ALA n 
1 103 TYR n 
1 104 ASP n 
1 105 LEU n 
1 106 GLU n 
1 107 ALA n 
1 108 ILE n 
1 109 MET n 
1 110 TYR n 
1 111 ASN n 
1 112 PRO n 
1 113 LYS n 
1 114 ILE n 
1 115 VAL n 
1 116 SER n 
1 117 HIS n 
1 118 SER n 
1 119 VAL n 
1 120 GLN n 
1 121 ASP n 
1 122 ALA n 
1 123 ALA n 
1 124 LEU n 
1 125 GLY n 
1 126 GLU n 
1 127 GLY n 
1 128 GLU n 
1 129 GLY n 
1 130 CYS n 
1 131 LEU n 
1 132 SER n 
1 133 VAL n 
1 134 ASP n 
1 135 ARG n 
1 136 ASN n 
1 137 VAL n 
1 138 PRO n 
1 139 GLY n 
1 140 TYR n 
1 141 VAL n 
1 142 VAL n 
1 143 ARG n 
1 144 HIS n 
1 145 ALA n 
1 146 ARG n 
1 147 VAL n 
1 148 THR n 
1 149 VAL n 
1 150 ASP n 
1 151 TYR n 
1 152 PHE n 
1 153 ASP n 
1 154 LYS n 
1 155 ASP n 
1 156 GLY n 
1 157 GLU n 
1 158 LYS n 
1 159 HIS n 
1 160 ARG n 
1 161 ILE n 
1 162 LYS n 
1 163 LEU n 
1 164 LYS n 
1 165 GLY n 
1 166 TYR n 
1 167 ASN n 
1 168 SER n 
1 169 ILE n 
1 170 VAL n 
1 171 VAL n 
1 172 GLN n 
1 173 HIS n 
1 174 GLU n 
1 175 ILE n 
1 176 ASP n 
1 177 HIS n 
1 178 ILE n 
1 179 ASN n 
1 180 GLY n 
1 181 ILE n 
1 182 MET n 
1 183 PHE n 
1 184 TYR n 
1 185 ASP n 
1 186 ARG n 
1 187 ILE n 
1 188 ASN n 
1 189 GLU n 
1 190 LYS n 
1 191 ASP n 
1 192 PRO n 
1 193 PHE n 
1 194 ALA n 
1 195 VAL n 
1 196 LYS n 
1 197 ASP n 
1 198 GLY n 
1 199 LEU n 
1 200 LEU n 
1 201 ILE n 
1 202 LEU n 
1 203 GLU n 
# 
_entity_src_gen.entity_id                          1 
_entity_src_gen.pdbx_src_id                        1 
_entity_src_gen.pdbx_alt_source_flag               sample 
_entity_src_gen.pdbx_seq_type                      ? 
_entity_src_gen.pdbx_beg_seq_num                   ? 
_entity_src_gen.pdbx_end_seq_num                   ? 
_entity_src_gen.gene_src_common_name               ? 
_entity_src_gen.gene_src_genus                     Streptococcus 
_entity_src_gen.pdbx_gene_src_gene                 def 
_entity_src_gen.gene_src_species                   ? 
_entity_src_gen.gene_src_strain                    'ATCC BAA-255 R6' 
_entity_src_gen.gene_src_tissue                    ? 
_entity_src_gen.gene_src_tissue_fraction           ? 
_entity_src_gen.gene_src_details                   ? 
_entity_src_gen.pdbx_gene_src_fragment             ? 
_entity_src_gen.pdbx_gene_src_scientific_name      'Streptococcus pneumoniae' 
_entity_src_gen.pdbx_gene_src_ncbi_taxonomy_id     1313 
_entity_src_gen.pdbx_gene_src_variant              ? 
_entity_src_gen.pdbx_gene_src_cell_line            ? 
_entity_src_gen.pdbx_gene_src_atcc                 ? 
_entity_src_gen.pdbx_gene_src_organ                ? 
_entity_src_gen.pdbx_gene_src_organelle            ? 
_entity_src_gen.pdbx_gene_src_cell                 ? 
_entity_src_gen.pdbx_gene_src_cellular_location    ? 
_entity_src_gen.host_org_common_name               ? 
_entity_src_gen.pdbx_host_org_scientific_name      'Escherichia coli' 
_entity_src_gen.pdbx_host_org_ncbi_taxonomy_id     562 
_entity_src_gen.host_org_genus                     Escherichia 
_entity_src_gen.pdbx_host_org_gene                 ? 
_entity_src_gen.pdbx_host_org_organ                ? 
_entity_src_gen.host_org_species                   ? 
_entity_src_gen.pdbx_host_org_tissue               ? 
_entity_src_gen.pdbx_host_org_tissue_fraction      ? 
_entity_src_gen.pdbx_host_org_strain               ? 
_entity_src_gen.pdbx_host_org_variant              ? 
_entity_src_gen.pdbx_host_org_cell_line            ? 
_entity_src_gen.pdbx_host_org_atcc                 ? 
_entity_src_gen.pdbx_host_org_culture_collection   ? 
_entity_src_gen.pdbx_host_org_cell                 ? 
_entity_src_gen.pdbx_host_org_organelle            ? 
_entity_src_gen.pdbx_host_org_cellular_location    ? 
_entity_src_gen.pdbx_host_org_vector_type          ? 
_entity_src_gen.pdbx_host_org_vector               ? 
_entity_src_gen.host_org_details                   ? 
_entity_src_gen.expression_system_id               ? 
_entity_src_gen.plasmid_name                       ? 
_entity_src_gen.plasmid_details                    ? 
_entity_src_gen.pdbx_description                   ? 
# 
loop_
_chem_comp.id 
_chem_comp.type 
_chem_comp.mon_nstd_flag 
_chem_comp.name 
_chem_comp.pdbx_synonyms 
_chem_comp.formula 
_chem_comp.formula_weight 
ALA 'L-peptide linking' y ALANINE                                  ?         'C3 H7 N O2'     89.093  
ARG 'L-peptide linking' y ARGININE                                 ?         'C6 H15 N4 O2 1' 175.209 
ASN 'L-peptide linking' y ASPARAGINE                               ?         'C4 H8 N2 O3'    132.118 
ASP 'L-peptide linking' y 'ASPARTIC ACID'                          ?         'C4 H7 N O4'     133.103 
CYS 'L-peptide linking' y CYSTEINE                                 ?         'C3 H7 N O2 S'   121.158 
GLN 'L-peptide linking' y GLUTAMINE                                ?         'C5 H10 N2 O3'   146.144 
GLU 'L-peptide linking' y 'GLUTAMIC ACID'                          ?         'C5 H9 N O4'     147.129 
GLY 'peptide linking'   y GLYCINE                                  ?         'C2 H5 N O2'     75.067  
HIS 'L-peptide linking' y HISTIDINE                                ?         'C6 H10 N3 O2 1' 156.162 
HOH non-polymer         . WATER                                    ?         'H2 O'           18.015  
ILE 'L-peptide linking' y ISOLEUCINE                               ?         'C6 H13 N O2'    131.173 
LEU 'L-peptide linking' y LEUCINE                                  ?         'C6 H13 N O2'    131.173 
LYS 'L-peptide linking' y LYSINE                                   ?         'C6 H15 N2 O2 1' 147.195 
MET 'L-peptide linking' y METHIONINE                               ?         'C5 H11 N O2 S'  149.211 
NI  non-polymer         . 'NICKEL (II) ION'                        ?         'Ni 2'           58.693  
PHE 'L-peptide linking' y PHENYLALANINE                            ?         'C9 H11 N O2'    165.189 
PRO 'L-peptide linking' y PROLINE                                  ?         'C5 H9 N O2'     115.130 
SB7 non-polymer         . '[HYDROXY(3-PHENYLPROPYL)AMINO]METHANOL' SB-485345 'C10 H15 N O2'   181.232 
SER 'L-peptide linking' y SERINE                                   ?         'C3 H7 N O3'     105.093 
SO4 non-polymer         . 'SULFATE ION'                            ?         'O4 S -2'        96.063  
THR 'L-peptide linking' y THREONINE                                ?         'C4 H9 N O3'     119.119 
TYR 'L-peptide linking' y TYROSINE                                 ?         'C9 H11 N O3'    181.189 
VAL 'L-peptide linking' y VALINE                                   ?         'C5 H11 N O2'    117.146 
# 
loop_
_pdbx_poly_seq_scheme.asym_id 
_pdbx_poly_seq_scheme.entity_id 
_pdbx_poly_seq_scheme.seq_id 
_pdbx_poly_seq_scheme.mon_id 
_pdbx_poly_seq_scheme.ndb_seq_num 
_pdbx_poly_seq_scheme.pdb_seq_num 
_pdbx_poly_seq_scheme.auth_seq_num 
_pdbx_poly_seq_scheme.pdb_mon_id 
_pdbx_poly_seq_scheme.auth_mon_id 
_pdbx_poly_seq_scheme.pdb_strand_id 
_pdbx_poly_seq_scheme.pdb_ins_code 
_pdbx_poly_seq_scheme.hetero 
A 1 1   MET 1   0   ?   ?   ?   A . n 
A 1 2   SER 2   1   1   SER SER A . n 
A 1 3   ALA 3   2   2   ALA ALA A . n 
A 1 4   ILE 4   3   3   ILE ILE A . n 
A 1 5   GLU 5   4   4   GLU GLU A . n 
A 1 6   ARG 6   5   5   ARG ARG A . n 
A 1 7   ILE 7   6   6   ILE ILE A . n 
A 1 8   SER 8   7   7   SER SER A . n 
A 1 9   LYS 9   8   8   LYS LYS A . n 
A 1 10  ALA 10  9   9   ALA ALA A . n 
A 1 11  ALA 11  10  10  ALA ALA A . n 
A 1 12  HIS 12  11  11  HIS HIS A . n 
A 1 13  LEU 13  12  12  LEU LEU A . n 
A 1 14  ILE 14  13  13  ILE ILE A . n 
A 1 15  ASP 15  14  14  ASP ASP A . n 
A 1 16  MET 16  15  15  MET MET A . n 
A 1 17  CYS 17  16  16  CYS CYS A . n 
A 1 18  ASP 18  17  17  ASP ASP A . n 
A 1 19  ILE 19  18  18  ILE ILE A . n 
A 1 20  ILE 20  19  19  ILE ILE A . n 
A 1 21  ARG 21  20  20  ARG ARG A . n 
A 1 22  GLU 22  21  21  GLU GLU A . n 
A 1 23  GLY 23  22  22  GLY GLY A . n 
A 1 24  ASN 24  23  23  ASN ASN A . n 
A 1 25  PRO 25  24  24  PRO PRO A . n 
A 1 26  SER 26  25  25  SER SER A . n 
A 1 27  LEU 27  26  26  LEU LEU A . n 
A 1 28  ARG 28  27  27  ARG ARG A . n 
A 1 29  THR 29  28  28  THR THR A . n 
A 1 30  VAL 30  29  29  VAL VAL A . n 
A 1 31  ALA 31  30  30  ALA ALA A . n 
A 1 32  GLU 32  31  31  GLU GLU A . n 
A 1 33  GLU 33  32  32  GLU GLU A . n 
A 1 34  VAL 34  33  33  VAL VAL A . n 
A 1 35  THR 35  34  34  THR THR A . n 
A 1 36  PHE 36  35  35  PHE PHE A . n 
A 1 37  PRO 37  36  36  PRO PRO A . n 
A 1 38  LEU 38  37  37  LEU LEU A . n 
A 1 39  SER 39  38  38  SER SER A . n 
A 1 40  ASP 40  39  39  ASP ASP A . n 
A 1 41  GLN 41  40  40  GLN GLN A . n 
A 1 42  GLU 42  41  41  GLU GLU A . n 
A 1 43  ILE 43  42  42  ILE ILE A . n 
A 1 44  ILE 44  43  43  ILE ILE A . n 
A 1 45  LEU 45  44  44  LEU LEU A . n 
A 1 46  GLY 46  45  45  GLY GLY A . n 
A 1 47  GLU 47  46  46  GLU GLU A . n 
A 1 48  LYS 48  47  47  LYS LYS A . n 
A 1 49  MET 49  48  48  MET MET A . n 
A 1 50  MET 50  49  49  MET MET A . n 
A 1 51  GLN 51  50  50  GLN GLN A . n 
A 1 52  PHE 52  51  51  PHE PHE A . n 
A 1 53  LEU 53  52  52  LEU LEU A . n 
A 1 54  LYS 54  53  53  LYS LYS A . n 
A 1 55  HIS 55  54  54  HIS HIS A . n 
A 1 56  SER 56  55  55  SER SER A . n 
A 1 57  GLN 57  56  56  GLN GLN A . n 
A 1 58  ASP 58  57  57  ASP ASP A . n 
A 1 59  PRO 59  58  58  PRO PRO A . n 
A 1 60  VAL 60  59  59  VAL VAL A . n 
A 1 61  MET 61  60  60  MET MET A . n 
A 1 62  ALA 62  61  61  ALA ALA A . n 
A 1 63  GLU 63  62  62  GLU GLU A . n 
A 1 64  LYS 64  63  63  LYS LYS A . n 
A 1 65  MET 65  64  64  MET MET A . n 
A 1 66  GLY 66  65  65  GLY GLY A . n 
A 1 67  LEU 67  66  66  LEU LEU A . n 
A 1 68  ARG 68  67  67  ARG ARG A . n 
A 1 69  GLY 69  68  68  GLY GLY A . n 
A 1 70  GLY 70  69  69  GLY GLY A . n 
A 1 71  VAL 71  70  70  VAL VAL A . n 
A 1 72  GLY 72  71  71  GLY GLY A . n 
A 1 73  LEU 73  72  72  LEU LEU A . n 
A 1 74  ALA 74  73  73  ALA ALA A . n 
A 1 75  ALA 75  74  74  ALA ALA A . n 
A 1 76  PRO 76  75  75  PRO PRO A . n 
A 1 77  GLN 77  76  76  GLN GLN A . n 
A 1 78  LEU 78  77  77  LEU LEU A . n 
A 1 79  ASP 79  78  78  ASP ASP A . n 
A 1 80  ILE 80  79  79  ILE ILE A . n 
A 1 81  SER 81  80  80  SER SER A . n 
A 1 82  LYS 82  81  81  LYS LYS A . n 
A 1 83  ARG 83  82  82  ARG ARG A . n 
A 1 84  ILE 84  83  83  ILE ILE A . n 
A 1 85  ILE 85  84  84  ILE ILE A . n 
A 1 86  ALA 86  85  85  ALA ALA A . n 
A 1 87  VAL 87  86  86  VAL VAL A . n 
A 1 88  LEU 88  87  87  LEU LEU A . n 
A 1 89  VAL 89  88  88  VAL VAL A . n 
A 1 90  PRO 90  89  89  PRO PRO A . n 
A 1 91  ASN 91  90  90  ASN ASN A . n 
A 1 92  ILE 92  91  91  ILE ILE A . n 
A 1 93  VAL 93  92  ?   ?   ?   A . n 
A 1 94  GLU 94  93  ?   ?   ?   A . n 
A 1 95  GLU 95  94  ?   ?   ?   A . n 
A 1 96  GLY 96  95  ?   ?   ?   A . n 
A 1 97  GLU 97  96  ?   ?   ?   A . n 
A 1 98  THR 98  97  ?   ?   ?   A . n 
A 1 99  PRO 99  98  ?   ?   ?   A . n 
A 1 100 GLN 100 99  ?   ?   ?   A . n 
A 1 101 GLU 101 100 100 GLU GLU A . n 
A 1 102 ALA 102 101 101 ALA ALA A . n 
A 1 103 TYR 103 102 102 TYR TYR A . n 
A 1 104 ASP 104 103 103 ASP ASP A . n 
A 1 105 LEU 105 104 104 LEU LEU A . n 
A 1 106 GLU 106 105 105 GLU GLU A . n 
A 1 107 ALA 107 106 106 ALA ALA A . n 
A 1 108 ILE 108 107 107 ILE ILE A . n 
A 1 109 MET 109 108 108 MET MET A . n 
A 1 110 TYR 110 109 109 TYR TYR A . n 
A 1 111 ASN 111 110 110 ASN ASN A . n 
A 1 112 PRO 112 111 111 PRO PRO A . n 
A 1 113 LYS 113 112 112 LYS LYS A . n 
A 1 114 ILE 114 113 113 ILE ILE A . n 
A 1 115 VAL 115 114 114 VAL VAL A . n 
A 1 116 SER 116 115 115 SER SER A . n 
A 1 117 HIS 117 116 116 HIS HIS A . n 
A 1 118 SER 118 117 117 SER SER A . n 
A 1 119 VAL 119 118 118 VAL VAL A . n 
A 1 120 GLN 120 119 119 GLN GLN A . n 
A 1 121 ASP 121 120 120 ASP ASP A . n 
A 1 122 ALA 122 121 121 ALA ALA A . n 
A 1 123 ALA 123 122 122 ALA ALA A . n 
A 1 124 LEU 124 123 123 LEU LEU A . n 
A 1 125 GLY 125 124 124 GLY GLY A . n 
A 1 126 GLU 126 125 125 GLU GLU A . n 
A 1 127 GLY 127 126 126 GLY GLY A . n 
A 1 128 GLU 128 128 128 GLU GLU A . n 
A 1 129 GLY 129 129 129 GLY GLY A . n 
A 1 130 CYS 130 130 130 CYS CYS A . n 
A 1 131 LEU 131 131 131 LEU LEU A . n 
A 1 132 SER 132 132 132 SER SER A . n 
A 1 133 VAL 133 133 133 VAL VAL A . n 
A 1 134 ASP 134 134 134 ASP ASP A . n 
A 1 135 ARG 135 135 135 ARG ARG A . n 
A 1 136 ASN 136 136 136 ASN ASN A . n 
A 1 137 VAL 137 137 137 VAL VAL A . n 
A 1 138 PRO 138 138 138 PRO PRO A . n 
A 1 139 GLY 139 139 139 GLY GLY A . n 
A 1 140 TYR 140 140 140 TYR TYR A . n 
A 1 141 VAL 141 141 141 VAL VAL A . n 
A 1 142 VAL 142 142 142 VAL VAL A . n 
A 1 143 ARG 143 143 143 ARG ARG A . n 
A 1 144 HIS 144 144 144 HIS HIS A . n 
A 1 145 ALA 145 145 145 ALA ALA A . n 
A 1 146 ARG 146 146 146 ARG ARG A . n 
A 1 147 VAL 147 147 147 VAL VAL A . n 
A 1 148 THR 148 148 148 THR THR A . n 
A 1 149 VAL 149 149 149 VAL VAL A . n 
A 1 150 ASP 150 150 150 ASP ASP A . n 
A 1 151 TYR 151 151 151 TYR TYR A . n 
A 1 152 PHE 152 152 152 PHE PHE A . n 
A 1 153 ASP 153 153 153 ASP ASP A . n 
A 1 154 LYS 154 154 154 LYS LYS A . n 
A 1 155 ASP 155 155 155 ASP ASP A . n 
A 1 156 GLY 156 156 156 GLY GLY A . n 
A 1 157 GLU 157 157 157 GLU GLU A . n 
A 1 158 LYS 158 158 158 LYS LYS A . n 
A 1 159 HIS 159 159 159 HIS HIS A . n 
A 1 160 ARG 160 160 160 ARG ARG A . n 
A 1 161 ILE 161 161 161 ILE ILE A . n 
A 1 162 LYS 162 162 162 LYS LYS A . n 
A 1 163 LEU 163 163 163 LEU LEU A . n 
A 1 164 LYS 164 164 164 LYS LYS A . n 
A 1 165 GLY 165 165 165 GLY GLY A . n 
A 1 166 TYR 166 166 166 TYR TYR A . n 
A 1 167 ASN 167 167 167 ASN ASN A . n 
A 1 168 SER 168 168 168 SER SER A . n 
A 1 169 ILE 169 169 169 ILE ILE A . n 
A 1 170 VAL 170 170 170 VAL VAL A . n 
A 1 171 VAL 171 171 171 VAL VAL A . n 
A 1 172 GLN 172 172 172 GLN GLN A . n 
A 1 173 HIS 173 173 173 HIS HIS A . n 
A 1 174 GLU 174 174 174 GLU GLU A . n 
A 1 175 ILE 175 175 175 ILE ILE A . n 
A 1 176 ASP 176 176 176 ASP ASP A . n 
A 1 177 HIS 177 177 177 HIS HIS A . n 
A 1 178 ILE 178 178 178 ILE ILE A . n 
A 1 179 ASN 179 179 179 ASN ASN A . n 
A 1 180 GLY 180 180 180 GLY GLY A . n 
A 1 181 ILE 181 181 181 ILE ILE A . n 
A 1 182 MET 182 182 182 MET MET A . n 
A 1 183 PHE 183 183 183 PHE PHE A . n 
A 1 184 TYR 184 184 184 TYR TYR A . n 
A 1 185 ASP 185 185 185 ASP ASP A . n 
A 1 186 ARG 186 186 186 ARG ARG A . n 
A 1 187 ILE 187 187 187 ILE ILE A . n 
A 1 188 ASN 188 188 188 ASN ASN A . n 
A 1 189 GLU 189 189 189 GLU GLU A . n 
A 1 190 LYS 190 190 190 LYS LYS A . n 
A 1 191 ASP 191 191 191 ASP ASP A . n 
A 1 192 PRO 192 192 192 PRO PRO A . n 
A 1 193 PHE 193 193 193 PHE PHE A . n 
A 1 194 ALA 194 194 194 ALA ALA A . n 
A 1 195 VAL 195 195 195 VAL VAL A . n 
A 1 196 LYS 196 196 196 LYS LYS A . n 
A 1 197 ASP 197 197 197 ASP ASP A . n 
A 1 198 GLY 198 198 198 GLY GLY A . n 
A 1 199 LEU 199 199 199 LEU LEU A . n 
A 1 200 LEU 200 200 200 LEU LEU A . n 
A 1 201 ILE 201 201 201 ILE ILE A . n 
A 1 202 LEU 202 202 202 LEU LEU A . n 
A 1 203 GLU 203 203 203 GLU GLU A . n 
# 
loop_
_pdbx_nonpoly_scheme.asym_id 
_pdbx_nonpoly_scheme.entity_id 
_pdbx_nonpoly_scheme.mon_id 
_pdbx_nonpoly_scheme.ndb_seq_num 
_pdbx_nonpoly_scheme.pdb_seq_num 
_pdbx_nonpoly_scheme.auth_seq_num 
_pdbx_nonpoly_scheme.pdb_mon_id 
_pdbx_nonpoly_scheme.auth_mon_id 
_pdbx_nonpoly_scheme.pdb_strand_id 
_pdbx_nonpoly_scheme.pdb_ins_code 
B 2 NI  1   301  301  NI  NI  A . 
C 3 SO4 1   3001 3001 SO4 SO4 A . 
D 4 SB7 1   300  300  SB7 SB7 A . 
E 5 HOH 1   3002 1    HOH TIP A . 
E 5 HOH 2   3003 2    HOH TIP A . 
E 5 HOH 3   3004 3    HOH TIP A . 
E 5 HOH 4   3005 4    HOH TIP A . 
E 5 HOH 5   3006 5    HOH TIP A . 
E 5 HOH 6   3007 6    HOH TIP A . 
E 5 HOH 7   3008 7    HOH TIP A . 
E 5 HOH 8   3009 8    HOH TIP A . 
E 5 HOH 9   3010 9    HOH TIP A . 
E 5 HOH 10  3011 10   HOH TIP A . 
E 5 HOH 11  3012 11   HOH TIP A . 
E 5 HOH 12  3013 12   HOH TIP A . 
E 5 HOH 13  3014 13   HOH TIP A . 
E 5 HOH 14  3015 14   HOH TIP A . 
E 5 HOH 15  3016 15   HOH TIP A . 
E 5 HOH 16  3017 16   HOH TIP A . 
E 5 HOH 17  3018 17   HOH TIP A . 
E 5 HOH 18  3019 18   HOH TIP A . 
E 5 HOH 19  3020 19   HOH TIP A . 
E 5 HOH 20  3021 20   HOH TIP A . 
E 5 HOH 21  3022 21   HOH TIP A . 
E 5 HOH 22  3023 22   HOH TIP A . 
E 5 HOH 23  3024 23   HOH TIP A . 
E 5 HOH 24  3025 24   HOH TIP A . 
E 5 HOH 25  3026 25   HOH TIP A . 
E 5 HOH 26  3027 26   HOH TIP A . 
E 5 HOH 27  3028 27   HOH TIP A . 
E 5 HOH 28  3029 28   HOH TIP A . 
E 5 HOH 29  3030 29   HOH TIP A . 
E 5 HOH 30  3031 30   HOH TIP A . 
E 5 HOH 31  3032 31   HOH TIP A . 
E 5 HOH 32  3033 32   HOH TIP A . 
E 5 HOH 33  3034 33   HOH TIP A . 
E 5 HOH 34  3035 34   HOH TIP A . 
E 5 HOH 35  3036 35   HOH TIP A . 
E 5 HOH 36  3037 36   HOH TIP A . 
E 5 HOH 37  3038 37   HOH TIP A . 
E 5 HOH 38  3039 38   HOH TIP A . 
E 5 HOH 39  3040 39   HOH TIP A . 
E 5 HOH 40  3041 40   HOH TIP A . 
E 5 HOH 41  3042 41   HOH TIP A . 
E 5 HOH 42  3043 42   HOH TIP A . 
E 5 HOH 43  3044 43   HOH TIP A . 
E 5 HOH 44  3045 44   HOH TIP A . 
E 5 HOH 45  3046 45   HOH TIP A . 
E 5 HOH 46  3047 46   HOH TIP A . 
E 5 HOH 47  3048 47   HOH TIP A . 
E 5 HOH 48  3049 48   HOH TIP A . 
E 5 HOH 49  3050 49   HOH TIP A . 
E 5 HOH 50  3051 50   HOH TIP A . 
E 5 HOH 51  3052 51   HOH TIP A . 
E 5 HOH 52  3053 52   HOH TIP A . 
E 5 HOH 53  3054 53   HOH TIP A . 
E 5 HOH 54  3055 54   HOH TIP A . 
E 5 HOH 55  3056 55   HOH TIP A . 
E 5 HOH 56  3057 56   HOH TIP A . 
E 5 HOH 57  3058 57   HOH TIP A . 
E 5 HOH 58  3059 58   HOH TIP A . 
E 5 HOH 59  3060 59   HOH TIP A . 
E 5 HOH 60  3061 60   HOH TIP A . 
E 5 HOH 61  3062 61   HOH TIP A . 
E 5 HOH 62  3063 62   HOH TIP A . 
E 5 HOH 63  3064 63   HOH TIP A . 
E 5 HOH 64  3065 64   HOH TIP A . 
E 5 HOH 65  3066 65   HOH TIP A . 
E 5 HOH 66  3067 66   HOH TIP A . 
E 5 HOH 67  3068 67   HOH TIP A . 
E 5 HOH 68  3069 68   HOH TIP A . 
E 5 HOH 69  3070 69   HOH TIP A . 
E 5 HOH 70  3071 70   HOH TIP A . 
E 5 HOH 71  3072 71   HOH TIP A . 
E 5 HOH 72  3073 72   HOH TIP A . 
E 5 HOH 73  3074 73   HOH TIP A . 
E 5 HOH 74  3075 74   HOH TIP A . 
E 5 HOH 75  3076 75   HOH TIP A . 
E 5 HOH 76  3077 76   HOH TIP A . 
E 5 HOH 77  3078 77   HOH TIP A . 
E 5 HOH 78  3079 78   HOH TIP A . 
E 5 HOH 79  3080 79   HOH TIP A . 
E 5 HOH 80  3081 80   HOH TIP A . 
E 5 HOH 81  3082 81   HOH TIP A . 
E 5 HOH 82  3083 82   HOH TIP A . 
E 5 HOH 83  3084 83   HOH TIP A . 
E 5 HOH 84  3085 84   HOH TIP A . 
E 5 HOH 85  3086 85   HOH TIP A . 
E 5 HOH 86  3087 86   HOH TIP A . 
E 5 HOH 87  3088 87   HOH TIP A . 
E 5 HOH 88  3089 88   HOH TIP A . 
E 5 HOH 89  3090 89   HOH TIP A . 
E 5 HOH 90  3091 90   HOH TIP A . 
E 5 HOH 91  3092 91   HOH TIP A . 
E 5 HOH 92  3093 92   HOH TIP A . 
E 5 HOH 93  3094 93   HOH TIP A . 
E 5 HOH 94  3095 94   HOH TIP A . 
E 5 HOH 95  3096 95   HOH TIP A . 
E 5 HOH 96  3097 96   HOH TIP A . 
E 5 HOH 97  3098 97   HOH TIP A . 
E 5 HOH 98  3099 98   HOH TIP A . 
E 5 HOH 99  3100 99   HOH TIP A . 
E 5 HOH 100 3101 100  HOH TIP A . 
E 5 HOH 101 3102 101  HOH TIP A . 
E 5 HOH 102 3103 102  HOH TIP A . 
E 5 HOH 103 3104 103  HOH TIP A . 
E 5 HOH 104 3105 104  HOH TIP A . 
E 5 HOH 105 3106 105  HOH TIP A . 
E 5 HOH 106 3107 106  HOH TIP A . 
E 5 HOH 107 3108 107  HOH TIP A . 
E 5 HOH 108 3109 108  HOH TIP A . 
E 5 HOH 109 3110 109  HOH TIP A . 
E 5 HOH 110 3111 110  HOH TIP A . 
E 5 HOH 111 3112 111  HOH TIP A . 
E 5 HOH 112 3113 112  HOH TIP A . 
E 5 HOH 113 3114 113  HOH TIP A . 
E 5 HOH 114 3115 114  HOH TIP A . 
E 5 HOH 115 3116 115  HOH TIP A . 
E 5 HOH 116 3117 116  HOH TIP A . 
E 5 HOH 117 3118 117  HOH TIP A . 
E 5 HOH 118 3119 118  HOH TIP A . 
E 5 HOH 119 3120 119  HOH TIP A . 
E 5 HOH 120 3121 120  HOH TIP A . 
E 5 HOH 121 3122 121  HOH TIP A . 
E 5 HOH 122 3123 122  HOH TIP A . 
E 5 HOH 123 3124 123  HOH TIP A . 
E 5 HOH 124 3125 124  HOH TIP A . 
E 5 HOH 125 3126 125  HOH TIP A . 
E 5 HOH 126 3127 126  HOH TIP A . 
E 5 HOH 127 3128 127  HOH TIP A . 
E 5 HOH 128 3129 128  HOH TIP A . 
E 5 HOH 129 3130 129  HOH TIP A . 
E 5 HOH 130 3131 130  HOH TIP A . 
E 5 HOH 131 3132 131  HOH TIP A . 
E 5 HOH 132 3133 132  HOH TIP A . 
E 5 HOH 133 3134 133  HOH TIP A . 
E 5 HOH 134 3135 134  HOH TIP A . 
E 5 HOH 135 3136 135  HOH TIP A . 
E 5 HOH 136 3137 136  HOH TIP A . 
E 5 HOH 137 3138 137  HOH TIP A . 
# 
loop_
_software.name 
_software.version 
_software.date 
_software.type 
_software.contact_author 
_software.contact_author_email 
_software.classification 
_software.location 
_software.language 
_software.citation_id 
_software.pdbx_ordinal 
CNS         .     ?               package 'Axel T. Brunger' axel.brunger@yale.edu    refinement        
http://cns.csb.yale.edu/v1.1/    Fortran_77 ? 1 
PDB_EXTRACT 1.700 'May. 30, 2005' package PDB               sw-help@rcsb.rutgers.edu 'data extraction' 
http://pdb.rutgers.edu/software/ C++        ? 2 
# 
_cell.length_a           49.889 
_cell.length_b           49.889 
_cell.length_c           91.565 
_cell.angle_alpha        90.00 
_cell.angle_beta         90.00 
_cell.angle_gamma        90.00 
_cell.entry_id           2AI7 
_cell.pdbx_unique_axis   ? 
_cell.Z_PDB              4 
# 
_symmetry.space_group_name_H-M             'P 43' 
_symmetry.entry_id                         2AI7 
_symmetry.pdbx_full_space_group_name_H-M   ? 
_symmetry.Int_Tables_number                78 
_symmetry.cell_setting                     ? 
_symmetry.space_group_name_Hall            ? 
# 
_exptl.entry_id          2AI7 
_exptl.crystals_number   1 
_exptl.method            'X-RAY DIFFRACTION' 
# 
_exptl_crystal.id                    1 
_exptl_crystal.density_percent_sol   60.6 
_exptl_crystal.density_Matthews      3.1 
_exptl_crystal.density_meas          ? 
_exptl_crystal.description           ? 
_exptl_crystal.F_000                 ? 
_exptl_crystal.preparation           ? 
# 
_diffrn.id                     1 
_diffrn.ambient_temp           ? 
_diffrn.ambient_temp_details   ? 
_diffrn.crystal_id             1 
# 
_diffrn_radiation.diffrn_id                        1 
_diffrn_radiation.pdbx_diffrn_protocol             MAD 
_diffrn_radiation.wavelength_id                    1 
_diffrn_radiation.monochromator                    ? 
_diffrn_radiation.pdbx_monochromatic_or_laue_m_l   M 
_diffrn_radiation.pdbx_scattering_type             x-ray 
# 
_diffrn_radiation_wavelength.id           1 
_diffrn_radiation_wavelength.wavelength   . 
_diffrn_radiation_wavelength.wt           1.0 
# 
_reflns.entry_id                     2AI7 
_reflns.observed_criterion_sigma_F   ? 
_reflns.observed_criterion_sigma_I   ? 
_reflns.d_resolution_high            2.0 
_reflns.d_resolution_low             20.0 
_reflns.number_all                   17182 
_reflns.number_obs                   17182 
_reflns.percent_possible_obs         98.6 
_reflns.pdbx_Rmerge_I_obs            ? 
_reflns.pdbx_Rsym_value              0.056 
_reflns.pdbx_netI_over_sigmaI        20.9 
_reflns.B_iso_Wilson_estimate        ? 
_reflns.pdbx_redundancy              3.5 
_reflns.R_free_details               ? 
_reflns.limit_h_max                  ? 
_reflns.limit_h_min                  ? 
_reflns.limit_k_max                  ? 
_reflns.limit_k_min                  ? 
_reflns.limit_l_max                  ? 
_reflns.limit_l_min                  ? 
_reflns.observed_criterion_F_max     ? 
_reflns.observed_criterion_F_min     ? 
_reflns.pdbx_chi_squared             ? 
_reflns.pdbx_scaling_rejects         ? 
_reflns.pdbx_diffrn_id               1 
_reflns.pdbx_ordinal                 1 
# 
_reflns_shell.d_res_high             2.0 
_reflns_shell.d_res_low              2.05 
_reflns_shell.percent_possible_obs   ? 
_reflns_shell.percent_possible_all   98.3 
_reflns_shell.Rmerge_I_obs           ? 
_reflns_shell.meanI_over_sigI_obs    2.5 
_reflns_shell.pdbx_Rsym_value        0.228 
_reflns_shell.pdbx_redundancy        ? 
_reflns_shell.number_unique_all      ? 
_reflns_shell.number_measured_all    ? 
_reflns_shell.number_measured_obs    ? 
_reflns_shell.number_unique_obs      ? 
_reflns_shell.pdbx_chi_squared       ? 
_reflns_shell.pdbx_diffrn_id         ? 
_reflns_shell.pdbx_ordinal           1 
# 
_refine.ls_d_res_high                            2.000 
_refine.ls_d_res_low                             20.000 
_refine.pdbx_ls_sigma_F                          0.00 
_refine.ls_percent_reflns_obs                    99.400 
_refine.ls_number_reflns_obs                     15032 
_refine.ls_R_factor_R_work                       0.22 
_refine.ls_R_factor_R_free                       0.263 
_refine.ls_percent_reflns_R_free                 10.100 
_refine.ls_number_reflns_R_free                  1521 
_refine.B_iso_mean                               29.697 
_refine.solvent_model_param_bsol                 66.726 
_refine.aniso_B[1][1]                            -4.741 
_refine.aniso_B[2][2]                            -4.741 
_refine.aniso_B[3][3]                            9.483 
_refine.aniso_B[1][2]                            0.000 
_refine.aniso_B[1][3]                            0.000 
_refine.aniso_B[2][3]                            0.000 
_refine.entry_id                                 2AI7 
_refine.pdbx_ls_sigma_I                          ? 
_refine.ls_number_reflns_all                     15032 
_refine.ls_R_factor_all                          ? 
_refine.ls_R_factor_obs                          ? 
_refine.ls_redundancy_reflns_obs                 15032 
_refine.pdbx_data_cutoff_high_absF               ? 
_refine.pdbx_data_cutoff_low_absF                ? 
_refine.ls_number_parameters                     ? 
_refine.ls_number_restraints                     ? 
_refine.ls_R_factor_R_free_error                 ? 
_refine.ls_R_factor_R_free_error_details         ? 
_refine.pdbx_method_to_determine_struct          MAD 
_refine.pdbx_starting_model                      ? 
_refine.pdbx_ls_cross_valid_method               ? 
_refine.pdbx_R_Free_selection_details            ? 
_refine.pdbx_stereochem_target_val_spec_case     ? 
_refine.pdbx_stereochemistry_target_values       ? 
_refine.solvent_model_details                    ? 
_refine.solvent_model_param_ksol                 ? 
_refine.occupancy_max                            ? 
_refine.occupancy_min                            ? 
_refine.pdbx_isotropic_thermal_model             ? 
_refine.details                                  ? 
_refine.B_iso_min                                ? 
_refine.B_iso_max                                ? 
_refine.correlation_coeff_Fo_to_Fc               ? 
_refine.correlation_coeff_Fo_to_Fc_free          ? 
_refine.pdbx_solvent_vdw_probe_radii             ? 
_refine.pdbx_solvent_ion_probe_radii             ? 
_refine.pdbx_solvent_shrinkage_radii             ? 
_refine.overall_SU_R_Cruickshank_DPI             ? 
_refine.overall_SU_R_free                        ? 
_refine.overall_SU_ML                            ? 
_refine.overall_SU_B                             ? 
_refine.pdbx_overall_ESU_R_Free                  ? 
_refine.pdbx_data_cutoff_high_rms_absF           ? 
_refine.pdbx_overall_ESU_R                       ? 
_refine.ls_wR_factor_R_free                      ? 
_refine.ls_wR_factor_R_work                      ? 
_refine.overall_FOM_free_R_set                   ? 
_refine.overall_FOM_work_R_set                   ? 
_refine.pdbx_refine_id                           'X-RAY DIFFRACTION' 
_refine.pdbx_diffrn_id                           1 
_refine.pdbx_TLS_residual_ADP_flag               ? 
_refine.pdbx_overall_phase_error                 ? 
_refine.pdbx_overall_SU_R_free_Cruickshank_DPI   ? 
_refine.pdbx_overall_SU_R_Blow_DPI               ? 
_refine.pdbx_overall_SU_R_free_Blow_DPI          ? 
# 
_refine_hist.pdbx_refine_id                   'X-RAY DIFFRACTION' 
_refine_hist.cycle_id                         LAST 
_refine_hist.pdbx_number_atoms_protein        1519 
_refine_hist.pdbx_number_atoms_nucleic_acid   0 
_refine_hist.pdbx_number_atoms_ligand         19 
_refine_hist.number_atoms_solvent             137 
_refine_hist.number_atoms_total               1675 
_refine_hist.d_res_high                       2.000 
_refine_hist.d_res_low                        20.000 
# 
loop_
_pdbx_xplor_file.serial_no 
_pdbx_xplor_file.param_file 
_pdbx_xplor_file.topol_file 
_pdbx_xplor_file.pdbx_refine_id 
1 CNS_TOPPAR:protein_rep.param ? 'X-RAY DIFFRACTION' 
2 ion.param                    ? 'X-RAY DIFFRACTION' 
3 CNS_TOPPAR:water.param       ? 'X-RAY DIFFRACTION' 
4 PEG_mod.param                ? 'X-RAY DIFFRACTION' 
5 sb4.par                      ? 'X-RAY DIFFRACTION' 
# 
_struct.entry_id                  2AI7 
_struct.title                     'S.pneumoniae Polypeptide Deformylase complexed with SB-485345' 
_struct.pdbx_model_details        ? 
_struct.pdbx_CASP_flag            ? 
_struct.pdbx_model_type_details   ? 
# 
_struct_keywords.entry_id        2AI7 
_struct_keywords.pdbx_keywords   HYDROLASE 
_struct_keywords.text            Hydrolase 
# 
loop_
_struct_asym.id 
_struct_asym.pdbx_blank_PDB_chainid_flag 
_struct_asym.pdbx_modified 
_struct_asym.entity_id 
_struct_asym.details 
A N N 1 ? 
B N N 2 ? 
C N N 3 ? 
D N N 4 ? 
E N N 5 ? 
# 
_struct_ref.id                         1 
_struct_ref.db_name                    UNP 
_struct_ref.db_code                    DEF_STRR6 
_struct_ref.pdbx_db_accession          Q8DP79 
_struct_ref.entity_id                  1 
_struct_ref.pdbx_seq_one_letter_code   
;MSAIERITKAAHLIDMNDIIREGNPTLRTVAEEVTFPLSDQEIILGEKMMQFLKHSQDPVMAEKMGLRGGVGLAAPQLDI
SKRIIAVLVPNIVEEGETPQEAYDLEAIMYNPKIVSHSVQDAALGEGEGCLSVDRNVPGYVVRHARVTVDYFDKDGEKHR
IKLKGYNSIVVQHEIDHINGIMFYDRINEKDPFAVKDGLLILE
;
_struct_ref.pdbx_align_begin           0 
_struct_ref.pdbx_db_isoform            ? 
# 
_struct_ref_seq.align_id                      1 
_struct_ref_seq.ref_id                        1 
_struct_ref_seq.pdbx_PDB_id_code              2AI7 
_struct_ref_seq.pdbx_strand_id                A 
_struct_ref_seq.seq_align_beg                 1 
_struct_ref_seq.pdbx_seq_align_beg_ins_code   ? 
_struct_ref_seq.seq_align_end                 202 
_struct_ref_seq.pdbx_seq_align_end_ins_code   ? 
_struct_ref_seq.pdbx_db_accession             Q8DP79 
_struct_ref_seq.db_align_beg                  0 
_struct_ref_seq.pdbx_db_align_beg_ins_code    ? 
_struct_ref_seq.db_align_end                  202 
_struct_ref_seq.pdbx_db_align_end_ins_code    ? 
_struct_ref_seq.pdbx_auth_seq_align_beg       0 
_struct_ref_seq.pdbx_auth_seq_align_end       202 
# 
loop_
_struct_ref_seq_dif.align_id 
_struct_ref_seq_dif.pdbx_pdb_id_code 
_struct_ref_seq_dif.mon_id 
_struct_ref_seq_dif.pdbx_pdb_strand_id 
_struct_ref_seq_dif.seq_num 
_struct_ref_seq_dif.pdbx_pdb_ins_code 
_struct_ref_seq_dif.pdbx_seq_db_name 
_struct_ref_seq_dif.pdbx_seq_db_accession_code 
_struct_ref_seq_dif.db_mon_id 
_struct_ref_seq_dif.pdbx_seq_db_seq_num 
_struct_ref_seq_dif.details 
_struct_ref_seq_dif.pdbx_auth_seq_num 
_struct_ref_seq_dif.pdbx_ordinal 
1 2AI7 SER A 8  ? UNP Q8DP79 THR 7  conflict 7  1 
1 2AI7 CYS A 17 ? UNP Q8DP79 ASN 16 conflict 16 2 
1 2AI7 SER A 26 ? UNP Q8DP79 THR 25 conflict 25 3 
# 
_pdbx_struct_assembly.id                   1 
_pdbx_struct_assembly.details              author_defined_assembly 
_pdbx_struct_assembly.method_details       ? 
_pdbx_struct_assembly.oligomeric_details   monomeric 
_pdbx_struct_assembly.oligomeric_count     1 
# 
_pdbx_struct_assembly_gen.assembly_id       1 
_pdbx_struct_assembly_gen.oper_expression   1 
_pdbx_struct_assembly_gen.asym_id_list      A,B,C,D,E 
# 
_pdbx_struct_oper_list.id                   1 
_pdbx_struct_oper_list.type                 'identity operation' 
_pdbx_struct_oper_list.name                 1_555 
_pdbx_struct_oper_list.symmetry_operation   x,y,z 
_pdbx_struct_oper_list.matrix[1][1]         1.0000000000 
_pdbx_struct_oper_list.matrix[1][2]         0.0000000000 
_pdbx_struct_oper_list.matrix[1][3]         0.0000000000 
_pdbx_struct_oper_list.vector[1]            0.0000000000 
_pdbx_struct_oper_list.matrix[2][1]         0.0000000000 
_pdbx_struct_oper_list.matrix[2][2]         1.0000000000 
_pdbx_struct_oper_list.matrix[2][3]         0.0000000000 
_pdbx_struct_oper_list.vector[2]            0.0000000000 
_pdbx_struct_oper_list.matrix[3][1]         0.0000000000 
_pdbx_struct_oper_list.matrix[3][2]         0.0000000000 
_pdbx_struct_oper_list.matrix[3][3]         1.0000000000 
_pdbx_struct_oper_list.vector[3]            0.0000000000 
# 
_struct_biol.id                    1 
_struct_biol.pdbx_parent_biol_id   ? 
_struct_biol.details               ? 
# 
loop_
_struct_conf.conf_type_id 
_struct_conf.id 
_struct_conf.pdbx_PDB_helix_id 
_struct_conf.beg_label_comp_id 
_struct_conf.beg_label_asym_id 
_struct_conf.beg_label_seq_id 
_struct_conf.pdbx_beg_PDB_ins_code 
_struct_conf.end_label_comp_id 
_struct_conf.end_label_asym_id 
_struct_conf.end_label_seq_id 
_struct_conf.pdbx_end_PDB_ins_code 
_struct_conf.beg_auth_comp_id 
_struct_conf.beg_auth_asym_id 
_struct_conf.beg_auth_seq_id 
_struct_conf.end_auth_comp_id 
_struct_conf.end_auth_asym_id 
_struct_conf.end_auth_seq_id 
_struct_conf.pdbx_PDB_helix_class 
_struct_conf.details 
_struct_conf.pdbx_PDB_helix_length 
HELX_P HELX_P1 1 SER A 2   ? SER A 8   ? SER A 1   SER A 7   1 ? 7  
HELX_P HELX_P2 2 ASP A 15  ? ILE A 19  ? ASP A 14  ILE A 18  5 ? 5  
HELX_P HELX_P3 3 ASN A 24  ? THR A 29  ? ASN A 23  THR A 28  5 ? 6  
HELX_P HELX_P4 4 SER A 39  ? ASP A 58  ? SER A 38  ASP A 57  1 ? 20 
HELX_P HELX_P5 5 ASP A 58  ? MET A 65  ? ASP A 57  MET A 64  1 ? 8  
HELX_P HELX_P6 6 PRO A 76  ? ASP A 79  ? PRO A 75  ASP A 78  5 ? 4  
HELX_P HELX_P7 7 LYS A 164 ? ILE A 178 ? LYS A 164 ILE A 178 1 ? 15 
HELX_P HELX_P8 8 MET A 182 ? ILE A 187 ? MET A 182 ILE A 187 5 ? 6  
# 
_struct_conf_type.id          HELX_P 
_struct_conf_type.criteria    ? 
_struct_conf_type.reference   ? 
# 
loop_
_struct_conn.id 
_struct_conn.conn_type_id 
_struct_conn.pdbx_leaving_atom_flag 
_struct_conn.pdbx_PDB_id 
_struct_conn.ptnr1_label_asym_id 
_struct_conn.ptnr1_label_comp_id 
_struct_conn.ptnr1_label_seq_id 
_struct_conn.ptnr1_label_atom_id 
_struct_conn.pdbx_ptnr1_label_alt_id 
_struct_conn.pdbx_ptnr1_PDB_ins_code 
_struct_conn.pdbx_ptnr1_standard_comp_id 
_struct_conn.ptnr1_symmetry 
_struct_conn.ptnr2_label_asym_id 
_struct_conn.ptnr2_label_comp_id 
_struct_conn.ptnr2_label_seq_id 
_struct_conn.ptnr2_label_atom_id 
_struct_conn.pdbx_ptnr2_label_alt_id 
_struct_conn.pdbx_ptnr2_PDB_ins_code 
_struct_conn.ptnr1_auth_asym_id 
_struct_conn.ptnr1_auth_comp_id 
_struct_conn.ptnr1_auth_seq_id 
_struct_conn.ptnr2_auth_asym_id 
_struct_conn.ptnr2_auth_comp_id 
_struct_conn.ptnr2_auth_seq_id 
_struct_conn.ptnr2_symmetry 
_struct_conn.pdbx_ptnr3_label_atom_id 
_struct_conn.pdbx_ptnr3_label_seq_id 
_struct_conn.pdbx_ptnr3_label_comp_id 
_struct_conn.pdbx_ptnr3_label_asym_id 
_struct_conn.pdbx_ptnr3_label_alt_id 
_struct_conn.pdbx_ptnr3_PDB_ins_code 
_struct_conn.details 
_struct_conn.pdbx_dist_value 
_struct_conn.pdbx_value_order 
_struct_conn.pdbx_role 
metalc1 metalc ? ? A CYS 130 SG  ? ? ? 1_555 B NI . NI ? ? A CYS 130 A NI 301 1_555 ? ? ? ? ? ? ? 2.460 ? ? 
metalc2 metalc ? ? A HIS 173 NE2 ? ? ? 1_555 B NI . NI ? ? A HIS 173 A NI 301 1_555 ? ? ? ? ? ? ? 2.192 ? ? 
metalc3 metalc ? ? A HIS 177 NE2 ? ? ? 1_555 B NI . NI ? ? A HIS 177 A NI 301 1_555 ? ? ? ? ? ? ? 2.181 ? ? 
metalc4 metalc ? ? D SB7 .   O22 ? ? ? 1_555 B NI . NI ? ? A SB7 300 A NI 301 1_555 ? ? ? ? ? ? ? 2.463 ? ? 
metalc5 metalc ? ? D SB7 .   O25 ? ? ? 1_555 B NI . NI ? ? A SB7 300 A NI 301 1_555 ? ? ? ? ? ? ? 2.402 ? ? 
# 
_struct_conn_type.id          metalc 
_struct_conn_type.criteria    ? 
_struct_conn_type.reference   ? 
# 
loop_
_pdbx_struct_conn_angle.id 
_pdbx_struct_conn_angle.ptnr1_label_atom_id 
_pdbx_struct_conn_angle.ptnr1_label_alt_id 
_pdbx_struct_conn_angle.ptnr1_label_asym_id 
_pdbx_struct_conn_angle.ptnr1_label_comp_id 
_pdbx_struct_conn_angle.ptnr1_label_seq_id 
_pdbx_struct_conn_angle.ptnr1_auth_atom_id 
_pdbx_struct_conn_angle.ptnr1_auth_asym_id 
_pdbx_struct_conn_angle.ptnr1_auth_comp_id 
_pdbx_struct_conn_angle.ptnr1_auth_seq_id 
_pdbx_struct_conn_angle.ptnr1_PDB_ins_code 
_pdbx_struct_conn_angle.ptnr1_symmetry 
_pdbx_struct_conn_angle.ptnr2_label_atom_id 
_pdbx_struct_conn_angle.ptnr2_label_alt_id 
_pdbx_struct_conn_angle.ptnr2_label_asym_id 
_pdbx_struct_conn_angle.ptnr2_label_comp_id 
_pdbx_struct_conn_angle.ptnr2_label_seq_id 
_pdbx_struct_conn_angle.ptnr2_auth_atom_id 
_pdbx_struct_conn_angle.ptnr2_auth_asym_id 
_pdbx_struct_conn_angle.ptnr2_auth_comp_id 
_pdbx_struct_conn_angle.ptnr2_auth_seq_id 
_pdbx_struct_conn_angle.ptnr2_PDB_ins_code 
_pdbx_struct_conn_angle.ptnr2_symmetry 
_pdbx_struct_conn_angle.ptnr3_label_atom_id 
_pdbx_struct_conn_angle.ptnr3_label_alt_id 
_pdbx_struct_conn_angle.ptnr3_label_asym_id 
_pdbx_struct_conn_angle.ptnr3_label_comp_id 
_pdbx_struct_conn_angle.ptnr3_label_seq_id 
_pdbx_struct_conn_angle.ptnr3_auth_atom_id 
_pdbx_struct_conn_angle.ptnr3_auth_asym_id 
_pdbx_struct_conn_angle.ptnr3_auth_comp_id 
_pdbx_struct_conn_angle.ptnr3_auth_seq_id 
_pdbx_struct_conn_angle.ptnr3_PDB_ins_code 
_pdbx_struct_conn_angle.ptnr3_symmetry 
_pdbx_struct_conn_angle.value 
_pdbx_struct_conn_angle.value_esd 
1  SG  ? A CYS 130 ? A CYS 130 ? 1_555 NI ? B NI . ? A NI 301 ? 1_555 NE2 ? A HIS 173 ? A HIS 173 ? 1_555 118.6 ? 
2  SG  ? A CYS 130 ? A CYS 130 ? 1_555 NI ? B NI . ? A NI 301 ? 1_555 NE2 ? A HIS 177 ? A HIS 177 ? 1_555 96.6  ? 
3  NE2 ? A HIS 173 ? A HIS 173 ? 1_555 NI ? B NI . ? A NI 301 ? 1_555 NE2 ? A HIS 177 ? A HIS 177 ? 1_555 102.4 ? 
4  SG  ? A CYS 130 ? A CYS 130 ? 1_555 NI ? B NI . ? A NI 301 ? 1_555 O22 ? D SB7 .   ? A SB7 300 ? 1_555 85.4  ? 
5  NE2 ? A HIS 173 ? A HIS 173 ? 1_555 NI ? B NI . ? A NI 301 ? 1_555 O22 ? D SB7 .   ? A SB7 300 ? 1_555 113.2 ? 
6  NE2 ? A HIS 177 ? A HIS 177 ? 1_555 NI ? B NI . ? A NI 301 ? 1_555 O22 ? D SB7 .   ? A SB7 300 ? 1_555 138.2 ? 
7  SG  ? A CYS 130 ? A CYS 130 ? 1_555 NI ? B NI . ? A NI 301 ? 1_555 O25 ? D SB7 .   ? A SB7 300 ? 1_555 140.9 ? 
8  NE2 ? A HIS 173 ? A HIS 173 ? 1_555 NI ? B NI . ? A NI 301 ? 1_555 O25 ? D SB7 .   ? A SB7 300 ? 1_555 100.0 ? 
9  NE2 ? A HIS 177 ? A HIS 177 ? 1_555 NI ? B NI . ? A NI 301 ? 1_555 O25 ? D SB7 .   ? A SB7 300 ? 1_555 80.1  ? 
10 O22 ? D SB7 .   ? A SB7 300 ? 1_555 NI ? B NI . ? A NI 301 ? 1_555 O25 ? D SB7 .   ? A SB7 300 ? 1_555 73.0  ? 
# 
_struct_mon_prot_cis.pdbx_id                1 
_struct_mon_prot_cis.label_comp_id          PHE 
_struct_mon_prot_cis.label_seq_id           36 
_struct_mon_prot_cis.label_asym_id          A 
_struct_mon_prot_cis.label_alt_id           . 
_struct_mon_prot_cis.pdbx_PDB_ins_code      ? 
_struct_mon_prot_cis.auth_comp_id           PHE 
_struct_mon_prot_cis.auth_seq_id            35 
_struct_mon_prot_cis.auth_asym_id           A 
_struct_mon_prot_cis.pdbx_label_comp_id_2   PRO 
_struct_mon_prot_cis.pdbx_label_seq_id_2    37 
_struct_mon_prot_cis.pdbx_label_asym_id_2   A 
_struct_mon_prot_cis.pdbx_PDB_ins_code_2    ? 
_struct_mon_prot_cis.pdbx_auth_comp_id_2    PRO 
_struct_mon_prot_cis.pdbx_auth_seq_id_2     36 
_struct_mon_prot_cis.pdbx_auth_asym_id_2    A 
_struct_mon_prot_cis.pdbx_PDB_model_num     1 
_struct_mon_prot_cis.pdbx_omega_angle       0.20 
# 
loop_
_struct_sheet.id 
_struct_sheet.type 
_struct_sheet.number_strands 
_struct_sheet.details 
A ? 5 ? 
B ? 3 ? 
# 
loop_
_struct_sheet_order.sheet_id 
_struct_sheet_order.range_id_1 
_struct_sheet_order.range_id_2 
_struct_sheet_order.offset 
_struct_sheet_order.sense 
A 1 2 ? anti-parallel 
A 2 3 ? anti-parallel 
A 3 4 ? anti-parallel 
A 4 5 ? anti-parallel 
B 1 2 ? anti-parallel 
B 2 3 ? parallel      
# 
loop_
_struct_sheet_range.sheet_id 
_struct_sheet_range.id 
_struct_sheet_range.beg_label_comp_id 
_struct_sheet_range.beg_label_asym_id 
_struct_sheet_range.beg_label_seq_id 
_struct_sheet_range.pdbx_beg_PDB_ins_code 
_struct_sheet_range.end_label_comp_id 
_struct_sheet_range.end_label_asym_id 
_struct_sheet_range.end_label_seq_id 
_struct_sheet_range.pdbx_end_PDB_ins_code 
_struct_sheet_range.beg_auth_comp_id 
_struct_sheet_range.beg_auth_asym_id 
_struct_sheet_range.beg_auth_seq_id 
_struct_sheet_range.end_auth_comp_id 
_struct_sheet_range.end_auth_asym_id 
_struct_sheet_range.end_auth_seq_id 
A 1 GLY A 72  ? ALA A 74  ? GLY A 71  ALA A 73  
A 2 ILE A 84  ? PRO A 90  ? ILE A 83  PRO A 89  
A 3 TYR A 103 ? HIS A 117 ? TYR A 102 HIS A 116 
A 4 VAL A 147 ? PHE A 152 ? VAL A 147 PHE A 152 
A 5 LYS A 158 ? LEU A 163 ? LYS A 158 LEU A 163 
B 1 ARG A 143 ? HIS A 144 ? ARG A 143 HIS A 144 
B 2 ASP A 121 ? LEU A 124 ? ASP A 120 LEU A 123 
B 3 LEU A 199 ? LEU A 202 ? LEU A 199 LEU A 202 
# 
loop_
_pdbx_struct_sheet_hbond.sheet_id 
_pdbx_struct_sheet_hbond.range_id_1 
_pdbx_struct_sheet_hbond.range_id_2 
_pdbx_struct_sheet_hbond.range_1_label_atom_id 
_pdbx_struct_sheet_hbond.range_1_label_comp_id 
_pdbx_struct_sheet_hbond.range_1_label_asym_id 
_pdbx_struct_sheet_hbond.range_1_label_seq_id 
_pdbx_struct_sheet_hbond.range_1_PDB_ins_code 
_pdbx_struct_sheet_hbond.range_1_auth_atom_id 
_pdbx_struct_sheet_hbond.range_1_auth_comp_id 
_pdbx_struct_sheet_hbond.range_1_auth_asym_id 
_pdbx_struct_sheet_hbond.range_1_auth_seq_id 
_pdbx_struct_sheet_hbond.range_2_label_atom_id 
_pdbx_struct_sheet_hbond.range_2_label_comp_id 
_pdbx_struct_sheet_hbond.range_2_label_asym_id 
_pdbx_struct_sheet_hbond.range_2_label_seq_id 
_pdbx_struct_sheet_hbond.range_2_PDB_ins_code 
_pdbx_struct_sheet_hbond.range_2_auth_atom_id 
_pdbx_struct_sheet_hbond.range_2_auth_comp_id 
_pdbx_struct_sheet_hbond.range_2_auth_asym_id 
_pdbx_struct_sheet_hbond.range_2_auth_seq_id 
A 1 2 N LEU A 73  ? N LEU A 72  O ALA A 86  ? O ALA A 85  
A 2 3 N VAL A 89  ? N VAL A 88  O ASP A 104 ? O ASP A 103 
A 3 4 N LYS A 113 ? N LYS A 112 O ASP A 150 ? O ASP A 150 
A 4 5 N TYR A 151 ? N TYR A 151 O HIS A 159 ? O HIS A 159 
B 1 2 O ARG A 143 ? O ARG A 143 N ALA A 122 ? N ALA A 121 
B 2 3 N ALA A 123 ? N ALA A 122 O LEU A 202 ? O LEU A 202 
# 
loop_
_struct_site.id 
_struct_site.pdbx_evidence_code 
_struct_site.pdbx_auth_asym_id 
_struct_site.pdbx_auth_comp_id 
_struct_site.pdbx_auth_seq_id 
_struct_site.pdbx_auth_ins_code 
_struct_site.pdbx_num_residues 
_struct_site.details 
AC1 Software A NI  301  ? 5  'BINDING SITE FOR RESIDUE NI A 301'   
AC2 Software A SO4 3001 ? 6  'BINDING SITE FOR RESIDUE SO4 A 3001' 
AC3 Software A SB7 300  ? 11 'BINDING SITE FOR RESIDUE SB7 A 300'  
# 
loop_
_struct_site_gen.id 
_struct_site_gen.site_id 
_struct_site_gen.pdbx_num_res 
_struct_site_gen.label_comp_id 
_struct_site_gen.label_asym_id 
_struct_site_gen.label_seq_id 
_struct_site_gen.pdbx_auth_ins_code 
_struct_site_gen.auth_comp_id 
_struct_site_gen.auth_asym_id 
_struct_site_gen.auth_seq_id 
_struct_site_gen.label_atom_id 
_struct_site_gen.label_alt_id 
_struct_site_gen.symmetry 
_struct_site_gen.details 
1  AC1 5  GLN A 77  ? GLN A 76   . ? 1_555 ? 
2  AC1 5  CYS A 130 ? CYS A 130  . ? 1_555 ? 
3  AC1 5  HIS A 173 ? HIS A 173  . ? 1_555 ? 
4  AC1 5  HIS A 177 ? HIS A 177  . ? 1_555 ? 
5  AC1 5  SB7 D .   ? SB7 A 300  . ? 1_555 ? 
6  AC2 6  THR A 35  ? THR A 34   . ? 4_565 ? 
7  AC2 6  SER A 118 ? SER A 117  . ? 1_555 ? 
8  AC2 6  ARG A 146 ? ARG A 146  . ? 1_555 ? 
9  AC2 6  HOH E .   ? HOH A 3031 . ? 1_555 ? 
10 AC2 6  HOH E .   ? HOH A 3087 . ? 1_555 ? 
11 AC2 6  HOH E .   ? HOH A 3088 . ? 1_555 ? 
12 AC3 11 GLY A 72  ? GLY A 71   . ? 1_555 ? 
13 AC3 11 GLN A 77  ? GLN A 76   . ? 1_555 ? 
14 AC3 11 LEU A 124 ? LEU A 123  . ? 1_555 ? 
15 AC3 11 GLU A 128 ? GLU A 128  . ? 1_555 ? 
16 AC3 11 GLY A 129 ? GLY A 129  . ? 1_555 ? 
17 AC3 11 CYS A 130 ? CYS A 130  . ? 1_555 ? 
18 AC3 11 LEU A 131 ? LEU A 131  . ? 1_555 ? 
19 AC3 11 HIS A 173 ? HIS A 173  . ? 1_555 ? 
20 AC3 11 GLU A 174 ? GLU A 174  . ? 1_555 ? 
21 AC3 11 HIS A 177 ? HIS A 177  . ? 1_555 ? 
22 AC3 11 NI  B .   ? NI  A 301  . ? 1_555 ? 
# 
_pdbx_validate_torsion.id              1 
_pdbx_validate_torsion.PDB_model_num   1 
_pdbx_validate_torsion.auth_comp_id    ARG 
_pdbx_validate_torsion.auth_asym_id    A 
_pdbx_validate_torsion.auth_seq_id     135 
_pdbx_validate_torsion.PDB_ins_code    ? 
_pdbx_validate_torsion.label_alt_id    ? 
_pdbx_validate_torsion.phi             174.79 
_pdbx_validate_torsion.psi             158.58 
# 
loop_
_pdbx_unobs_or_zero_occ_residues.id 
_pdbx_unobs_or_zero_occ_residues.PDB_model_num 
_pdbx_unobs_or_zero_occ_residues.polymer_flag 
_pdbx_unobs_or_zero_occ_residues.occupancy_flag 
_pdbx_unobs_or_zero_occ_residues.auth_asym_id 
_pdbx_unobs_or_zero_occ_residues.auth_comp_id 
_pdbx_unobs_or_zero_occ_residues.auth_seq_id 
_pdbx_unobs_or_zero_occ_residues.PDB_ins_code 
_pdbx_unobs_or_zero_occ_residues.label_asym_id 
_pdbx_unobs_or_zero_occ_residues.label_comp_id 
_pdbx_unobs_or_zero_occ_residues.label_seq_id 
1 1 Y 1 A MET 0  ? A MET 1   
2 1 Y 1 A VAL 92 ? A VAL 93  
3 1 Y 1 A GLU 93 ? A GLU 94  
4 1 Y 1 A GLU 94 ? A GLU 95  
5 1 Y 1 A GLY 95 ? A GLY 96  
6 1 Y 1 A GLU 96 ? A GLU 97  
7 1 Y 1 A THR 97 ? A THR 98  
8 1 Y 1 A PRO 98 ? A PRO 99  
9 1 Y 1 A GLN 99 ? A GLN 100 
# 
loop_
_chem_comp_atom.comp_id 
_chem_comp_atom.atom_id 
_chem_comp_atom.type_symbol 
_chem_comp_atom.pdbx_aromatic_flag 
_chem_comp_atom.pdbx_stereo_config 
_chem_comp_atom.pdbx_ordinal 
ALA N    N  N N 1   
ALA CA   C  N S 2   
ALA C    C  N N 3   
ALA O    O  N N 4   
ALA CB   C  N N 5   
ALA OXT  O  N N 6   
ALA H    H  N N 7   
ALA H2   H  N N 8   
ALA HA   H  N N 9   
ALA HB1  H  N N 10  
ALA HB2  H  N N 11  
ALA HB3  H  N N 12  
ALA HXT  H  N N 13  
ARG N    N  N N 14  
ARG CA   C  N S 15  
ARG C    C  N N 16  
ARG O    O  N N 17  
ARG CB   C  N N 18  
ARG CG   C  N N 19  
ARG CD   C  N N 20  
ARG NE   N  N N 21  
ARG CZ   C  N N 22  
ARG NH1  N  N N 23  
ARG NH2  N  N N 24  
ARG OXT  O  N N 25  
ARG H    H  N N 26  
ARG H2   H  N N 27  
ARG HA   H  N N 28  
ARG HB2  H  N N 29  
ARG HB3  H  N N 30  
ARG HG2  H  N N 31  
ARG HG3  H  N N 32  
ARG HD2  H  N N 33  
ARG HD3  H  N N 34  
ARG HE   H  N N 35  
ARG HH11 H  N N 36  
ARG HH12 H  N N 37  
ARG HH21 H  N N 38  
ARG HH22 H  N N 39  
ARG HXT  H  N N 40  
ASN N    N  N N 41  
ASN CA   C  N S 42  
ASN C    C  N N 43  
ASN O    O  N N 44  
ASN CB   C  N N 45  
ASN CG   C  N N 46  
ASN OD1  O  N N 47  
ASN ND2  N  N N 48  
ASN OXT  O  N N 49  
ASN H    H  N N 50  
ASN H2   H  N N 51  
ASN HA   H  N N 52  
ASN HB2  H  N N 53  
ASN HB3  H  N N 54  
ASN HD21 H  N N 55  
ASN HD22 H  N N 56  
ASN HXT  H  N N 57  
ASP N    N  N N 58  
ASP CA   C  N S 59  
ASP C    C  N N 60  
ASP O    O  N N 61  
ASP CB   C  N N 62  
ASP CG   C  N N 63  
ASP OD1  O  N N 64  
ASP OD2  O  N N 65  
ASP OXT  O  N N 66  
ASP H    H  N N 67  
ASP H2   H  N N 68  
ASP HA   H  N N 69  
ASP HB2  H  N N 70  
ASP HB3  H  N N 71  
ASP HD2  H  N N 72  
ASP HXT  H  N N 73  
CYS N    N  N N 74  
CYS CA   C  N R 75  
CYS C    C  N N 76  
CYS O    O  N N 77  
CYS CB   C  N N 78  
CYS SG   S  N N 79  
CYS OXT  O  N N 80  
CYS H    H  N N 81  
CYS H2   H  N N 82  
CYS HA   H  N N 83  
CYS HB2  H  N N 84  
CYS HB3  H  N N 85  
CYS HG   H  N N 86  
CYS HXT  H  N N 87  
GLN N    N  N N 88  
GLN CA   C  N S 89  
GLN C    C  N N 90  
GLN O    O  N N 91  
GLN CB   C  N N 92  
GLN CG   C  N N 93  
GLN CD   C  N N 94  
GLN OE1  O  N N 95  
GLN NE2  N  N N 96  
GLN OXT  O  N N 97  
GLN H    H  N N 98  
GLN H2   H  N N 99  
GLN HA   H  N N 100 
GLN HB2  H  N N 101 
GLN HB3  H  N N 102 
GLN HG2  H  N N 103 
GLN HG3  H  N N 104 
GLN HE21 H  N N 105 
GLN HE22 H  N N 106 
GLN HXT  H  N N 107 
GLU N    N  N N 108 
GLU CA   C  N S 109 
GLU C    C  N N 110 
GLU O    O  N N 111 
GLU CB   C  N N 112 
GLU CG   C  N N 113 
GLU CD   C  N N 114 
GLU OE1  O  N N 115 
GLU OE2  O  N N 116 
GLU OXT  O  N N 117 
GLU H    H  N N 118 
GLU H2   H  N N 119 
GLU HA   H  N N 120 
GLU HB2  H  N N 121 
GLU HB3  H  N N 122 
GLU HG2  H  N N 123 
GLU HG3  H  N N 124 
GLU HE2  H  N N 125 
GLU HXT  H  N N 126 
GLY N    N  N N 127 
GLY CA   C  N N 128 
GLY C    C  N N 129 
GLY O    O  N N 130 
GLY OXT  O  N N 131 
GLY H    H  N N 132 
GLY H2   H  N N 133 
GLY HA2  H  N N 134 
GLY HA3  H  N N 135 
GLY HXT  H  N N 136 
HIS N    N  N N 137 
HIS CA   C  N S 138 
HIS C    C  N N 139 
HIS O    O  N N 140 
HIS CB   C  N N 141 
HIS CG   C  Y N 142 
HIS ND1  N  Y N 143 
HIS CD2  C  Y N 144 
HIS CE1  C  Y N 145 
HIS NE2  N  Y N 146 
HIS OXT  O  N N 147 
HIS H    H  N N 148 
HIS H2   H  N N 149 
HIS HA   H  N N 150 
HIS HB2  H  N N 151 
HIS HB3  H  N N 152 
HIS HD1  H  N N 153 
HIS HD2  H  N N 154 
HIS HE1  H  N N 155 
HIS HE2  H  N N 156 
HIS HXT  H  N N 157 
HOH O    O  N N 158 
HOH H1   H  N N 159 
HOH H2   H  N N 160 
ILE N    N  N N 161 
ILE CA   C  N S 162 
ILE C    C  N N 163 
ILE O    O  N N 164 
ILE CB   C  N S 165 
ILE CG1  C  N N 166 
ILE CG2  C  N N 167 
ILE CD1  C  N N 168 
ILE OXT  O  N N 169 
ILE H    H  N N 170 
ILE H2   H  N N 171 
ILE HA   H  N N 172 
ILE HB   H  N N 173 
ILE HG12 H  N N 174 
ILE HG13 H  N N 175 
ILE HG21 H  N N 176 
ILE HG22 H  N N 177 
ILE HG23 H  N N 178 
ILE HD11 H  N N 179 
ILE HD12 H  N N 180 
ILE HD13 H  N N 181 
ILE HXT  H  N N 182 
LEU N    N  N N 183 
LEU CA   C  N S 184 
LEU C    C  N N 185 
LEU O    O  N N 186 
LEU CB   C  N N 187 
LEU CG   C  N N 188 
LEU CD1  C  N N 189 
LEU CD2  C  N N 190 
LEU OXT  O  N N 191 
LEU H    H  N N 192 
LEU H2   H  N N 193 
LEU HA   H  N N 194 
LEU HB2  H  N N 195 
LEU HB3  H  N N 196 
LEU HG   H  N N 197 
LEU HD11 H  N N 198 
LEU HD12 H  N N 199 
LEU HD13 H  N N 200 
LEU HD21 H  N N 201 
LEU HD22 H  N N 202 
LEU HD23 H  N N 203 
LEU HXT  H  N N 204 
LYS N    N  N N 205 
LYS CA   C  N S 206 
LYS C    C  N N 207 
LYS O    O  N N 208 
LYS CB   C  N N 209 
LYS CG   C  N N 210 
LYS CD   C  N N 211 
LYS CE   C  N N 212 
LYS NZ   N  N N 213 
LYS OXT  O  N N 214 
LYS H    H  N N 215 
LYS H2   H  N N 216 
LYS HA   H  N N 217 
LYS HB2  H  N N 218 
LYS HB3  H  N N 219 
LYS HG2  H  N N 220 
LYS HG3  H  N N 221 
LYS HD2  H  N N 222 
LYS HD3  H  N N 223 
LYS HE2  H  N N 224 
LYS HE3  H  N N 225 
LYS HZ1  H  N N 226 
LYS HZ2  H  N N 227 
LYS HZ3  H  N N 228 
LYS HXT  H  N N 229 
MET N    N  N N 230 
MET CA   C  N S 231 
MET C    C  N N 232 
MET O    O  N N 233 
MET CB   C  N N 234 
MET CG   C  N N 235 
MET SD   S  N N 236 
MET CE   C  N N 237 
MET OXT  O  N N 238 
MET H    H  N N 239 
MET H2   H  N N 240 
MET HA   H  N N 241 
MET HB2  H  N N 242 
MET HB3  H  N N 243 
MET HG2  H  N N 244 
MET HG3  H  N N 245 
MET HE1  H  N N 246 
MET HE2  H  N N 247 
MET HE3  H  N N 248 
MET HXT  H  N N 249 
NI  NI   NI N N 250 
PHE N    N  N N 251 
PHE CA   C  N S 252 
PHE C    C  N N 253 
PHE O    O  N N 254 
PHE CB   C  N N 255 
PHE CG   C  Y N 256 
PHE CD1  C  Y N 257 
PHE CD2  C  Y N 258 
PHE CE1  C  Y N 259 
PHE CE2  C  Y N 260 
PHE CZ   C  Y N 261 
PHE OXT  O  N N 262 
PHE H    H  N N 263 
PHE H2   H  N N 264 
PHE HA   H  N N 265 
PHE HB2  H  N N 266 
PHE HB3  H  N N 267 
PHE HD1  H  N N 268 
PHE HD2  H  N N 269 
PHE HE1  H  N N 270 
PHE HE2  H  N N 271 
PHE HZ   H  N N 272 
PHE HXT  H  N N 273 
PRO N    N  N N 274 
PRO CA   C  N S 275 
PRO C    C  N N 276 
PRO O    O  N N 277 
PRO CB   C  N N 278 
PRO CG   C  N N 279 
PRO CD   C  N N 280 
PRO OXT  O  N N 281 
PRO H    H  N N 282 
PRO HA   H  N N 283 
PRO HB2  H  N N 284 
PRO HB3  H  N N 285 
PRO HG2  H  N N 286 
PRO HG3  H  N N 287 
PRO HD2  H  N N 288 
PRO HD3  H  N N 289 
PRO HXT  H  N N 290 
SB7 C1   C  Y N 291 
SB7 C2   C  Y N 292 
SB7 C3   C  Y N 293 
SB7 C4   C  Y N 294 
SB7 C5   C  Y N 295 
SB7 C6   C  Y N 296 
SB7 C7   C  N N 297 
SB7 C8   C  N N 298 
SB7 C11  C  N N 299 
SB7 N14  N  N N 300 
SB7 O22  O  N N 301 
SB7 C24  C  N N 302 
SB7 O25  O  N N 303 
SB7 H1   H  N N 304 
SB7 H2   H  N N 305 
SB7 H4   H  N N 306 
SB7 H5   H  N N 307 
SB7 H6   H  N N 308 
SB7 H71  H  N N 309 
SB7 H72  H  N N 310 
SB7 H81  H  N N 311 
SB7 H82  H  N N 312 
SB7 H111 H  N N 313 
SB7 H112 H  N N 314 
SB7 H22  H  N N 315 
SB7 H241 H  N N 316 
SB7 H242 H  N N 317 
SB7 H25  H  N N 318 
SER N    N  N N 319 
SER CA   C  N S 320 
SER C    C  N N 321 
SER O    O  N N 322 
SER CB   C  N N 323 
SER OG   O  N N 324 
SER OXT  O  N N 325 
SER H    H  N N 326 
SER H2   H  N N 327 
SER HA   H  N N 328 
SER HB2  H  N N 329 
SER HB3  H  N N 330 
SER HG   H  N N 331 
SER HXT  H  N N 332 
SO4 S    S  N N 333 
SO4 O1   O  N N 334 
SO4 O2   O  N N 335 
SO4 O3   O  N N 336 
SO4 O4   O  N N 337 
THR N    N  N N 338 
THR CA   C  N S 339 
THR C    C  N N 340 
THR O    O  N N 341 
THR CB   C  N R 342 
THR OG1  O  N N 343 
THR CG2  C  N N 344 
THR OXT  O  N N 345 
THR H    H  N N 346 
THR H2   H  N N 347 
THR HA   H  N N 348 
THR HB   H  N N 349 
THR HG1  H  N N 350 
THR HG21 H  N N 351 
THR HG22 H  N N 352 
THR HG23 H  N N 353 
THR HXT  H  N N 354 
TYR N    N  N N 355 
TYR CA   C  N S 356 
TYR C    C  N N 357 
TYR O    O  N N 358 
TYR CB   C  N N 359 
TYR CG   C  Y N 360 
TYR CD1  C  Y N 361 
TYR CD2  C  Y N 362 
TYR CE1  C  Y N 363 
TYR CE2  C  Y N 364 
TYR CZ   C  Y N 365 
TYR OH   O  N N 366 
TYR OXT  O  N N 367 
TYR H    H  N N 368 
TYR H2   H  N N 369 
TYR HA   H  N N 370 
TYR HB2  H  N N 371 
TYR HB3  H  N N 372 
TYR HD1  H  N N 373 
TYR HD2  H  N N 374 
TYR HE1  H  N N 375 
TYR HE2  H  N N 376 
TYR HH   H  N N 377 
TYR HXT  H  N N 378 
VAL N    N  N N 379 
VAL CA   C  N S 380 
VAL C    C  N N 381 
VAL O    O  N N 382 
VAL CB   C  N N 383 
VAL CG1  C  N N 384 
VAL CG2  C  N N 385 
VAL OXT  O  N N 386 
VAL H    H  N N 387 
VAL H2   H  N N 388 
VAL HA   H  N N 389 
VAL HB   H  N N 390 
VAL HG11 H  N N 391 
VAL HG12 H  N N 392 
VAL HG13 H  N N 393 
VAL HG21 H  N N 394 
VAL HG22 H  N N 395 
VAL HG23 H  N N 396 
VAL HXT  H  N N 397 
# 
loop_
_chem_comp_bond.comp_id 
_chem_comp_bond.atom_id_1 
_chem_comp_bond.atom_id_2 
_chem_comp_bond.value_order 
_chem_comp_bond.pdbx_aromatic_flag 
_chem_comp_bond.pdbx_stereo_config 
_chem_comp_bond.pdbx_ordinal 
ALA N   CA   sing N N 1   
ALA N   H    sing N N 2   
ALA N   H2   sing N N 3   
ALA CA  C    sing N N 4   
ALA CA  CB   sing N N 5   
ALA CA  HA   sing N N 6   
ALA C   O    doub N N 7   
ALA C   OXT  sing N N 8   
ALA CB  HB1  sing N N 9   
ALA CB  HB2  sing N N 10  
ALA CB  HB3  sing N N 11  
ALA OXT HXT  sing N N 12  
ARG N   CA   sing N N 13  
ARG N   H    sing N N 14  
ARG N   H2   sing N N 15  
ARG CA  C    sing N N 16  
ARG CA  CB   sing N N 17  
ARG CA  HA   sing N N 18  
ARG C   O    doub N N 19  
ARG C   OXT  sing N N 20  
ARG CB  CG   sing N N 21  
ARG CB  HB2  sing N N 22  
ARG CB  HB3  sing N N 23  
ARG CG  CD   sing N N 24  
ARG CG  HG2  sing N N 25  
ARG CG  HG3  sing N N 26  
ARG CD  NE   sing N N 27  
ARG CD  HD2  sing N N 28  
ARG CD  HD3  sing N N 29  
ARG NE  CZ   sing N N 30  
ARG NE  HE   sing N N 31  
ARG CZ  NH1  sing N N 32  
ARG CZ  NH2  doub N N 33  
ARG NH1 HH11 sing N N 34  
ARG NH1 HH12 sing N N 35  
ARG NH2 HH21 sing N N 36  
ARG NH2 HH22 sing N N 37  
ARG OXT HXT  sing N N 38  
ASN N   CA   sing N N 39  
ASN N   H    sing N N 40  
ASN N   H2   sing N N 41  
ASN CA  C    sing N N 42  
ASN CA  CB   sing N N 43  
ASN CA  HA   sing N N 44  
ASN C   O    doub N N 45  
ASN C   OXT  sing N N 46  
ASN CB  CG   sing N N 47  
ASN CB  HB2  sing N N 48  
ASN CB  HB3  sing N N 49  
ASN CG  OD1  doub N N 50  
ASN CG  ND2  sing N N 51  
ASN ND2 HD21 sing N N 52  
ASN ND2 HD22 sing N N 53  
ASN OXT HXT  sing N N 54  
ASP N   CA   sing N N 55  
ASP N   H    sing N N 56  
ASP N   H2   sing N N 57  
ASP CA  C    sing N N 58  
ASP CA  CB   sing N N 59  
ASP CA  HA   sing N N 60  
ASP C   O    doub N N 61  
ASP C   OXT  sing N N 62  
ASP CB  CG   sing N N 63  
ASP CB  HB2  sing N N 64  
ASP CB  HB3  sing N N 65  
ASP CG  OD1  doub N N 66  
ASP CG  OD2  sing N N 67  
ASP OD2 HD2  sing N N 68  
ASP OXT HXT  sing N N 69  
CYS N   CA   sing N N 70  
CYS N   H    sing N N 71  
CYS N   H2   sing N N 72  
CYS CA  C    sing N N 73  
CYS CA  CB   sing N N 74  
CYS CA  HA   sing N N 75  
CYS C   O    doub N N 76  
CYS C   OXT  sing N N 77  
CYS CB  SG   sing N N 78  
CYS CB  HB2  sing N N 79  
CYS CB  HB3  sing N N 80  
CYS SG  HG   sing N N 81  
CYS OXT HXT  sing N N 82  
GLN N   CA   sing N N 83  
GLN N   H    sing N N 84  
GLN N   H2   sing N N 85  
GLN CA  C    sing N N 86  
GLN CA  CB   sing N N 87  
GLN CA  HA   sing N N 88  
GLN C   O    doub N N 89  
GLN C   OXT  sing N N 90  
GLN CB  CG   sing N N 91  
GLN CB  HB2  sing N N 92  
GLN CB  HB3  sing N N 93  
GLN CG  CD   sing N N 94  
GLN CG  HG2  sing N N 95  
GLN CG  HG3  sing N N 96  
GLN CD  OE1  doub N N 97  
GLN CD  NE2  sing N N 98  
GLN NE2 HE21 sing N N 99  
GLN NE2 HE22 sing N N 100 
GLN OXT HXT  sing N N 101 
GLU N   CA   sing N N 102 
GLU N   H    sing N N 103 
GLU N   H2   sing N N 104 
GLU CA  C    sing N N 105 
GLU CA  CB   sing N N 106 
GLU CA  HA   sing N N 107 
GLU C   O    doub N N 108 
GLU C   OXT  sing N N 109 
GLU CB  CG   sing N N 110 
GLU CB  HB2  sing N N 111 
GLU CB  HB3  sing N N 112 
GLU CG  CD   sing N N 113 
GLU CG  HG2  sing N N 114 
GLU CG  HG3  sing N N 115 
GLU CD  OE1  doub N N 116 
GLU CD  OE2  sing N N 117 
GLU OE2 HE2  sing N N 118 
GLU OXT HXT  sing N N 119 
GLY N   CA   sing N N 120 
GLY N   H    sing N N 121 
GLY N   H2   sing N N 122 
GLY CA  C    sing N N 123 
GLY CA  HA2  sing N N 124 
GLY CA  HA3  sing N N 125 
GLY C   O    doub N N 126 
GLY C   OXT  sing N N 127 
GLY OXT HXT  sing N N 128 
HIS N   CA   sing N N 129 
HIS N   H    sing N N 130 
HIS N   H2   sing N N 131 
HIS CA  C    sing N N 132 
HIS CA  CB   sing N N 133 
HIS CA  HA   sing N N 134 
HIS C   O    doub N N 135 
HIS C   OXT  sing N N 136 
HIS CB  CG   sing N N 137 
HIS CB  HB2  sing N N 138 
HIS CB  HB3  sing N N 139 
HIS CG  ND1  sing Y N 140 
HIS CG  CD2  doub Y N 141 
HIS ND1 CE1  doub Y N 142 
HIS ND1 HD1  sing N N 143 
HIS CD2 NE2  sing Y N 144 
HIS CD2 HD2  sing N N 145 
HIS CE1 NE2  sing Y N 146 
HIS CE1 HE1  sing N N 147 
HIS NE2 HE2  sing N N 148 
HIS OXT HXT  sing N N 149 
HOH O   H1   sing N N 150 
HOH O   H2   sing N N 151 
ILE N   CA   sing N N 152 
ILE N   H    sing N N 153 
ILE N   H2   sing N N 154 
ILE CA  C    sing N N 155 
ILE CA  CB   sing N N 156 
ILE CA  HA   sing N N 157 
ILE C   O    doub N N 158 
ILE C   OXT  sing N N 159 
ILE CB  CG1  sing N N 160 
ILE CB  CG2  sing N N 161 
ILE CB  HB   sing N N 162 
ILE CG1 CD1  sing N N 163 
ILE CG1 HG12 sing N N 164 
ILE CG1 HG13 sing N N 165 
ILE CG2 HG21 sing N N 166 
ILE CG2 HG22 sing N N 167 
ILE CG2 HG23 sing N N 168 
ILE CD1 HD11 sing N N 169 
ILE CD1 HD12 sing N N 170 
ILE CD1 HD13 sing N N 171 
ILE OXT HXT  sing N N 172 
LEU N   CA   sing N N 173 
LEU N   H    sing N N 174 
LEU N   H2   sing N N 175 
LEU CA  C    sing N N 176 
LEU CA  CB   sing N N 177 
LEU CA  HA   sing N N 178 
LEU C   O    doub N N 179 
LEU C   OXT  sing N N 180 
LEU CB  CG   sing N N 181 
LEU CB  HB2  sing N N 182 
LEU CB  HB3  sing N N 183 
LEU CG  CD1  sing N N 184 
LEU CG  CD2  sing N N 185 
LEU CG  HG   sing N N 186 
LEU CD1 HD11 sing N N 187 
LEU CD1 HD12 sing N N 188 
LEU CD1 HD13 sing N N 189 
LEU CD2 HD21 sing N N 190 
LEU CD2 HD22 sing N N 191 
LEU CD2 HD23 sing N N 192 
LEU OXT HXT  sing N N 193 
LYS N   CA   sing N N 194 
LYS N   H    sing N N 195 
LYS N   H2   sing N N 196 
LYS CA  C    sing N N 197 
LYS CA  CB   sing N N 198 
LYS CA  HA   sing N N 199 
LYS C   O    doub N N 200 
LYS C   OXT  sing N N 201 
LYS CB  CG   sing N N 202 
LYS CB  HB2  sing N N 203 
LYS CB  HB3  sing N N 204 
LYS CG  CD   sing N N 205 
LYS CG  HG2  sing N N 206 
LYS CG  HG3  sing N N 207 
LYS CD  CE   sing N N 208 
LYS CD  HD2  sing N N 209 
LYS CD  HD3  sing N N 210 
LYS CE  NZ   sing N N 211 
LYS CE  HE2  sing N N 212 
LYS CE  HE3  sing N N 213 
LYS NZ  HZ1  sing N N 214 
LYS NZ  HZ2  sing N N 215 
LYS NZ  HZ3  sing N N 216 
LYS OXT HXT  sing N N 217 
MET N   CA   sing N N 218 
MET N   H    sing N N 219 
MET N   H2   sing N N 220 
MET CA  C    sing N N 221 
MET CA  CB   sing N N 222 
MET CA  HA   sing N N 223 
MET C   O    doub N N 224 
MET C   OXT  sing N N 225 
MET CB  CG   sing N N 226 
MET CB  HB2  sing N N 227 
MET CB  HB3  sing N N 228 
MET CG  SD   sing N N 229 
MET CG  HG2  sing N N 230 
MET CG  HG3  sing N N 231 
MET SD  CE   sing N N 232 
MET CE  HE1  sing N N 233 
MET CE  HE2  sing N N 234 
MET CE  HE3  sing N N 235 
MET OXT HXT  sing N N 236 
PHE N   CA   sing N N 237 
PHE N   H    sing N N 238 
PHE N   H2   sing N N 239 
PHE CA  C    sing N N 240 
PHE CA  CB   sing N N 241 
PHE CA  HA   sing N N 242 
PHE C   O    doub N N 243 
PHE C   OXT  sing N N 244 
PHE CB  CG   sing N N 245 
PHE CB  HB2  sing N N 246 
PHE CB  HB3  sing N N 247 
PHE CG  CD1  doub Y N 248 
PHE CG  CD2  sing Y N 249 
PHE CD1 CE1  sing Y N 250 
PHE CD1 HD1  sing N N 251 
PHE CD2 CE2  doub Y N 252 
PHE CD2 HD2  sing N N 253 
PHE CE1 CZ   doub Y N 254 
PHE CE1 HE1  sing N N 255 
PHE CE2 CZ   sing Y N 256 
PHE CE2 HE2  sing N N 257 
PHE CZ  HZ   sing N N 258 
PHE OXT HXT  sing N N 259 
PRO N   CA   sing N N 260 
PRO N   CD   sing N N 261 
PRO N   H    sing N N 262 
PRO CA  C    sing N N 263 
PRO CA  CB   sing N N 264 
PRO CA  HA   sing N N 265 
PRO C   O    doub N N 266 
PRO C   OXT  sing N N 267 
PRO CB  CG   sing N N 268 
PRO CB  HB2  sing N N 269 
PRO CB  HB3  sing N N 270 
PRO CG  CD   sing N N 271 
PRO CG  HG2  sing N N 272 
PRO CG  HG3  sing N N 273 
PRO CD  HD2  sing N N 274 
PRO CD  HD3  sing N N 275 
PRO OXT HXT  sing N N 276 
SB7 C1  C2   doub Y N 277 
SB7 C1  C6   sing Y N 278 
SB7 C1  H1   sing N N 279 
SB7 C2  C3   sing Y N 280 
SB7 C2  H2   sing N N 281 
SB7 C3  C4   doub Y N 282 
SB7 C3  C7   sing N N 283 
SB7 C4  C5   sing Y N 284 
SB7 C4  H4   sing N N 285 
SB7 C5  C6   doub Y N 286 
SB7 C5  H5   sing N N 287 
SB7 C6  H6   sing N N 288 
SB7 C7  C8   sing N N 289 
SB7 C7  H71  sing N N 290 
SB7 C7  H72  sing N N 291 
SB7 C8  C11  sing N N 292 
SB7 C8  H81  sing N N 293 
SB7 C8  H82  sing N N 294 
SB7 C11 N14  sing N N 295 
SB7 C11 H111 sing N N 296 
SB7 C11 H112 sing N N 297 
SB7 N14 O22  sing N N 298 
SB7 N14 C24  sing N N 299 
SB7 O22 H22  sing N N 300 
SB7 C24 O25  sing N N 301 
SB7 C24 H241 sing N N 302 
SB7 C24 H242 sing N N 303 
SB7 O25 H25  sing N N 304 
SER N   CA   sing N N 305 
SER N   H    sing N N 306 
SER N   H2   sing N N 307 
SER CA  C    sing N N 308 
SER CA  CB   sing N N 309 
SER CA  HA   sing N N 310 
SER C   O    doub N N 311 
SER C   OXT  sing N N 312 
SER CB  OG   sing N N 313 
SER CB  HB2  sing N N 314 
SER CB  HB3  sing N N 315 
SER OG  HG   sing N N 316 
SER OXT HXT  sing N N 317 
SO4 S   O1   doub N N 318 
SO4 S   O2   doub N N 319 
SO4 S   O3   sing N N 320 
SO4 S   O4   sing N N 321 
THR N   CA   sing N N 322 
THR N   H    sing N N 323 
THR N   H2   sing N N 324 
THR CA  C    sing N N 325 
THR CA  CB   sing N N 326 
THR CA  HA   sing N N 327 
THR C   O    doub N N 328 
THR C   OXT  sing N N 329 
THR CB  OG1  sing N N 330 
THR CB  CG2  sing N N 331 
THR CB  HB   sing N N 332 
THR OG1 HG1  sing N N 333 
THR CG2 HG21 sing N N 334 
THR CG2 HG22 sing N N 335 
THR CG2 HG23 sing N N 336 
THR OXT HXT  sing N N 337 
TYR N   CA   sing N N 338 
TYR N   H    sing N N 339 
TYR N   H2   sing N N 340 
TYR CA  C    sing N N 341 
TYR CA  CB   sing N N 342 
TYR CA  HA   sing N N 343 
TYR C   O    doub N N 344 
TYR C   OXT  sing N N 345 
TYR CB  CG   sing N N 346 
TYR CB  HB2  sing N N 347 
TYR CB  HB3  sing N N 348 
TYR CG  CD1  doub Y N 349 
TYR CG  CD2  sing Y N 350 
TYR CD1 CE1  sing Y N 351 
TYR CD1 HD1  sing N N 352 
TYR CD2 CE2  doub Y N 353 
TYR CD2 HD2  sing N N 354 
TYR CE1 CZ   doub Y N 355 
TYR CE1 HE1  sing N N 356 
TYR CE2 CZ   sing Y N 357 
TYR CE2 HE2  sing N N 358 
TYR CZ  OH   sing N N 359 
TYR OH  HH   sing N N 360 
TYR OXT HXT  sing N N 361 
VAL N   CA   sing N N 362 
VAL N   H    sing N N 363 
VAL N   H2   sing N N 364 
VAL CA  C    sing N N 365 
VAL CA  CB   sing N N 366 
VAL CA  HA   sing N N 367 
VAL C   O    doub N N 368 
VAL C   OXT  sing N N 369 
VAL CB  CG1  sing N N 370 
VAL CB  CG2  sing N N 371 
VAL CB  HB   sing N N 372 
VAL CG1 HG11 sing N N 373 
VAL CG1 HG12 sing N N 374 
VAL CG1 HG13 sing N N 375 
VAL CG2 HG21 sing N N 376 
VAL CG2 HG22 sing N N 377 
VAL CG2 HG23 sing N N 378 
VAL OXT HXT  sing N N 379 
# 
_atom_sites.entry_id                    2AI7 
_atom_sites.fract_transf_matrix[1][1]   0.01329912 
_atom_sites.fract_transf_matrix[1][2]   0.00736395 
_atom_sites.fract_transf_matrix[1][3]   0.01306398 
_atom_sites.fract_transf_matrix[2][1]   0.00383507 
_atom_sites.fract_transf_matrix[2][2]   0.01521037 
_atom_sites.fract_transf_matrix[2][3]   -0.01247793 
_atom_sites.fract_transf_matrix[3][1]   -0.00789917 
_atom_sites.fract_transf_matrix[3][2]   0.00587275 
_atom_sites.fract_transf_matrix[3][3]   0.00473098 
_atom_sites.fract_transf_vector[1]      0.579758 
_atom_sites.fract_transf_vector[2]      0.026688 
_atom_sites.fract_transf_vector[3]      0.071633 
# 
loop_
_atom_type.symbol 
C  
N  
NI 
O  
S  
# 
loop_
_atom_site.group_PDB 
_atom_site.id 
_atom_site.type_symbol 
_atom_site.label_atom_id 
_atom_site.label_alt_id 
_atom_site.label_comp_id 
_atom_site.label_asym_id 
_atom_site.label_entity_id 
_atom_site.label_seq_id 
_atom_site.pdbx_PDB_ins_code 
_atom_site.Cartn_x 
_atom_site.Cartn_y 
_atom_site.Cartn_z 
_atom_site.occupancy 
_atom_site.B_iso_or_equiv 
_atom_site.pdbx_formal_charge 
_atom_site.auth_seq_id 
_atom_site.auth_comp_id 
_atom_site.auth_asym_id 
_atom_site.auth_atom_id 
_atom_site.pdbx_PDB_model_num 
ATOM   1    N  N   . SER A 1 2   ? 22.952  0.320   -1.303  1.00 36.83 ? 1    SER A N   1 
ATOM   2    C  CA  . SER A 1 2   ? 21.712  1.121   -1.477  1.00 36.53 ? 1    SER A CA  1 
ATOM   3    C  C   . SER A 1 2   ? 20.520  0.248   -1.856  1.00 34.89 ? 1    SER A C   1 
ATOM   4    O  O   . SER A 1 2   ? 20.544  -0.445  -2.871  1.00 35.00 ? 1    SER A O   1 
ATOM   5    C  CB  . SER A 1 2   ? 21.926  2.183   -2.553  1.00 39.02 ? 1    SER A CB  1 
ATOM   6    O  OG  . SER A 1 2   ? 20.706  2.814   -2.892  1.00 37.64 ? 1    SER A OG  1 
ATOM   7    N  N   . ALA A 1 3   ? 19.479  0.288   -1.031  1.00 33.23 ? 2    ALA A N   1 
ATOM   8    C  CA  . ALA A 1 3   ? 18.275  -0.488  -1.284  1.00 31.14 ? 2    ALA A CA  1 
ATOM   9    C  C   . ALA A 1 3   ? 17.744  -0.248  -2.696  1.00 29.60 ? 2    ALA A C   1 
ATOM   10   O  O   . ALA A 1 3   ? 17.659  -1.178  -3.499  1.00 29.43 ? 2    ALA A O   1 
ATOM   11   C  CB  . ALA A 1 3   ? 17.207  -0.138  -0.261  1.00 31.45 ? 2    ALA A CB  1 
ATOM   12   N  N   . ILE A 1 4   ? 17.403  1.000   -3.007  1.00 28.46 ? 3    ILE A N   1 
ATOM   13   C  CA  . ILE A 1 4   ? 16.862  1.317   -4.326  1.00 28.20 ? 3    ILE A CA  1 
ATOM   14   C  C   . ILE A 1 4   ? 17.827  0.924   -5.440  1.00 29.16 ? 3    ILE A C   1 
ATOM   15   O  O   . ILE A 1 4   ? 17.401  0.498   -6.511  1.00 26.93 ? 3    ILE A O   1 
ATOM   16   C  CB  . ILE A 1 4   ? 16.510  2.823   -4.455  1.00 28.44 ? 3    ILE A CB  1 
ATOM   17   C  CG1 . ILE A 1 4   ? 15.624  3.037   -5.686  1.00 27.06 ? 3    ILE A CG1 1 
ATOM   18   C  CG2 . ILE A 1 4   ? 17.782  3.661   -4.589  1.00 26.72 ? 3    ILE A CG2 1 
ATOM   19   C  CD1 . ILE A 1 4   ? 14.994  4.416   -5.765  1.00 26.02 ? 3    ILE A CD1 1 
ATOM   20   N  N   . GLU A 1 5   ? 19.125  1.049   -5.173  1.00 30.44 ? 4    GLU A N   1 
ATOM   21   C  CA  . GLU A 1 5   ? 20.157  0.705   -6.150  1.00 34.64 ? 4    GLU A CA  1 
ATOM   22   C  C   . GLU A 1 5   ? 20.084  -0.771  -6.553  1.00 33.52 ? 4    GLU A C   1 
ATOM   23   O  O   . GLU A 1 5   ? 20.000  -1.094  -7.736  1.00 32.12 ? 4    GLU A O   1 
ATOM   24   C  CB  . GLU A 1 5   ? 21.541  1.008   -5.563  1.00 38.85 ? 4    GLU A CB  1 
ATOM   25   C  CG  . GLU A 1 5   ? 22.703  0.922   -6.549  1.00 47.10 ? 4    GLU A CG  1 
ATOM   26   C  CD  . GLU A 1 5   ? 22.733  2.085   -7.530  1.00 51.36 ? 4    GLU A CD  1 
ATOM   27   O  OE1 . GLU A 1 5   ? 22.460  3.228   -7.097  1.00 54.21 ? 4    GLU A OE1 1 
ATOM   28   O  OE2 . GLU A 1 5   ? 23.042  1.861   -8.723  1.00 53.23 ? 4    GLU A OE2 1 
ATOM   29   N  N   . ARG A 1 6   ? 20.109  -1.667  -5.570  1.00 34.02 ? 5    ARG A N   1 
ATOM   30   C  CA  . ARG A 1 6   ? 20.059  -3.096  -5.865  1.00 33.90 ? 5    ARG A CA  1 
ATOM   31   C  C   . ARG A 1 6   ? 18.706  -3.561  -6.379  1.00 32.41 ? 5    ARG A C   1 
ATOM   32   O  O   . ARG A 1 6   ? 18.632  -4.393  -7.283  1.00 30.57 ? 5    ARG A O   1 
ATOM   33   C  CB  . ARG A 1 6   ? 20.455  -3.927  -4.637  1.00 37.08 ? 5    ARG A CB  1 
ATOM   34   C  CG  . ARG A 1 6   ? 19.596  -3.725  -3.407  1.00 40.58 ? 5    ARG A CG  1 
ATOM   35   C  CD  . ARG A 1 6   ? 19.820  -4.849  -2.398  1.00 42.19 ? 5    ARG A CD  1 
ATOM   36   N  NE  . ARG A 1 6   ? 19.303  -4.503  -1.076  1.00 45.36 ? 5    ARG A NE  1 
ATOM   37   C  CZ  . ARG A 1 6   ? 19.895  -3.650  -0.243  1.00 47.63 ? 5    ARG A CZ  1 
ATOM   38   N  NH1 . ARG A 1 6   ? 21.030  -3.058  -0.592  1.00 48.12 ? 5    ARG A NH1 1 
ATOM   39   N  NH2 . ARG A 1 6   ? 19.346  -3.375  0.934   1.00 48.66 ? 5    ARG A NH2 1 
ATOM   40   N  N   . ILE A 1 7   ? 17.630  -3.024  -5.813  1.00 31.35 ? 6    ILE A N   1 
ATOM   41   C  CA  . ILE A 1 7   ? 16.297  -3.416  -6.250  1.00 28.46 ? 6    ILE A CA  1 
ATOM   42   C  C   . ILE A 1 7   ? 16.024  -2.996  -7.696  1.00 27.71 ? 6    ILE A C   1 
ATOM   43   O  O   . ILE A 1 7   ? 15.338  -3.707  -8.425  1.00 25.93 ? 6    ILE A O   1 
ATOM   44   C  CB  . ILE A 1 7   ? 15.208  -2.821  -5.317  1.00 29.31 ? 6    ILE A CB  1 
ATOM   45   C  CG1 . ILE A 1 7   ? 15.329  -3.451  -3.925  1.00 31.32 ? 6    ILE A CG1 1 
ATOM   46   C  CG2 . ILE A 1 7   ? 13.817  -3.070  -5.896  1.00 27.46 ? 6    ILE A CG2 1 
ATOM   47   C  CD1 . ILE A 1 7   ? 14.408  -2.843  -2.882  1.00 32.66 ? 6    ILE A CD1 1 
ATOM   48   N  N   . SER A 1 8   ? 16.569  -1.855  -8.115  1.00 25.80 ? 7    SER A N   1 
ATOM   49   C  CA  . SER A 1 8   ? 16.352  -1.372  -9.479  1.00 27.53 ? 7    SER A CA  1 
ATOM   50   C  C   . SER A 1 8   ? 17.228  -2.026  -10.549 1.00 26.88 ? 7    SER A C   1 
ATOM   51   O  O   . SER A 1 8   ? 17.092  -1.727  -11.739 1.00 25.39 ? 7    SER A O   1 
ATOM   52   C  CB  . SER A 1 8   ? 16.511  0.152   -9.537  1.00 28.87 ? 7    SER A CB  1 
ATOM   53   O  OG  . SER A 1 8   ? 15.329  0.787   -9.063  1.00 35.32 ? 7    SER A OG  1 
ATOM   54   N  N   . LYS A 1 9   ? 18.125  -2.916  -10.139 1.00 27.84 ? 8    LYS A N   1 
ATOM   55   C  CA  . LYS A 1 9   ? 18.959  -3.612  -11.117 1.00 28.29 ? 8    LYS A CA  1 
ATOM   56   C  C   . LYS A 1 9   ? 18.006  -4.414  -12.001 1.00 27.22 ? 8    LYS A C   1 
ATOM   57   O  O   . LYS A 1 9   ? 17.064  -5.034  -11.504 1.00 25.08 ? 8    LYS A O   1 
ATOM   58   C  CB  . LYS A 1 9   ? 19.954  -4.534  -10.410 1.00 30.14 ? 8    LYS A CB  1 
ATOM   59   C  CG  . LYS A 1 9   ? 21.005  -3.785  -9.605  1.00 32.37 ? 8    LYS A CG  1 
ATOM   60   C  CD  . LYS A 1 9   ? 21.865  -4.738  -8.789  1.00 36.98 ? 8    LYS A CD  1 
ATOM   61   C  CE  . LYS A 1 9   ? 22.896  -3.981  -7.961  1.00 38.38 ? 8    LYS A CE  1 
ATOM   62   N  NZ  . LYS A 1 9   ? 23.515  -4.868  -6.932  1.00 40.67 ? 8    LYS A NZ  1 
ATOM   63   N  N   . ALA A 1 10  ? 18.248  -4.401  -13.309 1.00 25.37 ? 9    ALA A N   1 
ATOM   64   C  CA  . ALA A 1 10  ? 17.389  -5.099  -14.256 1.00 26.15 ? 9    ALA A CA  1 
ATOM   65   C  C   . ALA A 1 10  ? 17.070  -6.545  -13.882 1.00 26.35 ? 9    ALA A C   1 
ATOM   66   O  O   . ALA A 1 10  ? 15.931  -6.989  -14.019 1.00 27.35 ? 9    ALA A O   1 
ATOM   67   C  CB  . ALA A 1 10  ? 18.006  -5.052  -15.649 1.00 27.10 ? 9    ALA A CB  1 
ATOM   68   N  N   . ALA A 1 11  ? 18.072  -7.271  -13.402 1.00 26.24 ? 10   ALA A N   1 
ATOM   69   C  CA  . ALA A 1 11  ? 17.890  -8.673  -13.043 1.00 26.69 ? 10   ALA A CA  1 
ATOM   70   C  C   . ALA A 1 11  ? 17.172  -8.909  -11.720 1.00 26.80 ? 10   ALA A C   1 
ATOM   71   O  O   . ALA A 1 11  ? 16.641  -9.997  -11.490 1.00 25.86 ? 10   ALA A O   1 
ATOM   72   C  CB  . ALA A 1 11  ? 19.253  -9.376  -13.018 1.00 27.45 ? 10   ALA A CB  1 
ATOM   73   N  N   . HIS A 1 12  ? 17.124  -7.903  -10.853 1.00 27.07 ? 11   HIS A N   1 
ATOM   74   C  CA  . HIS A 1 12  ? 16.494  -8.105  -9.554  1.00 27.71 ? 11   HIS A CA  1 
ATOM   75   C  C   . HIS A 1 12  ? 14.981  -8.307  -9.519  1.00 28.11 ? 11   HIS A C   1 
ATOM   76   O  O   . HIS A 1 12  ? 14.218  -7.569  -10.141 1.00 28.83 ? 11   HIS A O   1 
ATOM   77   C  CB  . HIS A 1 12  ? 16.862  -6.969  -8.597  1.00 28.54 ? 11   HIS A CB  1 
ATOM   78   C  CG  . HIS A 1 12  ? 16.520  -7.266  -7.170  1.00 28.93 ? 11   HIS A CG  1 
ATOM   79   N  ND1 . HIS A 1 12  ? 15.256  -7.079  -6.651  1.00 29.62 ? 11   HIS A ND1 1 
ATOM   80   C  CD2 . HIS A 1 12  ? 17.265  -7.785  -6.166  1.00 27.91 ? 11   HIS A CD2 1 
ATOM   81   C  CE1 . HIS A 1 12  ? 15.239  -7.471  -5.389  1.00 27.56 ? 11   HIS A CE1 1 
ATOM   82   N  NE2 . HIS A 1 12  ? 16.445  -7.903  -5.071  1.00 28.30 ? 11   HIS A NE2 1 
ATOM   83   N  N   . LEU A 1 13  ? 14.565  -9.326  -8.772  1.00 25.83 ? 12   LEU A N   1 
ATOM   84   C  CA  . LEU A 1 13  ? 13.154  -9.649  -8.584  1.00 25.88 ? 12   LEU A CA  1 
ATOM   85   C  C   . LEU A 1 13  ? 12.887  -9.437  -7.094  1.00 24.23 ? 12   LEU A C   1 
ATOM   86   O  O   . LEU A 1 13  ? 13.563  -10.018 -6.249  1.00 22.96 ? 12   LEU A O   1 
ATOM   87   C  CB  . LEU A 1 13  ? 12.878  -11.111 -8.954  1.00 26.21 ? 12   LEU A CB  1 
ATOM   88   C  CG  . LEU A 1 13  ? 13.217  -11.558 -10.381 1.00 28.83 ? 12   LEU A CG  1 
ATOM   89   C  CD1 . LEU A 1 13  ? 13.048  -13.062 -10.488 1.00 30.89 ? 12   LEU A CD1 1 
ATOM   90   C  CD2 . LEU A 1 13  ? 12.328  -10.845 -11.390 1.00 27.78 ? 12   LEU A CD2 1 
ATOM   91   N  N   . ILE A 1 14  ? 11.919  -8.593  -6.766  1.00 23.05 ? 13   ILE A N   1 
ATOM   92   C  CA  . ILE A 1 14  ? 11.619  -8.335  -5.363  1.00 22.92 ? 13   ILE A CA  1 
ATOM   93   C  C   . ILE A 1 14  ? 10.964  -9.546  -4.708  1.00 22.97 ? 13   ILE A C   1 
ATOM   94   O  O   . ILE A 1 14  ? 10.114  -10.197 -5.307  1.00 23.01 ? 13   ILE A O   1 
ATOM   95   C  CB  . ILE A 1 14  ? 10.667  -7.121  -5.201  1.00 24.11 ? 13   ILE A CB  1 
ATOM   96   C  CG1 . ILE A 1 14  ? 11.371  -5.830  -5.641  1.00 22.88 ? 13   ILE A CG1 1 
ATOM   97   C  CG2 . ILE A 1 14  ? 10.218  -7.015  -3.754  1.00 25.35 ? 13   ILE A CG2 1 
ATOM   98   C  CD1 . ILE A 1 14  ? 10.453  -4.601  -5.675  1.00 19.84 ? 13   ILE A CD1 1 
ATOM   99   N  N   . ASP A 1 15  ? 11.392  -9.867  -3.493  1.00 24.84 ? 14   ASP A N   1 
ATOM   100  C  CA  . ASP A 1 15  ? 10.797  -10.970 -2.746  1.00 26.78 ? 14   ASP A CA  1 
ATOM   101  C  C   . ASP A 1 15  ? 10.732  -10.590 -1.271  1.00 27.53 ? 14   ASP A C   1 
ATOM   102  O  O   . ASP A 1 15  ? 11.145  -9.496  -0.893  1.00 25.78 ? 14   ASP A O   1 
ATOM   103  C  CB  . ASP A 1 15  ? 11.564  -12.294 -2.937  1.00 26.81 ? 14   ASP A CB  1 
ATOM   104  C  CG  . ASP A 1 15  ? 13.013  -12.230 -2.483  1.00 28.31 ? 14   ASP A CG  1 
ATOM   105  O  OD1 . ASP A 1 15  ? 13.320  -11.561 -1.472  1.00 29.36 ? 14   ASP A OD1 1 
ATOM   106  O  OD2 . ASP A 1 15  ? 13.849  -12.886 -3.141  1.00 31.02 ? 14   ASP A OD2 1 
ATOM   107  N  N   . MET A 1 16  ? 10.210  -11.484 -0.441  1.00 29.31 ? 15   MET A N   1 
ATOM   108  C  CA  . MET A 1 16  ? 10.063  -11.193 0.982   1.00 30.33 ? 15   MET A CA  1 
ATOM   109  C  C   . MET A 1 16  ? 11.341  -10.742 1.683   1.00 31.65 ? 15   MET A C   1 
ATOM   110  O  O   . MET A 1 16  ? 11.281  -10.064 2.708   1.00 31.56 ? 15   MET A O   1 
ATOM   111  C  CB  . MET A 1 16  ? 9.469   -12.406 1.704   1.00 30.71 ? 15   MET A CB  1 
ATOM   112  C  CG  . MET A 1 16  ? 8.096   -12.823 1.185   1.00 31.68 ? 15   MET A CG  1 
ATOM   113  S  SD  . MET A 1 16  ? 6.922   -11.436 1.066   1.00 31.11 ? 15   MET A SD  1 
ATOM   114  C  CE  . MET A 1 16  ? 6.709   -11.004 2.786   1.00 31.79 ? 15   MET A CE  1 
ATOM   115  N  N   . CYS A 1 17  ? 12.495  -11.109 1.135   1.00 32.53 ? 16   CYS A N   1 
ATOM   116  C  CA  . CYS A 1 17  ? 13.763  -10.719 1.742   1.00 34.27 ? 16   CYS A CA  1 
ATOM   117  C  C   . CYS A 1 17  ? 14.053  -9.233  1.550   1.00 33.25 ? 16   CYS A C   1 
ATOM   118  O  O   . CYS A 1 17  ? 14.946  -8.679  2.186   1.00 33.21 ? 16   CYS A O   1 
ATOM   119  C  CB  . CYS A 1 17  ? 14.906  -11.555 1.163   1.00 37.25 ? 16   CYS A CB  1 
ATOM   120  S  SG  . CYS A 1 17  ? 14.769  -13.331 1.513   1.00 46.25 ? 16   CYS A SG  1 
ATOM   121  N  N   . ASP A 1 18  ? 13.295  -8.587  0.669   1.00 31.30 ? 17   ASP A N   1 
ATOM   122  C  CA  . ASP A 1 18  ? 13.472  -7.162  0.409   1.00 29.07 ? 17   ASP A CA  1 
ATOM   123  C  C   . ASP A 1 18  ? 12.539  -6.337  1.291   1.00 27.74 ? 17   ASP A C   1 
ATOM   124  O  O   . ASP A 1 18  ? 12.695  -5.128  1.409   1.00 28.13 ? 17   ASP A O   1 
ATOM   125  C  CB  . ASP A 1 18  ? 13.168  -6.856  -1.061  1.00 28.36 ? 17   ASP A CB  1 
ATOM   126  C  CG  . ASP A 1 18  ? 14.221  -7.402  -2.007  1.00 26.82 ? 17   ASP A CG  1 
ATOM   127  O  OD1 . ASP A 1 18  ? 13.840  -7.902  -3.085  1.00 24.18 ? 17   ASP A OD1 1 
ATOM   128  O  OD2 . ASP A 1 18  ? 15.423  -7.319  -1.686  1.00 23.99 ? 17   ASP A OD2 1 
ATOM   129  N  N   . ILE A 1 19  ? 11.576  -7.005  1.910   1.00 29.21 ? 18   ILE A N   1 
ATOM   130  C  CA  . ILE A 1 19  ? 10.590  -6.340  2.755   1.00 28.95 ? 18   ILE A CA  1 
ATOM   131  C  C   . ILE A 1 19  ? 10.964  -6.331  4.237   1.00 29.69 ? 18   ILE A C   1 
ATOM   132  O  O   . ILE A 1 19  ? 11.093  -7.386  4.856   1.00 29.75 ? 18   ILE A O   1 
ATOM   133  C  CB  . ILE A 1 19  ? 9.214   -7.013  2.574   1.00 29.59 ? 18   ILE A CB  1 
ATOM   134  C  CG1 . ILE A 1 19  ? 8.750   -6.829  1.125   1.00 29.95 ? 18   ILE A CG1 1 
ATOM   135  C  CG2 . ILE A 1 19  ? 8.197   -6.422  3.550   1.00 29.46 ? 18   ILE A CG2 1 
ATOM   136  C  CD1 . ILE A 1 19  ? 7.474   -7.563  0.783   1.00 28.99 ? 18   ILE A CD1 1 
ATOM   137  N  N   . ILE A 1 20  ? 11.138  -5.136  4.799   1.00 28.46 ? 19   ILE A N   1 
ATOM   138  C  CA  . ILE A 1 20  ? 11.485  -5.002  6.212   1.00 30.47 ? 19   ILE A CA  1 
ATOM   139  C  C   . ILE A 1 20  ? 10.242  -5.223  7.070   1.00 32.15 ? 19   ILE A C   1 
ATOM   140  O  O   . ILE A 1 20  ? 9.120   -5.093  6.585   1.00 32.31 ? 19   ILE A O   1 
ATOM   141  C  CB  . ILE A 1 20  ? 12.086  -3.611  6.520   1.00 29.81 ? 19   ILE A CB  1 
ATOM   142  C  CG1 . ILE A 1 20  ? 11.127  -2.507  6.070   1.00 28.65 ? 19   ILE A CG1 1 
ATOM   143  C  CG2 . ILE A 1 20  ? 13.432  -3.467  5.828   1.00 28.25 ? 19   ILE A CG2 1 
ATOM   144  C  CD1 . ILE A 1 20  ? 11.615  -1.115  6.386   1.00 27.19 ? 19   ILE A CD1 1 
ATOM   145  N  N   . ARG A 1 21  ? 10.441  -5.557  8.342   1.00 33.81 ? 20   ARG A N   1 
ATOM   146  C  CA  . ARG A 1 21  ? 9.320   -5.825  9.241   1.00 35.75 ? 20   ARG A CA  1 
ATOM   147  C  C   . ARG A 1 21  ? 9.290   -4.865  10.432  1.00 35.79 ? 20   ARG A C   1 
ATOM   148  O  O   . ARG A 1 21  ? 10.146  -3.989  10.553  1.00 35.71 ? 20   ARG A O   1 
ATOM   149  C  CB  . ARG A 1 21  ? 9.400   -7.271  9.744   1.00 35.64 ? 20   ARG A CB  1 
ATOM   150  C  CG  . ARG A 1 21  ? 9.808   -8.290  8.675   1.00 36.62 ? 20   ARG A CG  1 
ATOM   151  C  CD  . ARG A 1 21  ? 8.840   -8.291  7.496   1.00 37.96 ? 20   ARG A CD  1 
ATOM   152  N  NE  . ARG A 1 21  ? 9.340   -9.077  6.371   1.00 37.35 ? 20   ARG A NE  1 
ATOM   153  C  CZ  . ARG A 1 21  ? 9.477   -10.399 6.377   1.00 38.85 ? 20   ARG A CZ  1 
ATOM   154  N  NH1 . ARG A 1 21  ? 9.146   -11.099 7.453   1.00 38.22 ? 20   ARG A NH1 1 
ATOM   155  N  NH2 . ARG A 1 21  ? 9.949   -11.025 5.306   1.00 37.36 ? 20   ARG A NH2 1 
ATOM   156  N  N   . GLU A 1 22  ? 8.295   -5.035  11.303  1.00 37.02 ? 21   GLU A N   1 
ATOM   157  C  CA  . GLU A 1 22  ? 8.151   -4.194  12.492  1.00 37.99 ? 21   GLU A CA  1 
ATOM   158  C  C   . GLU A 1 22  ? 9.475   -4.141  13.238  1.00 38.13 ? 21   GLU A C   1 
ATOM   159  O  O   . GLU A 1 22  ? 10.171  -5.150  13.346  1.00 38.62 ? 21   GLU A O   1 
ATOM   160  C  CB  . GLU A 1 22  ? 7.110   -4.763  13.456  1.00 40.23 ? 21   GLU A CB  1 
ATOM   161  C  CG  . GLU A 1 22  ? 5.805   -5.211  12.844  1.00 41.85 ? 21   GLU A CG  1 
ATOM   162  C  CD  . GLU A 1 22  ? 4.861   -5.761  13.898  1.00 42.50 ? 21   GLU A CD  1 
ATOM   163  O  OE1 . GLU A 1 22  ? 4.377   -4.969  14.733  1.00 43.56 ? 21   GLU A OE1 1 
ATOM   164  O  OE2 . GLU A 1 22  ? 4.611   -6.984  13.901  1.00 42.81 ? 21   GLU A OE2 1 
ATOM   165  N  N   . GLY A 1 23  ? 9.808   -2.970  13.770  1.00 36.89 ? 22   GLY A N   1 
ATOM   166  C  CA  . GLY A 1 23  ? 11.051  -2.828  14.498  1.00 36.16 ? 22   GLY A CA  1 
ATOM   167  C  C   . GLY A 1 23  ? 12.009  -1.958  13.726  1.00 36.00 ? 22   GLY A C   1 
ATOM   168  O  O   . GLY A 1 23  ? 12.795  -1.210  14.303  1.00 35.78 ? 22   GLY A O   1 
ATOM   169  N  N   . ASN A 1 24  ? 11.947  -2.058  12.403  1.00 36.08 ? 23   ASN A N   1 
ATOM   170  C  CA  . ASN A 1 24  ? 12.809  -1.257  11.547  1.00 35.21 ? 23   ASN A CA  1 
ATOM   171  C  C   . ASN A 1 24  ? 12.237  0.158   11.554  1.00 34.76 ? 23   ASN A C   1 
ATOM   172  O  O   . ASN A 1 24  ? 11.122  0.386   11.090  1.00 34.27 ? 23   ASN A O   1 
ATOM   173  C  CB  . ASN A 1 24  ? 12.810  -1.821  10.127  1.00 34.81 ? 23   ASN A CB  1 
ATOM   174  C  CG  . ASN A 1 24  ? 13.890  -1.215  9.269   1.00 33.69 ? 23   ASN A CG  1 
ATOM   175  O  OD1 . ASN A 1 24  ? 14.000  0.006   9.165   1.00 34.12 ? 23   ASN A OD1 1 
ATOM   176  N  ND2 . ASN A 1 24  ? 14.701  -2.063  8.646   1.00 32.91 ? 23   ASN A ND2 1 
ATOM   177  N  N   . PRO A 1 25  ? 12.999  1.126   12.085  1.00 35.09 ? 24   PRO A N   1 
ATOM   178  C  CA  . PRO A 1 25  ? 12.591  2.532   12.175  1.00 34.36 ? 24   PRO A CA  1 
ATOM   179  C  C   . PRO A 1 25  ? 11.994  3.118   10.897  1.00 33.23 ? 24   PRO A C   1 
ATOM   180  O  O   . PRO A 1 25  ? 11.129  3.993   10.950  1.00 31.96 ? 24   PRO A O   1 
ATOM   181  C  CB  . PRO A 1 25  ? 13.887  3.237   12.572  1.00 34.63 ? 24   PRO A CB  1 
ATOM   182  C  CG  . PRO A 1 25  ? 14.582  2.205   13.400  1.00 36.13 ? 24   PRO A CG  1 
ATOM   183  C  CD  . PRO A 1 25  ? 14.379  0.955   12.575  1.00 35.51 ? 24   PRO A CD  1 
ATOM   184  N  N   . SER A 1 26  ? 12.464  2.636   9.752   1.00 31.89 ? 25   SER A N   1 
ATOM   185  C  CA  . SER A 1 26  ? 11.993  3.133   8.465   1.00 30.69 ? 25   SER A CA  1 
ATOM   186  C  C   . SER A 1 26  ? 10.477  3.125   8.313   1.00 29.51 ? 25   SER A C   1 
ATOM   187  O  O   . SER A 1 26  ? 9.908   4.042   7.722   1.00 28.25 ? 25   SER A O   1 
ATOM   188  C  CB  . SER A 1 26  ? 12.636  2.330   7.333   1.00 31.17 ? 25   SER A CB  1 
ATOM   189  O  OG  . SER A 1 26  ? 14.033  2.571   7.287   1.00 30.64 ? 25   SER A OG  1 
ATOM   190  N  N   . LEU A 1 27  ? 9.828   2.095   8.849   1.00 28.65 ? 26   LEU A N   1 
ATOM   191  C  CA  . LEU A 1 27  ? 8.379   1.971   8.761   1.00 29.84 ? 26   LEU A CA  1 
ATOM   192  C  C   . LEU A 1 27  ? 7.622   3.010   9.592   1.00 30.53 ? 26   LEU A C   1 
ATOM   193  O  O   . LEU A 1 27  ? 6.426   3.209   9.401   1.00 29.71 ? 26   LEU A O   1 
ATOM   194  C  CB  . LEU A 1 27  ? 7.950   0.567   9.187   1.00 29.41 ? 26   LEU A CB  1 
ATOM   195  C  CG  . LEU A 1 27  ? 8.458   -0.602  8.340   1.00 31.36 ? 26   LEU A CG  1 
ATOM   196  C  CD1 . LEU A 1 27  ? 8.027   -1.923  8.981   1.00 30.48 ? 26   LEU A CD1 1 
ATOM   197  C  CD2 . LEU A 1 27  ? 7.908   -0.489  6.920   1.00 28.24 ? 26   LEU A CD2 1 
ATOM   198  N  N   . ARG A 1 28  ? 8.312   3.664   10.520  1.00 32.53 ? 27   ARG A N   1 
ATOM   199  C  CA  . ARG A 1 28  ? 7.673   4.680   11.354  1.00 33.71 ? 27   ARG A CA  1 
ATOM   200  C  C   . ARG A 1 28  ? 8.172   6.072   10.985  1.00 33.67 ? 27   ARG A C   1 
ATOM   201  O  O   . ARG A 1 28  ? 7.909   7.047   11.687  1.00 34.91 ? 27   ARG A O   1 
ATOM   202  C  CB  . ARG A 1 28  ? 7.940   4.407   12.841  1.00 34.86 ? 27   ARG A CB  1 
ATOM   203  C  CG  . ARG A 1 28  ? 6.696   4.015   13.650  1.00 37.42 ? 27   ARG A CG  1 
ATOM   204  C  CD  . ARG A 1 28  ? 6.106   2.708   13.153  1.00 38.57 ? 27   ARG A CD  1 
ATOM   205  N  NE  . ARG A 1 28  ? 5.077   2.147   14.027  1.00 37.38 ? 27   ARG A NE  1 
ATOM   206  C  CZ  . ARG A 1 28  ? 3.814   2.561   14.092  1.00 39.45 ? 27   ARG A CZ  1 
ATOM   207  N  NH1 . ARG A 1 28  ? 3.392   3.562   13.333  1.00 39.08 ? 27   ARG A NH1 1 
ATOM   208  N  NH2 . ARG A 1 28  ? 2.962   1.948   14.904  1.00 37.81 ? 27   ARG A NH2 1 
ATOM   209  N  N   . THR A 1 29  ? 8.893   6.163   9.873   1.00 33.17 ? 28   THR A N   1 
ATOM   210  C  CA  . THR A 1 29  ? 9.424   7.442   9.412   1.00 32.75 ? 28   THR A CA  1 
ATOM   211  C  C   . THR A 1 29  ? 8.564   7.991   8.274   1.00 31.30 ? 28   THR A C   1 
ATOM   212  O  O   . THR A 1 29  ? 8.016   7.225   7.493   1.00 30.68 ? 28   THR A O   1 
ATOM   213  C  CB  . THR A 1 29  ? 10.863  7.281   8.900   1.00 33.43 ? 28   THR A CB  1 
ATOM   214  O  OG1 . THR A 1 29  ? 11.690  6.774   9.955   1.00 35.74 ? 28   THR A OG1 1 
ATOM   215  C  CG2 . THR A 1 29  ? 11.413  8.619   8.424   1.00 36.30 ? 28   THR A CG2 1 
ATOM   216  N  N   . VAL A 1 30  ? 8.442   9.310   8.182   1.00 29.66 ? 29   VAL A N   1 
ATOM   217  C  CA  . VAL A 1 30  ? 7.651   9.907   7.109   1.00 28.76 ? 29   VAL A CA  1 
ATOM   218  C  C   . VAL A 1 30  ? 8.501   9.989   5.840   1.00 27.00 ? 29   VAL A C   1 
ATOM   219  O  O   . VAL A 1 30  ? 9.547   10.639  5.820   1.00 26.99 ? 29   VAL A O   1 
ATOM   220  C  CB  . VAL A 1 30  ? 7.164   11.322  7.480   1.00 28.91 ? 29   VAL A CB  1 
ATOM   221  C  CG1 . VAL A 1 30  ? 6.291   11.881  6.355   1.00 28.60 ? 29   VAL A CG1 1 
ATOM   222  C  CG2 . VAL A 1 30  ? 6.382   11.275  8.778   1.00 28.50 ? 29   VAL A CG2 1 
ATOM   223  N  N   . ALA A 1 31  ? 8.044   9.324   4.784   1.00 26.58 ? 30   ALA A N   1 
ATOM   224  C  CA  . ALA A 1 31  ? 8.761   9.295   3.509   1.00 24.44 ? 30   ALA A CA  1 
ATOM   225  C  C   . ALA A 1 31  ? 8.858   10.653  2.822   1.00 25.10 ? 30   ALA A C   1 
ATOM   226  O  O   . ALA A 1 31  ? 7.936   11.463  2.880   1.00 23.29 ? 30   ALA A O   1 
ATOM   227  C  CB  . ALA A 1 31  ? 8.098   8.286   2.561   1.00 24.11 ? 30   ALA A CB  1 
ATOM   228  N  N   . GLU A 1 32  ? 9.983   10.875  2.151   1.00 24.98 ? 31   GLU A N   1 
ATOM   229  C  CA  . GLU A 1 32  ? 10.245  12.114  1.432   1.00 26.46 ? 31   GLU A CA  1 
ATOM   230  C  C   . GLU A 1 32  ? 9.577   12.107  0.053   1.00 25.69 ? 31   GLU A C   1 
ATOM   231  O  O   . GLU A 1 32  ? 9.585   11.088  -0.642  1.00 21.79 ? 31   GLU A O   1 
ATOM   232  C  CB  . GLU A 1 32  ? 11.756  12.291  1.276   1.00 30.07 ? 31   GLU A CB  1 
ATOM   233  C  CG  . GLU A 1 32  ? 12.177  13.525  0.507   1.00 37.15 ? 31   GLU A CG  1 
ATOM   234  C  CD  . GLU A 1 32  ? 13.176  14.366  1.279   1.00 40.39 ? 31   GLU A CD  1 
ATOM   235  O  OE1 . GLU A 1 32  ? 12.804  14.882  2.355   1.00 43.25 ? 31   GLU A OE1 1 
ATOM   236  O  OE2 . GLU A 1 32  ? 14.329  14.508  0.817   1.00 43.27 ? 31   GLU A OE2 1 
ATOM   237  N  N   . GLU A 1 33  ? 9.001   13.242  -0.338  1.00 24.07 ? 32   GLU A N   1 
ATOM   238  C  CA  . GLU A 1 33  ? 8.338   13.345  -1.642  1.00 24.47 ? 32   GLU A CA  1 
ATOM   239  C  C   . GLU A 1 33  ? 9.359   13.186  -2.756  1.00 23.70 ? 32   GLU A C   1 
ATOM   240  O  O   . GLU A 1 33  ? 10.529  13.502  -2.568  1.00 21.43 ? 32   GLU A O   1 
ATOM   241  C  CB  . GLU A 1 33  ? 7.679   14.714  -1.820  1.00 26.49 ? 32   GLU A CB  1 
ATOM   242  C  CG  . GLU A 1 33  ? 6.815   15.178  -0.671  1.00 32.31 ? 32   GLU A CG  1 
ATOM   243  C  CD  . GLU A 1 33  ? 6.025   16.421  -1.029  1.00 35.31 ? 32   GLU A CD  1 
ATOM   244  O  OE1 . GLU A 1 33  ? 6.594   17.319  -1.685  1.00 36.95 ? 32   GLU A OE1 1 
ATOM   245  O  OE2 . GLU A 1 33  ? 4.838   16.504  -0.650  1.00 39.64 ? 32   GLU A OE2 1 
ATOM   246  N  N   . VAL A 1 34  ? 8.922   12.700  -3.916  1.00 22.93 ? 33   VAL A N   1 
ATOM   247  C  CA  . VAL A 1 34  ? 9.831   12.567  -5.042  1.00 21.32 ? 33   VAL A CA  1 
ATOM   248  C  C   . VAL A 1 34  ? 9.738   13.865  -5.840  1.00 21.78 ? 33   VAL A C   1 
ATOM   249  O  O   . VAL A 1 34  ? 8.728   14.566  -5.781  1.00 21.62 ? 33   VAL A O   1 
ATOM   250  C  CB  . VAL A 1 34  ? 9.459   11.373  -5.959  1.00 22.31 ? 33   VAL A CB  1 
ATOM   251  C  CG1 . VAL A 1 34  ? 9.508   10.074  -5.161  1.00 22.94 ? 33   VAL A CG1 1 
ATOM   252  C  CG2 . VAL A 1 34  ? 8.077   11.573  -6.568  1.00 21.37 ? 33   VAL A CG2 1 
ATOM   253  N  N   . THR A 1 35  ? 10.799  14.198  -6.564  1.00 21.29 ? 34   THR A N   1 
ATOM   254  C  CA  . THR A 1 35  ? 10.804  15.407  -7.373  1.00 19.82 ? 34   THR A CA  1 
ATOM   255  C  C   . THR A 1 35  ? 10.682  15.019  -8.837  1.00 20.19 ? 34   THR A C   1 
ATOM   256  O  O   . THR A 1 35  ? 11.043  13.905  -9.224  1.00 18.76 ? 34   THR A O   1 
ATOM   257  C  CB  . THR A 1 35  ? 12.100  16.216  -7.178  1.00 21.41 ? 34   THR A CB  1 
ATOM   258  O  OG1 . THR A 1 35  ? 13.226  15.401  -7.521  1.00 19.40 ? 34   THR A OG1 1 
ATOM   259  C  CG2 . THR A 1 35  ? 12.228  16.683  -5.729  1.00 19.94 ? 34   THR A CG2 1 
ATOM   260  N  N   . PHE A 1 36  ? 10.166  15.935  -9.650  1.00 20.15 ? 35   PHE A N   1 
ATOM   261  C  CA  . PHE A 1 36  ? 10.006  15.673  -11.075 1.00 21.70 ? 35   PHE A CA  1 
ATOM   262  C  C   . PHE A 1 36  ? 10.928  16.578  -11.890 1.00 21.32 ? 35   PHE A C   1 
ATOM   263  O  O   . PHE A 1 36  ? 11.123  17.744  -11.558 1.00 21.68 ? 35   PHE A O   1 
ATOM   264  C  CB  . PHE A 1 36  ? 8.542   15.874  -11.494 1.00 23.93 ? 35   PHE A CB  1 
ATOM   265  C  CG  . PHE A 1 36  ? 7.592   14.901  -10.847 1.00 24.22 ? 35   PHE A CG  1 
ATOM   266  C  CD1 . PHE A 1 36  ? 7.146   15.101  -9.544  1.00 27.27 ? 35   PHE A CD1 1 
ATOM   267  C  CD2 . PHE A 1 36  ? 7.194   13.749  -11.519 1.00 27.15 ? 35   PHE A CD2 1 
ATOM   268  C  CE1 . PHE A 1 36  ? 6.320   14.164  -8.916  1.00 25.56 ? 35   PHE A CE1 1 
ATOM   269  C  CE2 . PHE A 1 36  ? 6.368   12.807  -10.896 1.00 25.82 ? 35   PHE A CE2 1 
ATOM   270  C  CZ  . PHE A 1 36  ? 5.936   13.020  -9.594  1.00 24.58 ? 35   PHE A CZ  1 
ATOM   271  N  N   . PRO A 1 37  ? 11.488  16.051  -12.988 1.00 20.79 ? 36   PRO A N   1 
ATOM   272  C  CA  . PRO A 1 37  ? 11.282  14.678  -13.470 1.00 19.73 ? 36   PRO A CA  1 
ATOM   273  C  C   . PRO A 1 37  ? 11.858  13.586  -12.570 1.00 19.46 ? 36   PRO A C   1 
ATOM   274  O  O   . PRO A 1 37  ? 12.837  13.808  -11.847 1.00 18.37 ? 36   PRO A O   1 
ATOM   275  C  CB  . PRO A 1 37  ? 11.950  14.702  -14.843 1.00 21.46 ? 36   PRO A CB  1 
ATOM   276  C  CG  . PRO A 1 37  ? 13.117  15.661  -14.615 1.00 18.05 ? 36   PRO A CG  1 
ATOM   277  C  CD  . PRO A 1 37  ? 12.435  16.782  -13.855 1.00 20.39 ? 36   PRO A CD  1 
ATOM   278  N  N   . LEU A 1 38  ? 11.245  12.406  -12.620 1.00 18.04 ? 37   LEU A N   1 
ATOM   279  C  CA  . LEU A 1 38  ? 11.705  11.268  -11.833 1.00 17.86 ? 37   LEU A CA  1 
ATOM   280  C  C   . LEU A 1 38  ? 12.989  10.722  -12.444 1.00 17.57 ? 37   LEU A C   1 
ATOM   281  O  O   . LEU A 1 38  ? 13.233  10.879  -13.643 1.00 18.29 ? 37   LEU A O   1 
ATOM   282  C  CB  . LEU A 1 38  ? 10.660  10.143  -11.838 1.00 18.38 ? 37   LEU A CB  1 
ATOM   283  C  CG  . LEU A 1 38  ? 9.230   10.414  -11.370 1.00 18.99 ? 37   LEU A CG  1 
ATOM   284  C  CD1 . LEU A 1 38  ? 8.355   9.190   -11.659 1.00 18.73 ? 37   LEU A CD1 1 
ATOM   285  C  CD2 . LEU A 1 38  ? 9.228   10.742  -9.886  1.00 17.25 ? 37   LEU A CD2 1 
ATOM   286  N  N   . SER A 1 39  ? 13.816  10.083  -11.621 1.00 18.20 ? 38   SER A N   1 
ATOM   287  C  CA  . SER A 1 39  ? 15.048  9.481   -12.114 1.00 16.89 ? 38   SER A CA  1 
ATOM   288  C  C   . SER A 1 39  ? 14.635  8.156   -12.751 1.00 18.55 ? 38   SER A C   1 
ATOM   289  O  O   . SER A 1 39  ? 13.525  7.668   -12.510 1.00 16.85 ? 38   SER A O   1 
ATOM   290  C  CB  . SER A 1 39  ? 15.994  9.183   -10.960 1.00 17.58 ? 38   SER A CB  1 
ATOM   291  O  OG  . SER A 1 39  ? 15.426  8.189   -10.121 1.00 16.36 ? 38   SER A OG  1 
ATOM   292  N  N   . ASP A 1 40  ? 15.515  7.564   -13.550 1.00 18.78 ? 39   ASP A N   1 
ATOM   293  C  CA  . ASP A 1 40  ? 15.186  6.282   -14.155 1.00 20.88 ? 39   ASP A CA  1 
ATOM   294  C  C   . ASP A 1 40  ? 14.941  5.255   -13.050 1.00 19.83 ? 39   ASP A C   1 
ATOM   295  O  O   . ASP A 1 40  ? 14.045  4.415   -13.164 1.00 20.15 ? 39   ASP A O   1 
ATOM   296  C  CB  . ASP A 1 40  ? 16.315  5.798   -15.078 1.00 21.34 ? 39   ASP A CB  1 
ATOM   297  C  CG  . ASP A 1 40  ? 16.445  6.646   -16.348 1.00 22.31 ? 39   ASP A CG  1 
ATOM   298  O  OD1 . ASP A 1 40  ? 15.439  7.247   -16.772 1.00 22.19 ? 39   ASP A OD1 1 
ATOM   299  O  OD2 . ASP A 1 40  ? 17.548  6.691   -16.932 1.00 23.10 ? 39   ASP A OD2 1 
ATOM   300  N  N   . GLN A 1 41  ? 15.728  5.328   -11.977 1.00 20.74 ? 40   GLN A N   1 
ATOM   301  C  CA  . GLN A 1 41  ? 15.581  4.389   -10.865 1.00 21.48 ? 40   GLN A CA  1 
ATOM   302  C  C   . GLN A 1 41  ? 14.238  4.490   -10.157 1.00 18.72 ? 40   GLN A C   1 
ATOM   303  O  O   . GLN A 1 41  ? 13.702  3.489   -9.688  1.00 20.45 ? 40   GLN A O   1 
ATOM   304  C  CB  . GLN A 1 41  ? 16.685  4.581   -9.819  1.00 23.16 ? 40   GLN A CB  1 
ATOM   305  C  CG  . GLN A 1 41  ? 18.052  4.093   -10.223 1.00 26.92 ? 40   GLN A CG  1 
ATOM   306  C  CD  . GLN A 1 41  ? 18.976  3.963   -9.027  1.00 30.96 ? 40   GLN A CD  1 
ATOM   307  O  OE1 . GLN A 1 41  ? 18.927  4.770   -8.097  1.00 26.23 ? 40   GLN A OE1 1 
ATOM   308  N  NE2 . GLN A 1 41  ? 19.832  2.945   -9.050  1.00 32.36 ? 40   GLN A NE2 1 
ATOM   309  N  N   . GLU A 1 42  ? 13.702  5.698   -10.059 1.00 19.09 ? 41   GLU A N   1 
ATOM   310  C  CA  . GLU A 1 42  ? 12.421  5.890   -9.396  1.00 18.65 ? 41   GLU A CA  1 
ATOM   311  C  C   . GLU A 1 42  ? 11.282  5.277   -10.214 1.00 18.85 ? 41   GLU A C   1 
ATOM   312  O  O   . GLU A 1 42  ? 10.310  4.755   -9.661  1.00 20.06 ? 41   GLU A O   1 
ATOM   313  C  CB  . GLU A 1 42  ? 12.190  7.385   -9.148  1.00 17.96 ? 41   GLU A CB  1 
ATOM   314  C  CG  . GLU A 1 42  ? 12.998  7.904   -7.959  1.00 17.36 ? 41   GLU A CG  1 
ATOM   315  C  CD  . GLU A 1 42  ? 12.994  9.409   -7.835  1.00 16.36 ? 41   GLU A CD  1 
ATOM   316  O  OE1 . GLU A 1 42  ? 13.102  9.896   -6.691  1.00 18.75 ? 41   GLU A OE1 1 
ATOM   317  O  OE2 . GLU A 1 42  ? 12.898  10.106  -8.870  1.00 17.41 ? 41   GLU A OE2 1 
ATOM   318  N  N   . ILE A 1 43  ? 11.412  5.335   -11.532 1.00 18.82 ? 42   ILE A N   1 
ATOM   319  C  CA  . ILE A 1 43  ? 10.410  4.763   -12.426 1.00 17.46 ? 42   ILE A CA  1 
ATOM   320  C  C   . ILE A 1 43  ? 10.507  3.237   -12.371 1.00 17.02 ? 42   ILE A C   1 
ATOM   321  O  O   . ILE A 1 43  ? 9.498   2.543   -12.248 1.00 17.77 ? 42   ILE A O   1 
ATOM   322  C  CB  . ILE A 1 43  ? 10.633  5.243   -13.875 1.00 18.54 ? 42   ILE A CB  1 
ATOM   323  C  CG1 . ILE A 1 43  ? 10.373  6.754   -13.960 1.00 18.26 ? 42   ILE A CG1 1 
ATOM   324  C  CG2 . ILE A 1 43  ? 9.731   4.466   -14.832 1.00 19.42 ? 42   ILE A CG2 1 
ATOM   325  C  CD1 . ILE A 1 43  ? 10.767  7.373   -15.289 1.00 21.31 ? 42   ILE A CD1 1 
ATOM   326  N  N   . ILE A 1 44  ? 11.727  2.720   -12.464 1.00 17.68 ? 43   ILE A N   1 
ATOM   327  C  CA  . ILE A 1 44  ? 11.951  1.280   -12.403 1.00 19.44 ? 43   ILE A CA  1 
ATOM   328  C  C   . ILE A 1 44  ? 11.439  0.715   -11.071 1.00 19.98 ? 43   ILE A C   1 
ATOM   329  O  O   . ILE A 1 44  ? 10.814  -0.345  -11.037 1.00 21.07 ? 43   ILE A O   1 
ATOM   330  C  CB  . ILE A 1 44  ? 13.454  0.939   -12.534 1.00 21.23 ? 43   ILE A CB  1 
ATOM   331  C  CG1 . ILE A 1 44  ? 13.971  1.371   -13.911 1.00 22.15 ? 43   ILE A CG1 1 
ATOM   332  C  CG2 . ILE A 1 44  ? 13.671  -0.565  -12.315 1.00 18.24 ? 43   ILE A CG2 1 
ATOM   333  C  CD1 . ILE A 1 44  ? 15.486  1.226   -14.082 1.00 24.39 ? 43   ILE A CD1 1 
ATOM   334  N  N   . LEU A 1 45  ? 11.710  1.422   -9.977  1.00 18.88 ? 44   LEU A N   1 
ATOM   335  C  CA  . LEU A 1 45  ? 11.264  0.972   -8.661  1.00 18.42 ? 44   LEU A CA  1 
ATOM   336  C  C   . LEU A 1 45  ? 9.753   0.777   -8.666  1.00 17.39 ? 44   LEU A C   1 
ATOM   337  O  O   . LEU A 1 45  ? 9.240   -0.229  -8.165  1.00 15.82 ? 44   LEU A O   1 
ATOM   338  C  CB  . LEU A 1 45  ? 11.653  1.986   -7.584  1.00 18.49 ? 44   LEU A CB  1 
ATOM   339  C  CG  . LEU A 1 45  ? 11.189  1.672   -6.155  1.00 17.92 ? 44   LEU A CG  1 
ATOM   340  C  CD1 . LEU A 1 45  ? 11.800  0.366   -5.664  1.00 21.34 ? 44   LEU A CD1 1 
ATOM   341  C  CD2 . LEU A 1 45  ? 11.590  2.820   -5.244  1.00 17.20 ? 44   LEU A CD2 1 
ATOM   342  N  N   . GLY A 1 46  ? 9.040   1.745   -9.233  1.00 17.14 ? 45   GLY A N   1 
ATOM   343  C  CA  . GLY A 1 46  ? 7.595   1.639   -9.292  1.00 19.05 ? 45   GLY A CA  1 
ATOM   344  C  C   . GLY A 1 46  ? 7.206   0.377   -10.036 1.00 20.38 ? 45   GLY A C   1 
ATOM   345  O  O   . GLY A 1 46  ? 6.343   -0.386  -9.594  1.00 22.77 ? 45   GLY A O   1 
ATOM   346  N  N   . GLU A 1 47  ? 7.863   0.151   -11.168 1.00 19.15 ? 46   GLU A N   1 
ATOM   347  C  CA  . GLU A 1 47  ? 7.601   -1.021  -11.988 1.00 21.39 ? 46   GLU A CA  1 
ATOM   348  C  C   . GLU A 1 47  ? 7.956   -2.320  -11.260 1.00 22.08 ? 46   GLU A C   1 
ATOM   349  O  O   . GLU A 1 47  ? 7.216   -3.306  -11.350 1.00 24.13 ? 46   GLU A O   1 
ATOM   350  C  CB  . GLU A 1 47  ? 8.383   -0.915  -13.301 1.00 24.13 ? 46   GLU A CB  1 
ATOM   351  C  CG  . GLU A 1 47  ? 8.119   0.382   -14.049 1.00 27.22 ? 46   GLU A CG  1 
ATOM   352  C  CD  . GLU A 1 47  ? 8.853   0.452   -15.372 1.00 31.68 ? 46   GLU A CD  1 
ATOM   353  O  OE1 . GLU A 1 47  ? 10.020  0.010   -15.430 1.00 31.26 ? 46   GLU A OE1 1 
ATOM   354  O  OE2 . GLU A 1 47  ? 8.266   0.966   -16.351 1.00 33.50 ? 46   GLU A OE2 1 
ATOM   355  N  N   . LYS A 1 48  ? 9.077   -2.323  -10.539 1.00 20.17 ? 47   LYS A N   1 
ATOM   356  C  CA  . LYS A 1 48  ? 9.492   -3.513  -9.791  1.00 21.24 ? 47   LYS A CA  1 
ATOM   357  C  C   . LYS A 1 48  ? 8.445   -3.851  -8.728  1.00 21.51 ? 47   LYS A C   1 
ATOM   358  O  O   . LYS A 1 48  ? 8.113   -5.022  -8.501  1.00 20.84 ? 47   LYS A O   1 
ATOM   359  C  CB  . LYS A 1 48  ? 10.841  -3.281  -9.103  1.00 22.52 ? 47   LYS A CB  1 
ATOM   360  C  CG  . LYS A 1 48  ? 12.024  -3.072  -10.041 1.00 24.61 ? 47   LYS A CG  1 
ATOM   361  C  CD  . LYS A 1 48  ? 12.360  -4.337  -10.792 1.00 26.73 ? 47   LYS A CD  1 
ATOM   362  C  CE  . LYS A 1 48  ? 13.777  -4.276  -11.351 1.00 27.61 ? 47   LYS A CE  1 
ATOM   363  N  NZ  . LYS A 1 48  ? 14.161  -5.581  -11.955 1.00 28.05 ? 47   LYS A NZ  1 
ATOM   364  N  N   . MET A 1 49  ? 7.936   -2.814  -8.072  1.00 21.48 ? 48   MET A N   1 
ATOM   365  C  CA  . MET A 1 49  ? 6.929   -2.985  -7.033  1.00 21.48 ? 48   MET A CA  1 
ATOM   366  C  C   . MET A 1 49  ? 5.679   -3.650  -7.595  1.00 21.58 ? 48   MET A C   1 
ATOM   367  O  O   . MET A 1 49  ? 5.175   -4.622  -7.026  1.00 21.60 ? 48   MET A O   1 
ATOM   368  C  CB  . MET A 1 49  ? 6.592   -1.624  -6.411  1.00 21.93 ? 48   MET A CB  1 
ATOM   369  C  CG  . MET A 1 49  ? 7.756   -1.056  -5.601  1.00 21.11 ? 48   MET A CG  1 
ATOM   370  S  SD  . MET A 1 49  ? 7.518   0.613   -4.980  1.00 21.24 ? 48   MET A SD  1 
ATOM   371  C  CE  . MET A 1 49  ? 6.085   0.392   -3.906  1.00 18.01 ? 48   MET A CE  1 
ATOM   372  N  N   . MET A 1 50  ? 5.191   -3.133  -8.717  1.00 21.93 ? 49   MET A N   1 
ATOM   373  C  CA  . MET A 1 50  ? 4.004   -3.685  -9.355  1.00 23.68 ? 49   MET A CA  1 
ATOM   374  C  C   . MET A 1 50  ? 4.255   -5.130  -9.781  1.00 24.57 ? 49   MET A C   1 
ATOM   375  O  O   . MET A 1 50  ? 3.379   -5.990  -9.646  1.00 23.59 ? 49   MET A O   1 
ATOM   376  C  CB  . MET A 1 50  ? 3.619   -2.847  -10.576 1.00 23.66 ? 49   MET A CB  1 
ATOM   377  C  CG  . MET A 1 50  ? 2.360   -3.333  -11.292 1.00 24.01 ? 49   MET A CG  1 
ATOM   378  S  SD  . MET A 1 50  ? 0.898   -3.306  -10.227 1.00 22.53 ? 49   MET A SD  1 
ATOM   379  C  CE  . MET A 1 50  ? 0.529   -1.563  -10.215 1.00 19.94 ? 49   MET A CE  1 
ATOM   380  N  N   . GLN A 1 51  ? 5.450   -5.393  -10.300 1.00 25.07 ? 50   GLN A N   1 
ATOM   381  C  CA  . GLN A 1 51  ? 5.797   -6.741  -10.727 1.00 27.03 ? 50   GLN A CA  1 
ATOM   382  C  C   . GLN A 1 51  ? 5.724   -7.671  -9.519  1.00 25.93 ? 50   GLN A C   1 
ATOM   383  O  O   . GLN A 1 51  ? 5.287   -8.815  -9.632  1.00 26.93 ? 50   GLN A O   1 
ATOM   384  C  CB  . GLN A 1 51  ? 7.201   -6.769  -11.334 1.00 28.77 ? 50   GLN A CB  1 
ATOM   385  C  CG  . GLN A 1 51  ? 7.588   -8.110  -11.936 1.00 32.45 ? 50   GLN A CG  1 
ATOM   386  C  CD  . GLN A 1 51  ? 6.573   -8.609  -12.950 1.00 34.91 ? 50   GLN A CD  1 
ATOM   387  O  OE1 . GLN A 1 51  ? 5.493   -9.079  -12.591 1.00 38.42 ? 50   GLN A OE1 1 
ATOM   388  N  NE2 . GLN A 1 51  ? 6.912   -8.496  -14.227 1.00 37.64 ? 50   GLN A NE2 1 
ATOM   389  N  N   . PHE A 1 52  ? 6.161   -7.176  -8.363  1.00 24.81 ? 51   PHE A N   1 
ATOM   390  C  CA  . PHE A 1 52  ? 6.113   -7.966  -7.137  1.00 24.46 ? 51   PHE A CA  1 
ATOM   391  C  C   . PHE A 1 52  ? 4.673   -8.334  -6.808  1.00 25.14 ? 51   PHE A C   1 
ATOM   392  O  O   . PHE A 1 52  ? 4.374   -9.488  -6.489  1.00 25.64 ? 51   PHE A O   1 
ATOM   393  C  CB  . PHE A 1 52  ? 6.688   -7.189  -5.952  1.00 25.35 ? 51   PHE A CB  1 
ATOM   394  C  CG  . PHE A 1 52  ? 6.357   -7.805  -4.617  1.00 26.00 ? 51   PHE A CG  1 
ATOM   395  C  CD1 . PHE A 1 52  ? 7.075   -8.899  -4.142  1.00 26.99 ? 51   PHE A CD1 1 
ATOM   396  C  CD2 . PHE A 1 52  ? 5.290   -7.326  -3.859  1.00 27.57 ? 51   PHE A CD2 1 
ATOM   397  C  CE1 . PHE A 1 52  ? 6.735   -9.510  -2.934  1.00 28.00 ? 51   PHE A CE1 1 
ATOM   398  C  CE2 . PHE A 1 52  ? 4.937   -7.931  -2.650  1.00 27.58 ? 51   PHE A CE2 1 
ATOM   399  C  CZ  . PHE A 1 52  ? 5.663   -9.026  -2.187  1.00 28.23 ? 51   PHE A CZ  1 
ATOM   400  N  N   . LEU A 1 53  ? 3.786   -7.344  -6.864  1.00 24.01 ? 52   LEU A N   1 
ATOM   401  C  CA  . LEU A 1 53  ? 2.381   -7.573  -6.564  1.00 24.91 ? 52   LEU A CA  1 
ATOM   402  C  C   . LEU A 1 53  ? 1.801   -8.648  -7.469  1.00 25.72 ? 52   LEU A C   1 
ATOM   403  O  O   . LEU A 1 53  ? 1.097   -9.545  -7.006  1.00 23.81 ? 52   LEU A O   1 
ATOM   404  C  CB  . LEU A 1 53  ? 1.583   -6.274  -6.711  1.00 24.84 ? 52   LEU A CB  1 
ATOM   405  C  CG  . LEU A 1 53  ? 1.882   -5.211  -5.652  1.00 23.73 ? 52   LEU A CG  1 
ATOM   406  C  CD1 . LEU A 1 53  ? 1.003   -3.995  -5.891  1.00 21.96 ? 52   LEU A CD1 1 
ATOM   407  C  CD2 . LEU A 1 53  ? 1.635   -5.787  -4.253  1.00 24.42 ? 52   LEU A CD2 1 
ATOM   408  N  N   . LYS A 1 54  ? 2.100   -8.563  -8.759  1.00 25.97 ? 53   LYS A N   1 
ATOM   409  C  CA  . LYS A 1 54  ? 1.594   -9.553  -9.697  1.00 27.90 ? 53   LYS A CA  1 
ATOM   410  C  C   . LYS A 1 54  ? 2.148   -10.936 -9.365  1.00 28.20 ? 53   LYS A C   1 
ATOM   411  O  O   . LYS A 1 54  ? 1.403   -11.916 -9.332  1.00 29.14 ? 53   LYS A O   1 
ATOM   412  C  CB  . LYS A 1 54  ? 1.934   -9.141  -11.129 1.00 29.32 ? 53   LYS A CB  1 
ATOM   413  C  CG  . LYS A 1 54  ? 1.225   -7.857  -11.525 1.00 29.94 ? 53   LYS A CG  1 
ATOM   414  C  CD  . LYS A 1 54  ? 1.372   -7.513  -12.987 1.00 34.04 ? 53   LYS A CD  1 
ATOM   415  C  CE  . LYS A 1 54  ? 0.636   -6.212  -13.282 1.00 34.80 ? 53   LYS A CE  1 
ATOM   416  N  NZ  . LYS A 1 54  ? 0.825   -5.750  -14.684 1.00 38.75 ? 53   LYS A NZ  1 
ATOM   417  N  N   . HIS A 1 55  ? 3.448   -11.012 -9.102  1.00 26.97 ? 54   HIS A N   1 
ATOM   418  C  CA  . HIS A 1 55  ? 4.063   -12.284 -8.741  1.00 28.38 ? 54   HIS A CA  1 
ATOM   419  C  C   . HIS A 1 55  ? 3.368   -12.860 -7.506  1.00 28.18 ? 54   HIS A C   1 
ATOM   420  O  O   . HIS A 1 55  ? 2.998   -14.028 -7.485  1.00 29.78 ? 54   HIS A O   1 
ATOM   421  C  CB  . HIS A 1 55  ? 5.552   -12.094 -8.437  1.00 26.75 ? 54   HIS A CB  1 
ATOM   422  C  CG  . HIS A 1 55  ? 6.408   -11.935 -9.654  1.00 28.28 ? 54   HIS A CG  1 
ATOM   423  N  ND1 . HIS A 1 55  ? 7.734   -11.565 -9.585  1.00 28.21 ? 54   HIS A ND1 1 
ATOM   424  C  CD2 . HIS A 1 55  ? 6.134   -12.109 -10.968 1.00 30.76 ? 54   HIS A CD2 1 
ATOM   425  C  CE1 . HIS A 1 55  ? 8.239   -11.515 -10.804 1.00 29.32 ? 54   HIS A CE1 1 
ATOM   426  N  NE2 . HIS A 1 55  ? 7.291   -11.841 -11.663 1.00 29.63 ? 54   HIS A NE2 1 
ATOM   427  N  N   . SER A 1 56  ? 3.191   -12.027 -6.484  1.00 28.32 ? 55   SER A N   1 
ATOM   428  C  CA  . SER A 1 56  ? 2.558   -12.448 -5.237  1.00 29.31 ? 55   SER A CA  1 
ATOM   429  C  C   . SER A 1 56  ? 1.128   -12.924 -5.452  1.00 30.07 ? 55   SER A C   1 
ATOM   430  O  O   . SER A 1 56  ? 0.578   -13.656 -4.626  1.00 30.21 ? 55   SER A O   1 
ATOM   431  C  CB  . SER A 1 56  ? 2.543   -11.297 -4.225  1.00 29.31 ? 55   SER A CB  1 
ATOM   432  O  OG  . SER A 1 56  ? 1.510   -10.374 -4.530  1.00 30.63 ? 55   SER A OG  1 
ATOM   433  N  N   . GLN A 1 57  ? 0.523   -12.506 -6.558  1.00 30.94 ? 56   GLN A N   1 
ATOM   434  C  CA  . GLN A 1 57  ? -0.846  -12.899 -6.845  1.00 31.63 ? 56   GLN A CA  1 
ATOM   435  C  C   . GLN A 1 57  ? -0.939  -14.115 -7.752  1.00 33.28 ? 56   GLN A C   1 
ATOM   436  O  O   . GLN A 1 57  ? -2.028  -14.639 -7.991  1.00 34.11 ? 56   GLN A O   1 
ATOM   437  C  CB  . GLN A 1 57  ? -1.620  -11.719 -7.438  1.00 31.21 ? 56   GLN A CB  1 
ATOM   438  C  CG  . GLN A 1 57  ? -2.084  -10.723 -6.374  1.00 30.66 ? 56   GLN A CG  1 
ATOM   439  C  CD  . GLN A 1 57  ? -2.734  -9.484  -6.962  1.00 29.58 ? 56   GLN A CD  1 
ATOM   440  O  OE1 . GLN A 1 57  ? -3.433  -9.556  -7.970  1.00 28.54 ? 56   GLN A OE1 1 
ATOM   441  N  NE2 . GLN A 1 57  ? -2.516  -8.340  -6.319  1.00 30.71 ? 56   GLN A NE2 1 
ATOM   442  N  N   . ASP A 1 58  ? 0.204   -14.566 -8.254  1.00 33.26 ? 57   ASP A N   1 
ATOM   443  C  CA  . ASP A 1 58  ? 0.229   -15.736 -9.118  1.00 34.15 ? 57   ASP A CA  1 
ATOM   444  C  C   . ASP A 1 58  ? 0.517   -16.972 -8.273  1.00 34.07 ? 57   ASP A C   1 
ATOM   445  O  O   . ASP A 1 58  ? 1.505   -17.020 -7.542  1.00 32.20 ? 57   ASP A O   1 
ATOM   446  C  CB  . ASP A 1 58  ? 1.305   -15.598 -10.191 1.00 35.64 ? 57   ASP A CB  1 
ATOM   447  C  CG  . ASP A 1 58  ? 1.336   -16.786 -11.129 1.00 36.62 ? 57   ASP A CG  1 
ATOM   448  O  OD1 . ASP A 1 58  ? 0.572   -16.787 -12.117 1.00 35.81 ? 57   ASP A OD1 1 
ATOM   449  O  OD2 . ASP A 1 58  ? 2.112   -17.726 -10.863 1.00 36.86 ? 57   ASP A OD2 1 
ATOM   450  N  N   . PRO A 1 59  ? -0.346  -17.993 -8.368  1.00 35.70 ? 58   PRO A N   1 
ATOM   451  C  CA  . PRO A 1 59  ? -0.192  -19.241 -7.608  1.00 36.47 ? 58   PRO A CA  1 
ATOM   452  C  C   . PRO A 1 59  ? 1.211   -19.849 -7.695  1.00 36.07 ? 58   PRO A C   1 
ATOM   453  O  O   . PRO A 1 59  ? 1.885   -20.026 -6.677  1.00 35.87 ? 58   PRO A O   1 
ATOM   454  C  CB  . PRO A 1 59  ? -1.255  -20.150 -8.221  1.00 36.86 ? 58   PRO A CB  1 
ATOM   455  C  CG  . PRO A 1 59  ? -2.321  -19.184 -8.640  1.00 36.90 ? 58   PRO A CG  1 
ATOM   456  C  CD  . PRO A 1 59  ? -1.518  -18.065 -9.260  1.00 35.65 ? 58   PRO A CD  1 
ATOM   457  N  N   . VAL A 1 60  ? 1.646   -20.166 -8.911  1.00 36.17 ? 59   VAL A N   1 
ATOM   458  C  CA  . VAL A 1 60  ? 2.965   -20.759 -9.108  1.00 36.08 ? 59   VAL A CA  1 
ATOM   459  C  C   . VAL A 1 60  ? 4.106   -19.818 -8.720  1.00 35.39 ? 59   VAL A C   1 
ATOM   460  O  O   . VAL A 1 60  ? 5.069   -20.233 -8.079  1.00 33.85 ? 59   VAL A O   1 
ATOM   461  C  CB  . VAL A 1 60  ? 3.142   -21.250 -10.578 1.00 37.89 ? 59   VAL A CB  1 
ATOM   462  C  CG1 . VAL A 1 60  ? 2.387   -20.352 -11.529 1.00 38.94 ? 59   VAL A CG1 1 
ATOM   463  C  CG2 . VAL A 1 60  ? 4.619   -21.289 -10.949 1.00 37.88 ? 59   VAL A CG2 1 
ATOM   464  N  N   . MET A 1 61  ? 3.985   -18.549 -9.097  1.00 35.76 ? 60   MET A N   1 
ATOM   465  C  CA  . MET A 1 61  ? 4.999   -17.551 -8.785  1.00 36.11 ? 60   MET A CA  1 
ATOM   466  C  C   . MET A 1 61  ? 5.169   -17.383 -7.275  1.00 35.33 ? 60   MET A C   1 
ATOM   467  O  O   . MET A 1 61  ? 6.271   -17.523 -6.741  1.00 34.23 ? 60   MET A O   1 
ATOM   468  C  CB  . MET A 1 61  ? 4.600   -16.210 -9.404  1.00 40.20 ? 60   MET A CB  1 
ATOM   469  C  CG  . MET A 1 61  ? 5.635   -15.614 -10.330 1.00 43.00 ? 60   MET A CG  1 
ATOM   470  S  SD  . MET A 1 61  ? 6.214   -16.808 -11.542 1.00 47.43 ? 60   MET A SD  1 
ATOM   471  C  CE  . MET A 1 61  ? 7.909   -16.971 -11.038 1.00 44.90 ? 60   MET A CE  1 
ATOM   472  N  N   . ALA A 1 62  ? 4.067   -17.083 -6.595  1.00 34.78 ? 61   ALA A N   1 
ATOM   473  C  CA  . ALA A 1 62  ? 4.083   -16.880 -5.150  1.00 34.90 ? 61   ALA A CA  1 
ATOM   474  C  C   . ALA A 1 62  ? 4.671   -18.076 -4.414  1.00 34.60 ? 61   ALA A C   1 
ATOM   475  O  O   . ALA A 1 62  ? 5.376   -17.920 -3.416  1.00 35.16 ? 61   ALA A O   1 
ATOM   476  C  CB  . ALA A 1 62  ? 2.664   -16.610 -4.653  1.00 35.83 ? 61   ALA A CB  1 
ATOM   477  N  N   . GLU A 1 63  ? 4.369   -19.269 -4.915  1.00 34.64 ? 62   GLU A N   1 
ATOM   478  C  CA  . GLU A 1 63  ? 4.848   -20.510 -4.314  1.00 35.72 ? 62   GLU A CA  1 
ATOM   479  C  C   . GLU A 1 63  ? 6.370   -20.627 -4.431  1.00 34.25 ? 62   GLU A C   1 
ATOM   480  O  O   . GLU A 1 63  ? 7.075   -20.772 -3.431  1.00 33.91 ? 62   GLU A O   1 
ATOM   481  C  CB  . GLU A 1 63  ? 4.183   -21.703 -5.009  1.00 37.72 ? 62   GLU A CB  1 
ATOM   482  C  CG  . GLU A 1 63  ? 3.889   -22.891 -4.112  1.00 42.64 ? 62   GLU A CG  1 
ATOM   483  C  CD  . GLU A 1 63  ? 5.123   -23.452 -3.439  1.00 45.43 ? 62   GLU A CD  1 
ATOM   484  O  OE1 . GLU A 1 63  ? 5.695   -22.760 -2.571  1.00 48.50 ? 62   GLU A OE1 1 
ATOM   485  O  OE2 . GLU A 1 63  ? 5.520   -24.588 -3.776  1.00 47.82 ? 62   GLU A OE2 1 
ATOM   486  N  N   . LYS A 1 64  ? 6.870   -20.558 -5.661  1.00 33.52 ? 63   LYS A N   1 
ATOM   487  C  CA  . LYS A 1 64  ? 8.304   -20.662 -5.930  1.00 32.72 ? 63   LYS A CA  1 
ATOM   488  C  C   . LYS A 1 64  ? 9.136   -19.600 -5.208  1.00 31.44 ? 63   LYS A C   1 
ATOM   489  O  O   . LYS A 1 64  ? 10.216  -19.891 -4.685  1.00 29.55 ? 63   LYS A O   1 
ATOM   490  C  CB  . LYS A 1 64  ? 8.558   -20.555 -7.438  1.00 32.40 ? 63   LYS A CB  1 
ATOM   491  C  CG  . LYS A 1 64  ? 10.034  -20.598 -7.827  1.00 35.49 ? 63   LYS A CG  1 
ATOM   492  C  CD  . LYS A 1 64  ? 10.640  -21.975 -7.586  1.00 34.12 ? 63   LYS A CD  1 
ATOM   493  C  CE  . LYS A 1 64  ? 12.140  -21.975 -7.841  1.00 36.16 ? 63   LYS A CE  1 
ATOM   494  N  NZ  . LYS A 1 64  ? 12.714  -23.352 -7.831  1.00 32.54 ? 63   LYS A NZ  1 
ATOM   495  N  N   . MET A 1 65  ? 8.625   -18.373 -5.178  1.00 30.96 ? 64   MET A N   1 
ATOM   496  C  CA  . MET A 1 65  ? 9.335   -17.263 -4.548  1.00 31.27 ? 64   MET A CA  1 
ATOM   497  C  C   . MET A 1 65  ? 9.020   -17.070 -3.063  1.00 31.50 ? 64   MET A C   1 
ATOM   498  O  O   . MET A 1 65  ? 9.520   -16.133 -2.436  1.00 32.74 ? 64   MET A O   1 
ATOM   499  C  CB  . MET A 1 65  ? 9.045   -15.967 -5.322  1.00 30.50 ? 64   MET A CB  1 
ATOM   500  C  CG  . MET A 1 65  ? 9.507   -15.999 -6.784  1.00 30.39 ? 64   MET A CG  1 
ATOM   501  S  SD  . MET A 1 65  ? 8.950   -14.582 -7.782  1.00 33.49 ? 64   MET A SD  1 
ATOM   502  C  CE  . MET A 1 65  ? 9.929   -13.256 -7.050  1.00 31.25 ? 64   MET A CE  1 
ATOM   503  N  N   . GLY A 1 66  ? 8.200   -17.958 -2.500  1.00 30.23 ? 65   GLY A N   1 
ATOM   504  C  CA  . GLY A 1 66  ? 7.847   -17.855 -1.094  1.00 30.65 ? 65   GLY A CA  1 
ATOM   505  C  C   . GLY A 1 66  ? 7.231   -16.511 -0.749  1.00 29.86 ? 65   GLY A C   1 
ATOM   506  O  O   . GLY A 1 66  ? 7.498   -15.942 0.312   1.00 30.06 ? 65   GLY A O   1 
ATOM   507  N  N   . LEU A 1 67  ? 6.388   -16.017 -1.650  1.00 30.27 ? 66   LEU A N   1 
ATOM   508  C  CA  . LEU A 1 67  ? 5.724   -14.725 -1.502  1.00 29.79 ? 66   LEU A CA  1 
ATOM   509  C  C   . LEU A 1 67  ? 4.388   -14.729 -0.778  1.00 31.80 ? 66   LEU A C   1 
ATOM   510  O  O   . LEU A 1 67  ? 3.565   -15.631 -0.965  1.00 30.72 ? 66   LEU A O   1 
ATOM   511  C  CB  . LEU A 1 67  ? 5.477   -14.114 -2.883  1.00 28.42 ? 66   LEU A CB  1 
ATOM   512  C  CG  . LEU A 1 67  ? 6.501   -13.217 -3.568  1.00 28.39 ? 66   LEU A CG  1 
ATOM   513  C  CD1 . LEU A 1 67  ? 7.900   -13.721 -3.337  1.00 26.55 ? 66   LEU A CD1 1 
ATOM   514  C  CD2 . LEU A 1 67  ? 6.162   -13.150 -5.046  1.00 25.31 ? 66   LEU A CD2 1 
ATOM   515  N  N   . ARG A 1 68  ? 4.175   -13.701 0.039   1.00 30.91 ? 67   ARG A N   1 
ATOM   516  C  CA  . ARG A 1 68  ? 2.905   -13.535 0.726   1.00 32.29 ? 67   ARG A CA  1 
ATOM   517  C  C   . ARG A 1 68  ? 2.062   -12.737 -0.264  1.00 32.63 ? 67   ARG A C   1 
ATOM   518  O  O   . ARG A 1 68  ? 2.554   -11.778 -0.865  1.00 32.14 ? 67   ARG A O   1 
ATOM   519  C  CB  . ARG A 1 68  ? 3.074   -12.739 2.024   1.00 32.47 ? 67   ARG A CB  1 
ATOM   520  C  CG  . ARG A 1 68  ? 3.227   -13.603 3.266   1.00 35.00 ? 67   ARG A CG  1 
ATOM   521  C  CD  . ARG A 1 68  ? 2.337   -13.088 4.389   1.00 37.00 ? 67   ARG A CD  1 
ATOM   522  N  NE  . ARG A 1 68  ? 2.994   -12.088 5.226   1.00 38.48 ? 67   ARG A NE  1 
ATOM   523  C  CZ  . ARG A 1 68  ? 2.347   -11.233 6.012   1.00 36.56 ? 67   ARG A CZ  1 
ATOM   524  N  NH1 . ARG A 1 68  ? 1.021   -11.244 6.062   1.00 35.40 ? 67   ARG A NH1 1 
ATOM   525  N  NH2 . ARG A 1 68  ? 3.026   -10.380 6.764   1.00 36.43 ? 67   ARG A NH2 1 
ATOM   526  N  N   . GLY A 1 69  ? 0.810   -13.135 -0.455  1.00 31.16 ? 68   GLY A N   1 
ATOM   527  C  CA  . GLY A 1 69  ? -0.043  -12.414 -1.384  1.00 31.19 ? 68   GLY A CA  1 
ATOM   528  C  C   . GLY A 1 69  ? -0.273  -10.969 -0.965  1.00 30.31 ? 68   GLY A C   1 
ATOM   529  O  O   . GLY A 1 69  ? -0.464  -10.682 0.216   1.00 30.88 ? 68   GLY A O   1 
ATOM   530  N  N   . GLY A 1 70  ? -0.256  -10.053 -1.930  1.00 30.10 ? 69   GLY A N   1 
ATOM   531  C  CA  . GLY A 1 70  ? -0.478  -8.651  -1.616  1.00 27.49 ? 69   GLY A CA  1 
ATOM   532  C  C   . GLY A 1 70  ? -1.207  -7.883  -2.706  1.00 26.95 ? 69   GLY A C   1 
ATOM   533  O  O   . GLY A 1 70  ? -1.103  -8.218  -3.889  1.00 27.44 ? 69   GLY A O   1 
ATOM   534  N  N   . VAL A 1 71  ? -1.961  -6.860  -2.304  1.00 24.49 ? 70   VAL A N   1 
ATOM   535  C  CA  . VAL A 1 71  ? -2.697  -6.023  -3.242  1.00 23.95 ? 70   VAL A CA  1 
ATOM   536  C  C   . VAL A 1 71  ? -2.166  -4.591  -3.180  1.00 22.74 ? 70   VAL A C   1 
ATOM   537  O  O   . VAL A 1 71  ? -2.666  -3.701  -3.863  1.00 22.33 ? 70   VAL A O   1 
ATOM   538  C  CB  . VAL A 1 71  ? -4.216  -6.010  -2.926  1.00 25.40 ? 70   VAL A CB  1 
ATOM   539  C  CG1 . VAL A 1 71  ? -4.789  -7.427  -3.068  1.00 24.78 ? 70   VAL A CG1 1 
ATOM   540  C  CG2 . VAL A 1 71  ? -4.458  -5.469  -1.525  1.00 24.24 ? 70   VAL A CG2 1 
ATOM   541  N  N   . GLY A 1 72  ? -1.144  -4.381  -2.359  1.00 21.67 ? 71   GLY A N   1 
ATOM   542  C  CA  . GLY A 1 72  ? -0.563  -3.058  -2.236  1.00 21.63 ? 71   GLY A CA  1 
ATOM   543  C  C   . GLY A 1 72  ? 0.843   -3.124  -1.677  1.00 22.31 ? 71   GLY A C   1 
ATOM   544  O  O   . GLY A 1 72  ? 1.188   -4.070  -0.972  1.00 22.00 ? 71   GLY A O   1 
ATOM   545  N  N   . LEU A 1 73  ? 1.662   -2.126  -1.993  1.00 20.58 ? 72   LEU A N   1 
ATOM   546  C  CA  . LEU A 1 73  ? 3.032   -2.083  -1.496  1.00 20.96 ? 72   LEU A CA  1 
ATOM   547  C  C   . LEU A 1 73  ? 3.529   -0.638  -1.506  1.00 20.56 ? 72   LEU A C   1 
ATOM   548  O  O   . LEU A 1 73  ? 3.213   0.121   -2.425  1.00 19.85 ? 72   LEU A O   1 
ATOM   549  C  CB  . LEU A 1 73  ? 3.941   -2.956  -2.372  1.00 20.42 ? 72   LEU A CB  1 
ATOM   550  C  CG  . LEU A 1 73  ? 5.386   -3.106  -1.882  1.00 20.71 ? 72   LEU A CG  1 
ATOM   551  C  CD1 . LEU A 1 73  ? 5.398   -3.894  -0.590  1.00 21.55 ? 72   LEU A CD1 1 
ATOM   552  C  CD2 . LEU A 1 73  ? 6.228   -3.808  -2.943  1.00 20.99 ? 72   LEU A CD2 1 
ATOM   553  N  N   . ALA A 1 74  ? 4.289   -0.260  -0.474  1.00 18.21 ? 73   ALA A N   1 
ATOM   554  C  CA  . ALA A 1 74  ? 4.830   1.092   -0.366  1.00 19.93 ? 73   ALA A CA  1 
ATOM   555  C  C   . ALA A 1 74  ? 6.353   1.048   -0.260  1.00 20.30 ? 73   ALA A C   1 
ATOM   556  O  O   . ALA A 1 74  ? 6.910   0.167   0.399   1.00 21.15 ? 73   ALA A O   1 
ATOM   557  C  CB  . ALA A 1 74  ? 4.228   1.807   0.852   1.00 16.95 ? 73   ALA A CB  1 
ATOM   558  N  N   . ALA A 1 75  ? 7.018   2.002   -0.906  1.00 20.08 ? 74   ALA A N   1 
ATOM   559  C  CA  . ALA A 1 75  ? 8.478   2.063   -0.913  1.00 21.30 ? 74   ALA A CA  1 
ATOM   560  C  C   . ALA A 1 75  ? 9.133   1.871   0.460   1.00 22.80 ? 74   ALA A C   1 
ATOM   561  O  O   . ALA A 1 75  ? 10.148  1.181   0.574   1.00 23.42 ? 74   ALA A O   1 
ATOM   562  C  CB  . ALA A 1 75  ? 8.937   3.379   -1.533  1.00 21.85 ? 74   ALA A CB  1 
ATOM   563  N  N   . PRO A 1 76  ? 8.578   2.495   1.515   1.00 23.55 ? 75   PRO A N   1 
ATOM   564  C  CA  . PRO A 1 76  ? 9.173   2.333   2.845   1.00 24.15 ? 75   PRO A CA  1 
ATOM   565  C  C   . PRO A 1 76  ? 9.358   0.863   3.229   1.00 24.82 ? 75   PRO A C   1 
ATOM   566  O  O   . PRO A 1 76  ? 10.346  0.505   3.874   1.00 24.70 ? 75   PRO A O   1 
ATOM   567  C  CB  . PRO A 1 76  ? 8.181   3.058   3.748   1.00 23.61 ? 75   PRO A CB  1 
ATOM   568  C  CG  . PRO A 1 76  ? 7.766   4.214   2.872   1.00 24.37 ? 75   PRO A CG  1 
ATOM   569  C  CD  . PRO A 1 76  ? 7.514   3.518   1.544   1.00 23.24 ? 75   PRO A CD  1 
ATOM   570  N  N   . GLN A 1 77  ? 8.419   0.016   2.815   1.00 23.56 ? 76   GLN A N   1 
ATOM   571  C  CA  . GLN A 1 77  ? 8.495   -1.413  3.116   1.00 23.95 ? 76   GLN A CA  1 
ATOM   572  C  C   . GLN A 1 77  ? 9.730   -2.078  2.506   1.00 24.43 ? 76   GLN A C   1 
ATOM   573  O  O   . GLN A 1 77  ? 10.084  -3.198  2.877   1.00 25.97 ? 76   GLN A O   1 
ATOM   574  C  CB  . GLN A 1 77  ? 7.234   -2.128  2.631   1.00 22.20 ? 76   GLN A CB  1 
ATOM   575  C  CG  . GLN A 1 77  ? 5.981   -1.750  3.408   1.00 24.81 ? 76   GLN A CG  1 
ATOM   576  C  CD  . GLN A 1 77  ? 4.746   -2.483  2.927   1.00 25.02 ? 76   GLN A CD  1 
ATOM   577  O  OE1 . GLN A 1 77  ? 4.195   -2.174  1.866   1.00 23.55 ? 76   GLN A OE1 1 
ATOM   578  N  NE2 . GLN A 1 77  ? 4.309   -3.471  3.702   1.00 24.45 ? 76   GLN A NE2 1 
ATOM   579  N  N   . LEU A 1 78  ? 10.374  -1.389  1.570   1.00 23.28 ? 77   LEU A N   1 
ATOM   580  C  CA  . LEU A 1 78  ? 11.572  -1.907  0.915   1.00 23.83 ? 77   LEU A CA  1 
ATOM   581  C  C   . LEU A 1 78  ? 12.775  -1.127  1.437   1.00 23.12 ? 77   LEU A C   1 
ATOM   582  O  O   . LEU A 1 78  ? 13.866  -1.170  0.862   1.00 22.96 ? 77   LEU A O   1 
ATOM   583  C  CB  . LEU A 1 78  ? 11.453  -1.742  -0.610  1.00 22.16 ? 77   LEU A CB  1 
ATOM   584  C  CG  . LEU A 1 78  ? 10.286  -2.485  -1.274  1.00 24.74 ? 77   LEU A CG  1 
ATOM   585  C  CD1 . LEU A 1 78  ? 10.123  -2.021  -2.720  1.00 22.75 ? 77   LEU A CD1 1 
ATOM   586  C  CD2 . LEU A 1 78  ? 10.534  -3.985  -1.216  1.00 20.85 ? 77   LEU A CD2 1 
ATOM   587  N  N   . ASP A 1 79  ? 12.551  -0.421  2.540   1.00 23.00 ? 78   ASP A N   1 
ATOM   588  C  CA  . ASP A 1 79  ? 13.554  0.405   3.194   1.00 25.49 ? 78   ASP A CA  1 
ATOM   589  C  C   . ASP A 1 79  ? 13.945  1.597   2.322   1.00 24.72 ? 78   ASP A C   1 
ATOM   590  O  O   . ASP A 1 79  ? 15.065  2.097   2.399   1.00 23.98 ? 78   ASP A O   1 
ATOM   591  C  CB  . ASP A 1 79  ? 14.789  -0.426  3.562   1.00 25.57 ? 78   ASP A CB  1 
ATOM   592  C  CG  . ASP A 1 79  ? 15.554  0.165   4.736   1.00 28.87 ? 78   ASP A CG  1 
ATOM   593  O  OD1 . ASP A 1 79  ? 14.945  0.921   5.518   1.00 28.35 ? 78   ASP A OD1 1 
ATOM   594  O  OD2 . ASP A 1 79  ? 16.757  -0.137  4.888   1.00 31.46 ? 78   ASP A OD2 1 
ATOM   595  N  N   . ILE A 1 80  ? 13.004  2.040   1.488   1.00 23.27 ? 79   ILE A N   1 
ATOM   596  C  CA  . ILE A 1 80  ? 13.217  3.190   0.610   1.00 23.03 ? 79   ILE A CA  1 
ATOM   597  C  C   . ILE A 1 80  ? 12.207  4.244   1.055   1.00 22.49 ? 79   ILE A C   1 
ATOM   598  O  O   . ILE A 1 80  ? 11.005  4.101   0.826   1.00 20.82 ? 79   ILE A O   1 
ATOM   599  C  CB  . ILE A 1 80  ? 12.982  2.811   -0.875  1.00 23.14 ? 79   ILE A CB  1 
ATOM   600  C  CG1 . ILE A 1 80  ? 13.960  1.701   -1.280  1.00 23.44 ? 79   ILE A CG1 1 
ATOM   601  C  CG2 . ILE A 1 80  ? 13.173  4.032   -1.766  1.00 22.22 ? 79   ILE A CG2 1 
ATOM   602  C  CD1 . ILE A 1 80  ? 13.771  1.188   -2.705  1.00 25.55 ? 79   ILE A CD1 1 
ATOM   603  N  N   . SER A 1 81  ? 12.703  5.297   1.700   1.00 22.85 ? 80   SER A N   1 
ATOM   604  C  CA  . SER A 1 81  ? 11.842  6.347   2.231   1.00 23.63 ? 80   SER A CA  1 
ATOM   605  C  C   . SER A 1 81  ? 11.412  7.365   1.186   1.00 22.75 ? 80   SER A C   1 
ATOM   606  O  O   . SER A 1 81  ? 11.766  8.544   1.262   1.00 21.98 ? 80   SER A O   1 
ATOM   607  C  CB  . SER A 1 81  ? 12.544  7.052   3.403   1.00 27.26 ? 80   SER A CB  1 
ATOM   608  O  OG  . SER A 1 81  ? 11.614  7.721   4.246   1.00 29.66 ? 80   SER A OG  1 
ATOM   609  N  N   . LYS A 1 82  ? 10.645  6.889   0.205   1.00 21.66 ? 81   LYS A N   1 
ATOM   610  C  CA  . LYS A 1 82  ? 10.123  7.739   -0.856  1.00 20.35 ? 81   LYS A CA  1 
ATOM   611  C  C   . LYS A 1 82  ? 8.611   7.556   -0.924  1.00 20.16 ? 81   LYS A C   1 
ATOM   612  O  O   . LYS A 1 82  ? 8.097   6.469   -0.668  1.00 18.10 ? 81   LYS A O   1 
ATOM   613  C  CB  . LYS A 1 82  ? 10.752  7.371   -2.202  1.00 21.32 ? 81   LYS A CB  1 
ATOM   614  C  CG  . LYS A 1 82  ? 12.198  7.826   -2.379  1.00 22.99 ? 81   LYS A CG  1 
ATOM   615  C  CD  . LYS A 1 82  ? 12.738  7.340   -3.714  1.00 25.48 ? 81   LYS A CD  1 
ATOM   616  C  CE  . LYS A 1 82  ? 14.186  7.742   -3.915  1.00 26.65 ? 81   LYS A CE  1 
ATOM   617  N  NZ  . LYS A 1 82  ? 14.305  9.191   -4.192  1.00 27.04 ? 81   LYS A NZ  1 
ATOM   618  N  N   . ARG A 1 83  ? 7.901   8.626   -1.264  1.00 19.15 ? 82   ARG A N   1 
ATOM   619  C  CA  . ARG A 1 83  ? 6.449   8.571   -1.353  1.00 19.72 ? 82   ARG A CA  1 
ATOM   620  C  C   . ARG A 1 83  ? 6.040   7.952   -2.691  1.00 20.32 ? 82   ARG A C   1 
ATOM   621  O  O   . ARG A 1 83  ? 5.647   8.642   -3.642  1.00 17.53 ? 82   ARG A O   1 
ATOM   622  C  CB  . ARG A 1 83  ? 5.879   9.980   -1.173  1.00 17.79 ? 82   ARG A CB  1 
ATOM   623  C  CG  . ARG A 1 83  ? 6.313   10.602  0.170   1.00 18.51 ? 82   ARG A CG  1 
ATOM   624  C  CD  . ARG A 1 83  ? 5.763   12.013  0.377   1.00 19.18 ? 82   ARG A CD  1 
ATOM   625  N  NE  . ARG A 1 83  ? 4.409   12.000  0.916   1.00 20.25 ? 82   ARG A NE  1 
ATOM   626  C  CZ  . ARG A 1 83  ? 4.104   11.710  2.177   1.00 19.83 ? 82   ARG A CZ  1 
ATOM   627  N  NH1 . ARG A 1 83  ? 2.836   11.721  2.570   1.00 22.42 ? 82   ARG A NH1 1 
ATOM   628  N  NH2 . ARG A 1 83  ? 5.063   11.424  3.049   1.00 18.87 ? 82   ARG A NH2 1 
ATOM   629  N  N   . ILE A 1 84  ? 6.159   6.630   -2.741  1.00 19.28 ? 83   ILE A N   1 
ATOM   630  C  CA  . ILE A 1 84  ? 5.844   5.840   -3.921  1.00 18.19 ? 83   ILE A CA  1 
ATOM   631  C  C   . ILE A 1 84  ? 5.076   4.609   -3.470  1.00 19.45 ? 83   ILE A C   1 
ATOM   632  O  O   . ILE A 1 84  ? 5.485   3.926   -2.528  1.00 19.48 ? 83   ILE A O   1 
ATOM   633  C  CB  . ILE A 1 84  ? 7.139   5.372   -4.627  1.00 19.50 ? 83   ILE A CB  1 
ATOM   634  C  CG1 . ILE A 1 84  ? 7.960   6.584   -5.073  1.00 17.84 ? 83   ILE A CG1 1 
ATOM   635  C  CG2 . ILE A 1 84  ? 6.799   4.457   -5.799  1.00 20.58 ? 83   ILE A CG2 1 
ATOM   636  C  CD1 . ILE A 1 84  ? 9.366   6.237   -5.549  1.00 19.94 ? 83   ILE A CD1 1 
ATOM   637  N  N   . ILE A 1 85  ? 3.951   4.331   -4.120  1.00 18.66 ? 84   ILE A N   1 
ATOM   638  C  CA  . ILE A 1 85  ? 3.177   3.149   -3.767  1.00 18.09 ? 84   ILE A CA  1 
ATOM   639  C  C   . ILE A 1 85  ? 2.603   2.486   -5.009  1.00 19.33 ? 84   ILE A C   1 
ATOM   640  O  O   . ILE A 1 85  ? 2.409   3.139   -6.038  1.00 18.33 ? 84   ILE A O   1 
ATOM   641  C  CB  . ILE A 1 85  ? 1.995   3.478   -2.824  1.00 18.38 ? 84   ILE A CB  1 
ATOM   642  C  CG1 . ILE A 1 85  ? 0.960   4.330   -3.564  1.00 18.45 ? 84   ILE A CG1 1 
ATOM   643  C  CG2 . ILE A 1 85  ? 2.505   4.167   -1.556  1.00 16.79 ? 84   ILE A CG2 1 
ATOM   644  C  CD1 . ILE A 1 85  ? -0.373  4.426   -2.844  1.00 19.47 ? 84   ILE A CD1 1 
ATOM   645  N  N   . ALA A 1 86  ? 2.335   1.190   -4.894  1.00 18.34 ? 85   ALA A N   1 
ATOM   646  C  CA  . ALA A 1 86  ? 1.751   0.411   -5.980  1.00 21.01 ? 85   ALA A CA  1 
ATOM   647  C  C   . ALA A 1 86  ? 0.515   -0.288  -5.430  1.00 21.12 ? 85   ALA A C   1 
ATOM   648  O  O   . ALA A 1 86  ? 0.525   -0.805  -4.313  1.00 17.55 ? 85   ALA A O   1 
ATOM   649  C  CB  . ALA A 1 86  ? 2.753   -0.623  -6.504  1.00 19.28 ? 85   ALA A CB  1 
ATOM   650  N  N   . VAL A 1 87  ? -0.556  -0.272  -6.210  1.00 20.77 ? 86   VAL A N   1 
ATOM   651  C  CA  . VAL A 1 87  ? -1.798  -0.907  -5.803  1.00 23.05 ? 86   VAL A CA  1 
ATOM   652  C  C   . VAL A 1 87  ? -2.313  -1.763  -6.953  1.00 22.47 ? 86   VAL A C   1 
ATOM   653  O  O   . VAL A 1 87  ? -2.275  -1.351  -8.116  1.00 22.53 ? 86   VAL A O   1 
ATOM   654  C  CB  . VAL A 1 87  ? -2.859  0.151   -5.389  1.00 24.96 ? 86   VAL A CB  1 
ATOM   655  C  CG1 . VAL A 1 87  ? -2.371  0.909   -4.164  1.00 26.42 ? 86   VAL A CG1 1 
ATOM   656  C  CG2 . VAL A 1 87  ? -3.111  1.125   -6.518  1.00 26.92 ? 86   VAL A CG2 1 
ATOM   657  N  N   . LEU A 1 88  ? -2.766  -2.966  -6.621  1.00 21.87 ? 87   LEU A N   1 
ATOM   658  C  CA  . LEU A 1 88  ? -3.273  -3.911  -7.612  1.00 23.49 ? 87   LEU A CA  1 
ATOM   659  C  C   . LEU A 1 88  ? -4.426  -4.688  -6.979  1.00 24.57 ? 87   LEU A C   1 
ATOM   660  O  O   . LEU A 1 88  ? -4.213  -5.732  -6.373  1.00 25.18 ? 87   LEU A O   1 
ATOM   661  C  CB  . LEU A 1 88  ? -2.154  -4.880  -8.019  1.00 21.54 ? 87   LEU A CB  1 
ATOM   662  C  CG  . LEU A 1 88  ? -2.417  -5.880  -9.153  1.00 23.49 ? 87   LEU A CG  1 
ATOM   663  C  CD1 . LEU A 1 88  ? -2.520  -5.140  -10.478 1.00 23.24 ? 87   LEU A CD1 1 
ATOM   664  C  CD2 . LEU A 1 88  ? -1.280  -6.899  -9.208  1.00 22.64 ? 87   LEU A CD2 1 
ATOM   665  N  N   . VAL A 1 89  ? -5.640  -4.161  -7.117  1.00 27.42 ? 88   VAL A N   1 
ATOM   666  C  CA  . VAL A 1 89  ? -6.833  -4.782  -6.548  1.00 30.10 ? 88   VAL A CA  1 
ATOM   667  C  C   . VAL A 1 89  ? -7.606  -5.520  -7.636  1.00 32.02 ? 88   VAL A C   1 
ATOM   668  O  O   . VAL A 1 89  ? -8.140  -4.906  -8.557  1.00 31.44 ? 88   VAL A O   1 
ATOM   669  C  CB  . VAL A 1 89  ? -7.752  -3.719  -5.897  1.00 29.50 ? 88   VAL A CB  1 
ATOM   670  C  CG1 . VAL A 1 89  ? -9.002  -4.377  -5.333  1.00 30.78 ? 88   VAL A CG1 1 
ATOM   671  C  CG2 . VAL A 1 89  ? -7.001  -2.991  -4.795  1.00 27.14 ? 88   VAL A CG2 1 
ATOM   672  N  N   . PRO A 1 90  ? -7.668  -6.857  -7.542  1.00 34.47 ? 89   PRO A N   1 
ATOM   673  C  CA  . PRO A 1 90  ? -8.367  -7.714  -8.504  1.00 35.94 ? 89   PRO A CA  1 
ATOM   674  C  C   . PRO A 1 90  ? -9.887  -7.587  -8.449  1.00 37.12 ? 89   PRO A C   1 
ATOM   675  O  O   . PRO A 1 90  ? -10.458 -7.332  -7.390  1.00 36.22 ? 89   PRO A O   1 
ATOM   676  C  CB  . PRO A 1 90  ? -7.917  -9.122  -8.108  1.00 35.84 ? 89   PRO A CB  1 
ATOM   677  C  CG  . PRO A 1 90  ? -6.623  -8.895  -7.365  1.00 37.56 ? 89   PRO A CG  1 
ATOM   678  C  CD  . PRO A 1 90  ? -6.930  -7.671  -6.563  1.00 35.55 ? 89   PRO A CD  1 
ATOM   679  N  N   . ASN A 1 91  ? -10.538 -7.759  -9.594  1.00 39.68 ? 90   ASN A N   1 
ATOM   680  C  CA  . ASN A 1 91  ? -11.993 -7.713  -9.636  1.00 42.61 ? 90   ASN A CA  1 
ATOM   681  C  C   . ASN A 1 91  ? -12.469 -9.107  -9.261  1.00 43.79 ? 90   ASN A C   1 
ATOM   682  O  O   . ASN A 1 91  ? -11.790 -10.090 -9.550  1.00 43.87 ? 90   ASN A O   1 
ATOM   683  C  CB  . ASN A 1 91  ? -12.502 -7.362  -11.039 1.00 43.82 ? 90   ASN A CB  1 
ATOM   684  C  CG  . ASN A 1 91  ? -12.578 -5.867  -11.276 1.00 45.01 ? 90   ASN A CG  1 
ATOM   685  O  OD1 . ASN A 1 91  ? -13.100 -5.123  -10.447 1.00 45.33 ? 90   ASN A OD1 1 
ATOM   686  N  ND2 . ASN A 1 91  ? -12.068 -5.420  -12.420 1.00 46.01 ? 90   ASN A ND2 1 
ATOM   687  N  N   . ILE A 1 92  ? -13.626 -9.194  -8.611  1.00 45.96 ? 91   ILE A N   1 
ATOM   688  C  CA  . ILE A 1 92  ? -14.168 -10.488 -8.214  1.00 47.19 ? 91   ILE A CA  1 
ATOM   689  C  C   . ILE A 1 92  ? -15.365 -10.868 -9.078  1.00 47.80 ? 91   ILE A C   1 
ATOM   690  O  O   . ILE A 1 92  ? -15.269 -11.757 -9.925  1.00 48.24 ? 91   ILE A O   1 
ATOM   691  C  CB  . ILE A 1 92  ? -14.600 -10.489 -6.724  1.00 48.31 ? 91   ILE A CB  1 
ATOM   692  C  CG1 . ILE A 1 92  ? -13.369 -10.426 -5.816  1.00 48.55 ? 91   ILE A CG1 1 
ATOM   693  C  CG2 . ILE A 1 92  ? -15.398 -11.751 -6.411  1.00 48.11 ? 91   ILE A CG2 1 
ATOM   694  C  CD1 . ILE A 1 92  ? -12.557 -9.153  -5.948  1.00 50.49 ? 91   ILE A CD1 1 
ATOM   695  N  N   . GLU A 1 101 ? -11.983 -5.215  -16.120 1.00 53.61 ? 100  GLU A N   1 
ATOM   696  C  CA  . GLU A 1 101 ? -10.840 -5.990  -16.585 1.00 52.99 ? 100  GLU A CA  1 
ATOM   697  C  C   . GLU A 1 101 ? -10.466 -7.018  -15.527 1.00 51.55 ? 100  GLU A C   1 
ATOM   698  O  O   . GLU A 1 101 ? -11.311 -7.468  -14.752 1.00 51.96 ? 100  GLU A O   1 
ATOM   699  C  CB  . GLU A 1 101 ? -9.638  -5.073  -16.841 1.00 54.70 ? 100  GLU A CB  1 
ATOM   700  C  CG  . GLU A 1 101 ? -9.915  -3.892  -17.758 1.00 57.26 ? 100  GLU A CG  1 
ATOM   701  C  CD  . GLU A 1 101 ? -10.974 -2.960  -17.203 1.00 58.79 ? 100  GLU A CD  1 
ATOM   702  O  OE1 . GLU A 1 101 ? -10.859 -2.566  -16.022 1.00 59.76 ? 100  GLU A OE1 1 
ATOM   703  O  OE2 . GLU A 1 101 ? -11.919 -2.618  -17.946 1.00 59.57 ? 100  GLU A OE2 1 
ATOM   704  N  N   . ALA A 1 102 ? -9.191  -7.382  -15.495 1.00 50.12 ? 101  ALA A N   1 
ATOM   705  C  CA  . ALA A 1 102 ? -8.703  -8.346  -14.522 1.00 47.74 ? 101  ALA A CA  1 
ATOM   706  C  C   . ALA A 1 102 ? -8.565  -7.667  -13.163 1.00 45.91 ? 101  ALA A C   1 
ATOM   707  O  O   . ALA A 1 102 ? -8.675  -8.312  -12.119 1.00 45.85 ? 101  ALA A O   1 
ATOM   708  C  CB  . ALA A 1 102 ? -7.357  -8.899  -14.970 1.00 48.08 ? 101  ALA A CB  1 
ATOM   709  N  N   . TYR A 1 103 ? -8.332  -6.358  -13.180 1.00 43.31 ? 102  TYR A N   1 
ATOM   710  C  CA  . TYR A 1 103 ? -8.162  -5.612  -11.944 1.00 40.25 ? 102  TYR A CA  1 
ATOM   711  C  C   . TYR A 1 103 ? -9.168  -4.493  -11.734 1.00 38.07 ? 102  TYR A C   1 
ATOM   712  O  O   . TYR A 1 103 ? -9.608  -3.845  -12.678 1.00 37.33 ? 102  TYR A O   1 
ATOM   713  C  CB  . TYR A 1 103 ? -6.753  -5.025  -11.873 1.00 39.81 ? 102  TYR A CB  1 
ATOM   714  C  CG  . TYR A 1 103 ? -5.664  -6.051  -12.027 1.00 38.18 ? 102  TYR A CG  1 
ATOM   715  C  CD1 . TYR A 1 103 ? -4.931  -6.147  -13.209 1.00 37.77 ? 102  TYR A CD1 1 
ATOM   716  C  CD2 . TYR A 1 103 ? -5.368  -6.935  -10.990 1.00 36.96 ? 102  TYR A CD2 1 
ATOM   717  C  CE1 . TYR A 1 103 ? -3.927  -7.101  -13.353 1.00 38.13 ? 102  TYR A CE1 1 
ATOM   718  C  CE2 . TYR A 1 103 ? -4.372  -7.891  -11.124 1.00 36.97 ? 102  TYR A CE2 1 
ATOM   719  C  CZ  . TYR A 1 103 ? -3.653  -7.968  -12.305 1.00 37.85 ? 102  TYR A CZ  1 
ATOM   720  O  OH  . TYR A 1 103 ? -2.651  -8.901  -12.427 1.00 39.54 ? 102  TYR A OH  1 
ATOM   721  N  N   . ASP A 1 104 ? -9.519  -4.277  -10.474 1.00 36.64 ? 103  ASP A N   1 
ATOM   722  C  CA  . ASP A 1 104 ? -10.444 -3.227  -10.095 1.00 35.54 ? 103  ASP A CA  1 
ATOM   723  C  C   . ASP A 1 104 ? -9.630  -1.933  -10.043 1.00 34.52 ? 103  ASP A C   1 
ATOM   724  O  O   . ASP A 1 104 ? -10.132 -0.851  -10.337 1.00 34.19 ? 103  ASP A O   1 
ATOM   725  C  CB  . ASP A 1 104 ? -11.054 -3.541  -8.726  1.00 36.13 ? 103  ASP A CB  1 
ATOM   726  C  CG  . ASP A 1 104 ? -12.186 -2.599  -8.357  1.00 37.71 ? 103  ASP A CG  1 
ATOM   727  O  OD1 . ASP A 1 104 ? -12.656 -1.856  -9.243  1.00 38.95 ? 103  ASP A OD1 1 
ATOM   728  O  OD2 . ASP A 1 104 ? -12.613 -2.613  -7.183  1.00 38.44 ? 103  ASP A OD2 1 
ATOM   729  N  N   . LEU A 1 105 ? -8.359  -2.062  -9.674  1.00 31.61 ? 104  LEU A N   1 
ATOM   730  C  CA  . LEU A 1 105 ? -7.469  -0.911  -9.604  1.00 29.60 ? 104  LEU A CA  1 
ATOM   731  C  C   . LEU A 1 105 ? -6.017  -1.341  -9.745  1.00 27.90 ? 104  LEU A C   1 
ATOM   732  O  O   . LEU A 1 105 ? -5.544  -2.205  -9.009  1.00 28.85 ? 104  LEU A O   1 
ATOM   733  C  CB  . LEU A 1 105 ? -7.657  -0.159  -8.277  1.00 29.74 ? 104  LEU A CB  1 
ATOM   734  C  CG  . LEU A 1 105 ? -6.677  0.993   -8.011  1.00 29.49 ? 104  LEU A CG  1 
ATOM   735  C  CD1 . LEU A 1 105 ? -6.912  2.108   -9.009  1.00 28.57 ? 104  LEU A CD1 1 
ATOM   736  C  CD2 . LEU A 1 105 ? -6.844  1.505   -6.588  1.00 28.33 ? 104  LEU A CD2 1 
ATOM   737  N  N   . GLU A 1 106 ? -5.326  -0.744  -10.712 1.00 27.12 ? 105  GLU A N   1 
ATOM   738  C  CA  . GLU A 1 106 ? -3.913  -1.008  -10.957 1.00 24.43 ? 105  GLU A CA  1 
ATOM   739  C  C   . GLU A 1 106 ? -3.245  0.350   -11.153 1.00 24.53 ? 105  GLU A C   1 
ATOM   740  O  O   . GLU A 1 106 ? -3.551  1.064   -12.108 1.00 23.81 ? 105  GLU A O   1 
ATOM   741  C  CB  . GLU A 1 106 ? -3.709  -1.870  -12.218 1.00 26.29 ? 105  GLU A CB  1 
ATOM   742  C  CG  . GLU A 1 106 ? -2.251  -1.908  -12.694 1.00 26.99 ? 105  GLU A CG  1 
ATOM   743  C  CD  . GLU A 1 106 ? -2.004  -2.836  -13.879 1.00 28.92 ? 105  GLU A CD  1 
ATOM   744  O  OE1 . GLU A 1 106 ? -2.970  -3.199  -14.578 1.00 28.24 ? 105  GLU A OE1 1 
ATOM   745  O  OE2 . GLU A 1 106 ? -0.830  -3.192  -14.120 1.00 29.83 ? 105  GLU A OE2 1 
ATOM   746  N  N   . ALA A 1 107 ? -2.342  0.713   -10.250 1.00 21.69 ? 106  ALA A N   1 
ATOM   747  C  CA  . ALA A 1 107 ? -1.662  1.996   -10.367 1.00 19.74 ? 106  ALA A CA  1 
ATOM   748  C  C   . ALA A 1 107 ? -0.384  2.073   -9.559  1.00 19.62 ? 106  ALA A C   1 
ATOM   749  O  O   . ALA A 1 107 ? -0.250  1.458   -8.495  1.00 18.36 ? 106  ALA A O   1 
ATOM   750  C  CB  . ALA A 1 107 ? -2.604  3.132   -9.937  1.00 20.59 ? 106  ALA A CB  1 
ATOM   751  N  N   . ILE A 1 108 ? 0.561   2.833   -10.097 1.00 18.40 ? 107  ILE A N   1 
ATOM   752  C  CA  . ILE A 1 108 ? 1.836   3.089   -9.450  1.00 19.70 ? 107  ILE A CA  1 
ATOM   753  C  C   . ILE A 1 108 ? 1.688   4.583   -9.186  1.00 20.58 ? 107  ILE A C   1 
ATOM   754  O  O   . ILE A 1 108 ? 1.601   5.371   -10.127 1.00 19.94 ? 107  ILE A O   1 
ATOM   755  C  CB  . ILE A 1 108 ? 3.007   2.830   -10.417 1.00 21.26 ? 107  ILE A CB  1 
ATOM   756  C  CG1 . ILE A 1 108 ? 3.075   1.332   -10.751 1.00 21.84 ? 107  ILE A CG1 1 
ATOM   757  C  CG2 . ILE A 1 108 ? 4.306   3.314   -9.804  1.00 20.80 ? 107  ILE A CG2 1 
ATOM   758  C  CD1 . ILE A 1 108 ? 3.992   0.996   -11.924 1.00 24.46 ? 107  ILE A CD1 1 
ATOM   759  N  N   . MET A 1 109 ? 1.625   4.966   -7.915  1.00 17.97 ? 108  MET A N   1 
ATOM   760  C  CA  . MET A 1 109 ? 1.435   6.365   -7.559  1.00 17.82 ? 108  MET A CA  1 
ATOM   761  C  C   . MET A 1 109 ? 2.631   7.048   -6.921  1.00 16.67 ? 108  MET A C   1 
ATOM   762  O  O   . MET A 1 109 ? 3.211   6.536   -5.958  1.00 18.11 ? 108  MET A O   1 
ATOM   763  C  CB  . MET A 1 109 ? 0.254   6.513   -6.594  1.00 17.14 ? 108  MET A CB  1 
ATOM   764  C  CG  . MET A 1 109 ? -1.037  5.869   -7.053  1.00 20.04 ? 108  MET A CG  1 
ATOM   765  S  SD  . MET A 1 109 ? -2.303  6.120   -5.811  1.00 20.79 ? 108  MET A SD  1 
ATOM   766  C  CE  . MET A 1 109 ? -3.762  5.328   -6.617  1.00 19.19 ? 108  MET A CE  1 
ATOM   767  N  N   . TYR A 1 110 ? 2.975   8.218   -7.452  1.00 16.37 ? 109  TYR A N   1 
ATOM   768  C  CA  . TYR A 1 110 ? 4.073   9.026   -6.931  1.00 17.79 ? 109  TYR A CA  1 
ATOM   769  C  C   . TYR A 1 110 ? 3.459   10.215  -6.186  1.00 18.17 ? 109  TYR A C   1 
ATOM   770  O  O   . TYR A 1 110 ? 2.568   10.888  -6.703  1.00 18.30 ? 109  TYR A O   1 
ATOM   771  C  CB  . TYR A 1 110 ? 4.975   9.514   -8.074  1.00 16.77 ? 109  TYR A CB  1 
ATOM   772  C  CG  . TYR A 1 110 ? 5.731   8.392   -8.746  1.00 17.62 ? 109  TYR A CG  1 
ATOM   773  C  CD1 . TYR A 1 110 ? 5.184   7.704   -9.828  1.00 18.27 ? 109  TYR A CD1 1 
ATOM   774  C  CD2 . TYR A 1 110 ? 6.966   7.971   -8.255  1.00 18.18 ? 109  TYR A CD2 1 
ATOM   775  C  CE1 . TYR A 1 110 ? 5.847   6.624   -10.400 1.00 19.08 ? 109  TYR A CE1 1 
ATOM   776  C  CE2 . TYR A 1 110 ? 7.635   6.889   -8.819  1.00 16.97 ? 109  TYR A CE2 1 
ATOM   777  C  CZ  . TYR A 1 110 ? 7.068   6.220   -9.887  1.00 18.98 ? 109  TYR A CZ  1 
ATOM   778  O  OH  . TYR A 1 110 ? 7.709   5.134   -10.436 1.00 18.41 ? 109  TYR A OH  1 
ATOM   779  N  N   . ASN A 1 111 ? 3.933   10.453  -4.968  1.00 19.57 ? 110  ASN A N   1 
ATOM   780  C  CA  . ASN A 1 111 ? 3.427   11.525  -4.113  1.00 18.84 ? 110  ASN A CA  1 
ATOM   781  C  C   . ASN A 1 111 ? 1.901   11.521  -3.994  1.00 18.86 ? 110  ASN A C   1 
ATOM   782  O  O   . ASN A 1 111 ? 1.247   12.552  -4.170  1.00 16.42 ? 110  ASN A O   1 
ATOM   783  C  CB  . ASN A 1 111 ? 3.900   12.899  -4.604  1.00 18.20 ? 110  ASN A CB  1 
ATOM   784  C  CG  . ASN A 1 111 ? 5.413   13.031  -4.594  1.00 19.87 ? 110  ASN A CG  1 
ATOM   785  O  OD1 . ASN A 1 111 ? 6.106   12.314  -3.870  1.00 20.93 ? 110  ASN A OD1 1 
ATOM   786  N  ND2 . ASN A 1 111 ? 5.933   13.960  -5.391  1.00 20.66 ? 110  ASN A ND2 1 
ATOM   787  N  N   . PRO A 1 112 ? 1.309   10.351  -3.703  1.00 18.98 ? 111  PRO A N   1 
ATOM   788  C  CA  . PRO A 1 112 ? -0.147  10.292  -3.570  1.00 18.78 ? 111  PRO A CA  1 
ATOM   789  C  C   . PRO A 1 112 ? -0.589  11.083  -2.341  1.00 19.85 ? 111  PRO A C   1 
ATOM   790  O  O   . PRO A 1 112 ? 0.100   11.099  -1.315  1.00 19.52 ? 111  PRO A O   1 
ATOM   791  C  CB  . PRO A 1 112 ? -0.416  8.798   -3.413  1.00 18.51 ? 111  PRO A CB  1 
ATOM   792  C  CG  . PRO A 1 112 ? 0.800   8.336   -2.670  1.00 17.37 ? 111  PRO A CG  1 
ATOM   793  C  CD  . PRO A 1 112 ? 1.908   9.033   -3.431  1.00 18.16 ? 111  PRO A CD  1 
ATOM   794  N  N   . LYS A 1 113 ? -1.739  11.731  -2.443  1.00 18.52 ? 112  LYS A N   1 
ATOM   795  C  CA  . LYS A 1 113 ? -2.254  12.519  -1.336  1.00 19.69 ? 112  LYS A CA  1 
ATOM   796  C  C   . LYS A 1 113 ? -3.772  12.509  -1.314  1.00 19.63 ? 112  LYS A C   1 
ATOM   797  O  O   . LYS A 1 113 ? -4.407  12.619  -2.359  1.00 17.22 ? 112  LYS A O   1 
ATOM   798  C  CB  . LYS A 1 113 ? -1.770  13.964  -1.460  1.00 21.90 ? 112  LYS A CB  1 
ATOM   799  C  CG  . LYS A 1 113 ? -2.350  14.897  -0.422  1.00 25.14 ? 112  LYS A CG  1 
ATOM   800  C  CD  . LYS A 1 113 ? -2.014  16.342  -0.747  1.00 29.20 ? 112  LYS A CD  1 
ATOM   801  C  CE  . LYS A 1 113 ? -2.627  17.289  0.273   1.00 31.22 ? 112  LYS A CE  1 
ATOM   802  N  NZ  . LYS A 1 113 ? -2.287  18.714  -0.018  1.00 32.40 ? 112  LYS A NZ  1 
ATOM   803  N  N   . ILE A 1 114 ? -4.346  12.365  -0.122  1.00 20.57 ? 113  ILE A N   1 
ATOM   804  C  CA  . ILE A 1 114 ? -5.794  12.384  0.044   1.00 20.06 ? 113  ILE A CA  1 
ATOM   805  C  C   . ILE A 1 114 ? -6.187  13.852  0.144   1.00 20.81 ? 113  ILE A C   1 
ATOM   806  O  O   . ILE A 1 114 ? -5.777  14.547  1.078   1.00 21.00 ? 113  ILE A O   1 
ATOM   807  C  CB  . ILE A 1 114 ? -6.236  11.676  1.344   1.00 22.12 ? 113  ILE A CB  1 
ATOM   808  C  CG1 . ILE A 1 114 ? -5.874  10.188  1.285   1.00 21.64 ? 113  ILE A CG1 1 
ATOM   809  C  CG2 . ILE A 1 114 ? -7.749  11.837  1.530   1.00 21.05 ? 113  ILE A CG2 1 
ATOM   810  C  CD1 . ILE A 1 114 ? -6.170  9.437   2.579   1.00 26.30 ? 113  ILE A CD1 1 
ATOM   811  N  N   . VAL A 1 115 ? -6.975  14.331  -0.814  1.00 19.22 ? 114  VAL A N   1 
ATOM   812  C  CA  . VAL A 1 115 ? -7.380  15.729  -0.812  1.00 18.42 ? 114  VAL A CA  1 
ATOM   813  C  C   . VAL A 1 115 ? -8.799  15.929  -0.312  1.00 20.30 ? 114  VAL A C   1 
ATOM   814  O  O   . VAL A 1 115 ? -9.229  17.051  -0.072  1.00 20.15 ? 114  VAL A O   1 
ATOM   815  C  CB  . VAL A 1 115 ? -7.209  16.364  -2.220  1.00 21.83 ? 114  VAL A CB  1 
ATOM   816  C  CG1 . VAL A 1 115 ? -5.734  16.361  -2.597  1.00 20.96 ? 114  VAL A CG1 1 
ATOM   817  C  CG2 . VAL A 1 115 ? -8.024  15.598  -3.260  1.00 20.02 ? 114  VAL A CG2 1 
ATOM   818  N  N   . SER A 1 116 ? -9.529  14.832  -0.146  1.00 19.51 ? 115  SER A N   1 
ATOM   819  C  CA  . SER A 1 116 ? -10.886 14.901  0.370   1.00 21.68 ? 115  SER A CA  1 
ATOM   820  C  C   . SER A 1 116 ? -11.330 13.521  0.824   1.00 21.78 ? 115  SER A C   1 
ATOM   821  O  O   . SER A 1 116 ? -10.964 12.512  0.217   1.00 21.80 ? 115  SER A O   1 
ATOM   822  C  CB  . SER A 1 116 ? -11.852 15.421  -0.696  1.00 22.95 ? 115  SER A CB  1 
ATOM   823  O  OG  . SER A 1 116 ? -13.162 15.538  -0.157  1.00 22.98 ? 115  SER A OG  1 
ATOM   824  N  N   . HIS A 1 117 ? -12.104 13.478  1.900   1.00 21.76 ? 116  HIS A N   1 
ATOM   825  C  CA  . HIS A 1 117 ? -12.593 12.208  2.415   1.00 23.52 ? 116  HIS A CA  1 
ATOM   826  C  C   . HIS A 1 117 ? -13.982 12.377  3.024   1.00 24.63 ? 116  HIS A C   1 
ATOM   827  O  O   . HIS A 1 117 ? -14.366 13.472  3.440   1.00 24.85 ? 116  HIS A O   1 
ATOM   828  C  CB  . HIS A 1 117 ? -11.613 11.646  3.451   1.00 24.52 ? 116  HIS A CB  1 
ATOM   829  C  CG  . HIS A 1 117 ? -11.534 12.450  4.708   1.00 26.59 ? 116  HIS A CG  1 
ATOM   830  N  ND1 . HIS A 1 117 ? -12.533 12.445  5.656   1.00 28.91 ? 116  HIS A ND1 1 
ATOM   831  C  CD2 . HIS A 1 117 ? -10.596 13.320  5.153   1.00 27.36 ? 116  HIS A CD2 1 
ATOM   832  C  CE1 . HIS A 1 117 ? -12.215 13.277  6.632   1.00 29.74 ? 116  HIS A CE1 1 
ATOM   833  N  NE2 . HIS A 1 117 ? -11.045 13.822  6.350   1.00 28.68 ? 116  HIS A NE2 1 
ATOM   834  N  N   . SER A 1 118 ? -14.726 11.282  3.071   1.00 24.31 ? 117  SER A N   1 
ATOM   835  C  CA  . SER A 1 118 ? -16.078 11.283  3.609   1.00 24.96 ? 117  SER A CA  1 
ATOM   836  C  C   . SER A 1 118 ? -16.091 11.313  5.129   1.00 26.09 ? 117  SER A C   1 
ATOM   837  O  O   . SER A 1 118 ? -15.094 10.978  5.778   1.00 25.33 ? 117  SER A O   1 
ATOM   838  C  CB  . SER A 1 118 ? -16.809 10.029  3.141   1.00 26.75 ? 117  SER A CB  1 
ATOM   839  O  OG  . SER A 1 118 ? -16.118 8.869   3.586   1.00 27.95 ? 117  SER A OG  1 
ATOM   840  N  N   . VAL A 1 119 ? -17.226 11.722  5.690   1.00 24.25 ? 118  VAL A N   1 
ATOM   841  C  CA  . VAL A 1 119 ? -17.386 11.753  7.136   1.00 25.65 ? 118  VAL A CA  1 
ATOM   842  C  C   . VAL A 1 119 ? -17.511 10.288  7.559   1.00 24.10 ? 118  VAL A C   1 
ATOM   843  O  O   . VAL A 1 119 ? -16.928 9.853   8.547   1.00 23.07 ? 118  VAL A O   1 
ATOM   844  C  CB  . VAL A 1 119 ? -18.679 12.499  7.552   1.00 25.31 ? 118  VAL A CB  1 
ATOM   845  C  CG1 . VAL A 1 119 ? -18.930 12.300  9.041   1.00 25.95 ? 118  VAL A CG1 1 
ATOM   846  C  CG2 . VAL A 1 119 ? -18.556 13.982  7.232   1.00 27.29 ? 118  VAL A CG2 1 
ATOM   847  N  N   . GLN A 1 120 ? -18.278 9.540   6.776   1.00 25.08 ? 119  GLN A N   1 
ATOM   848  C  CA  . GLN A 1 120 ? -18.508 8.123   7.024   1.00 25.57 ? 119  GLN A CA  1 
ATOM   849  C  C   . GLN A 1 120 ? -17.184 7.353   7.008   1.00 26.50 ? 119  GLN A C   1 
ATOM   850  O  O   . GLN A 1 120 ? -16.287 7.657   6.216   1.00 24.44 ? 119  GLN A O   1 
ATOM   851  C  CB  . GLN A 1 120 ? -19.439 7.569   5.943   1.00 28.09 ? 119  GLN A CB  1 
ATOM   852  C  CG  . GLN A 1 120 ? -20.223 6.331   6.343   1.00 31.14 ? 119  GLN A CG  1 
ATOM   853  C  CD  . GLN A 1 120 ? -21.199 5.882   5.263   1.00 32.53 ? 119  GLN A CD  1 
ATOM   854  O  OE1 . GLN A 1 120 ? -22.202 5.227   5.548   1.00 32.81 ? 119  GLN A OE1 1 
ATOM   855  N  NE2 . GLN A 1 120 ? -20.899 6.223   4.017   1.00 31.25 ? 119  GLN A NE2 1 
ATOM   856  N  N   . ASP A 1 121 ? -17.059 6.370   7.893   1.00 25.45 ? 120  ASP A N   1 
ATOM   857  C  CA  . ASP A 1 121 ? -15.859 5.546   7.959   1.00 26.01 ? 120  ASP A CA  1 
ATOM   858  C  C   . ASP A 1 121 ? -16.199 4.163   7.428   1.00 27.14 ? 120  ASP A C   1 
ATOM   859  O  O   . ASP A 1 121 ? -17.362 3.866   7.144   1.00 27.29 ? 120  ASP A O   1 
ATOM   860  C  CB  . ASP A 1 121 ? -15.366 5.398   9.400   1.00 28.87 ? 120  ASP A CB  1 
ATOM   861  C  CG  . ASP A 1 121 ? -14.881 6.698   9.994   1.00 30.23 ? 120  ASP A CG  1 
ATOM   862  O  OD1 . ASP A 1 121 ? -14.104 7.409   9.325   1.00 31.16 ? 120  ASP A OD1 1 
ATOM   863  O  OD2 . ASP A 1 121 ? -15.264 7.000   11.142  1.00 33.84 ? 120  ASP A OD2 1 
ATOM   864  N  N   . ALA A 1 122 ? -15.183 3.320   7.296   1.00 26.27 ? 121  ALA A N   1 
ATOM   865  C  CA  . ALA A 1 122 ? -15.382 1.957   6.825   1.00 26.00 ? 121  ALA A CA  1 
ATOM   866  C  C   . ALA A 1 122 ? -14.220 1.082   7.264   1.00 26.11 ? 121  ALA A C   1 
ATOM   867  O  O   . ALA A 1 122 ? -13.148 1.577   7.622   1.00 25.30 ? 121  ALA A O   1 
ATOM   868  C  CB  . ALA A 1 122 ? -15.518 1.927   5.302   1.00 25.57 ? 121  ALA A CB  1 
ATOM   869  N  N   . ALA A 1 123 ? -14.441 -0.225  7.228   1.00 26.64 ? 122  ALA A N   1 
ATOM   870  C  CA  . ALA A 1 123 ? -13.413 -1.181  7.612   1.00 27.18 ? 122  ALA A CA  1 
ATOM   871  C  C   . ALA A 1 123 ? -13.765 -2.552  7.060   1.00 27.61 ? 122  ALA A C   1 
ATOM   872  O  O   . ALA A 1 123 ? -14.939 -2.905  6.966   1.00 28.59 ? 122  ALA A O   1 
ATOM   873  C  CB  . ALA A 1 123 ? -13.299 -1.243  9.131   1.00 27.61 ? 122  ALA A CB  1 
ATOM   874  N  N   . LEU A 1 124 ? -12.750 -3.320  6.677   1.00 27.20 ? 123  LEU A N   1 
ATOM   875  C  CA  . LEU A 1 124 ? -12.998 -4.657  6.161   1.00 27.61 ? 123  LEU A CA  1 
ATOM   876  C  C   . LEU A 1 124 ? -13.493 -5.526  7.311   1.00 27.14 ? 123  LEU A C   1 
ATOM   877  O  O   . LEU A 1 124 ? -12.969 -5.456  8.422   1.00 26.16 ? 123  LEU A O   1 
ATOM   878  C  CB  . LEU A 1 124 ? -11.715 -5.256  5.583   1.00 27.78 ? 123  LEU A CB  1 
ATOM   879  C  CG  . LEU A 1 124 ? -11.080 -4.519  4.402   1.00 27.51 ? 123  LEU A CG  1 
ATOM   880  C  CD1 . LEU A 1 124 ? -9.801  -5.229  4.007   1.00 30.26 ? 123  LEU A CD1 1 
ATOM   881  C  CD2 . LEU A 1 124 ? -12.045 -4.475  3.235   1.00 26.00 ? 123  LEU A CD2 1 
ATOM   882  N  N   . GLY A 1 125 ? -14.510 -6.339  7.044   1.00 30.53 ? 124  GLY A N   1 
ATOM   883  C  CA  . GLY A 1 125 ? -15.041 -7.204  8.083   1.00 32.85 ? 124  GLY A CA  1 
ATOM   884  C  C   . GLY A 1 125 ? -13.996 -8.190  8.566   1.00 35.01 ? 124  GLY A C   1 
ATOM   885  O  O   . GLY A 1 125 ? -14.001 -8.601  9.729   1.00 35.56 ? 124  GLY A O   1 
ATOM   886  N  N   . GLU A 1 126 ? -13.084 -8.559  7.672   1.00 35.56 ? 125  GLU A N   1 
ATOM   887  C  CA  . GLU A 1 126 ? -12.029 -9.510  7.999   1.00 36.12 ? 125  GLU A CA  1 
ATOM   888  C  C   . GLU A 1 126 ? -10.838 -8.840  8.678   1.00 35.23 ? 125  GLU A C   1 
ATOM   889  O  O   . GLU A 1 126 ? -9.939  -9.514  9.182   1.00 35.12 ? 125  GLU A O   1 
ATOM   890  C  CB  . GLU A 1 126 ? -11.549 -10.215 6.730   1.00 39.28 ? 125  GLU A CB  1 
ATOM   891  C  CG  . GLU A 1 126 ? -10.808 -9.301  5.761   1.00 43.75 ? 125  GLU A CG  1 
ATOM   892  C  CD  . GLU A 1 126 ? -9.462  -9.863  5.337   1.00 47.58 ? 125  GLU A CD  1 
ATOM   893  O  OE1 . GLU A 1 126 ? -8.711  -9.150  4.634   1.00 48.03 ? 125  GLU A OE1 1 
ATOM   894  O  OE2 . GLU A 1 126 ? -9.153  -11.018 5.705   1.00 49.03 ? 125  GLU A OE2 1 
ATOM   895  N  N   . GLY A 1 127 ? -10.830 -7.513  8.696   1.00 33.06 ? 126  GLY A N   1 
ATOM   896  C  CA  . GLY A 1 127 ? -9.717  -6.808  9.302   1.00 29.39 ? 126  GLY A CA  1 
ATOM   897  C  C   . GLY A 1 127 ? -8.595  -6.671  8.288   1.00 28.41 ? 126  GLY A C   1 
ATOM   898  O  O   . GLY A 1 127 ? -8.823  -6.848  7.092   1.00 25.59 ? 126  GLY A O   1 
ATOM   899  N  N   . GLU A 1 128 ? -7.386  -6.367  8.754   1.00 26.40 ? 128  GLU A N   1 
ATOM   900  C  CA  . GLU A 1 128 ? -6.253  -6.200  7.847   1.00 27.90 ? 128  GLU A CA  1 
ATOM   901  C  C   . GLU A 1 128 ? -4.967  -6.903  8.281   1.00 28.48 ? 128  GLU A C   1 
ATOM   902  O  O   . GLU A 1 128 ? -4.785  -7.241  9.454   1.00 27.12 ? 128  GLU A O   1 
ATOM   903  C  CB  . GLU A 1 128 ? -5.944  -4.710  7.661   1.00 26.52 ? 128  GLU A CB  1 
ATOM   904  C  CG  . GLU A 1 128 ? -7.017  -3.918  6.928   1.00 23.27 ? 128  GLU A CG  1 
ATOM   905  C  CD  . GLU A 1 128 ? -6.614  -2.461  6.706   1.00 24.83 ? 128  GLU A CD  1 
ATOM   906  O  OE1 . GLU A 1 128 ? -5.395  -2.163  6.721   1.00 19.78 ? 128  GLU A OE1 1 
ATOM   907  O  OE2 . GLU A 1 128 ? -7.515  -1.618  6.497   1.00 22.18 ? 128  GLU A OE2 1 
ATOM   908  N  N   . GLY A 1 129 ? -4.080  -7.102  7.310   1.00 29.27 ? 129  GLY A N   1 
ATOM   909  C  CA  . GLY A 1 129 ? -2.785  -7.714  7.551   1.00 30.05 ? 129  GLY A CA  1 
ATOM   910  C  C   . GLY A 1 129 ? -1.752  -6.830  6.864   1.00 31.08 ? 129  GLY A C   1 
ATOM   911  O  O   . GLY A 1 129 ? -2.124  -5.909  6.135   1.00 29.94 ? 129  GLY A O   1 
ATOM   912  N  N   . CYS A 1 130 ? -0.468  -7.091  7.088   1.00 29.26 ? 130  CYS A N   1 
ATOM   913  C  CA  . CYS A 1 130 ? 0.588   -6.293  6.475   1.00 30.25 ? 130  CYS A CA  1 
ATOM   914  C  C   . CYS A 1 130 ? 1.829   -7.131  6.204   1.00 31.55 ? 130  CYS A C   1 
ATOM   915  O  O   . CYS A 1 130 ? 2.273   -7.900  7.062   1.00 30.58 ? 130  CYS A O   1 
ATOM   916  C  CB  . CYS A 1 130 ? 0.951   -5.111  7.382   1.00 30.97 ? 130  CYS A CB  1 
ATOM   917  S  SG  . CYS A 1 130 ? 2.172   -3.962  6.709   1.00 28.06 ? 130  CYS A SG  1 
ATOM   918  N  N   . LEU A 1 131 ? 2.386   -6.972  5.007   1.00 30.70 ? 131  LEU A N   1 
ATOM   919  C  CA  . LEU A 1 131 ? 3.575   -7.711  4.598   1.00 31.96 ? 131  LEU A CA  1 
ATOM   920  C  C   . LEU A 1 131 ? 4.745   -7.484  5.542   1.00 31.68 ? 131  LEU A C   1 
ATOM   921  O  O   . LEU A 1 131 ? 5.642   -8.321  5.639   1.00 32.94 ? 131  LEU A O   1 
ATOM   922  C  CB  . LEU A 1 131 ? 3.979   -7.306  3.178   1.00 31.67 ? 131  LEU A CB  1 
ATOM   923  C  CG  . LEU A 1 131 ? 2.938   -7.609  2.100   1.00 34.49 ? 131  LEU A CG  1 
ATOM   924  C  CD1 . LEU A 1 131 ? 3.359   -6.975  0.778   1.00 35.08 ? 131  LEU A CD1 1 
ATOM   925  C  CD2 . LEU A 1 131 ? 2.775   -9.118  1.963   1.00 33.71 ? 131  LEU A CD2 1 
ATOM   926  N  N   . SER A 1 132 ? 4.739   -6.351  6.232   1.00 31.58 ? 132  SER A N   1 
ATOM   927  C  CA  . SER A 1 132 ? 5.812   -6.028  7.162   1.00 30.31 ? 132  SER A CA  1 
ATOM   928  C  C   . SER A 1 132 ? 5.481   -6.451  8.595   1.00 31.47 ? 132  SER A C   1 
ATOM   929  O  O   . SER A 1 132 ? 6.247   -6.187  9.522   1.00 30.70 ? 132  SER A O   1 
ATOM   930  C  CB  . SER A 1 132 ? 6.099   -4.524  7.121   1.00 30.66 ? 132  SER A CB  1 
ATOM   931  O  OG  . SER A 1 132 ? 6.553   -4.123  5.840   1.00 30.66 ? 132  SER A OG  1 
ATOM   932  N  N   . VAL A 1 133 ? 4.339   -7.107  8.773   1.00 32.02 ? 133  VAL A N   1 
ATOM   933  C  CA  . VAL A 1 133 ? 3.915   -7.552  10.097  1.00 34.09 ? 133  VAL A CA  1 
ATOM   934  C  C   . VAL A 1 133 ? 3.726   -9.060  10.094  1.00 33.55 ? 133  VAL A C   1 
ATOM   935  O  O   . VAL A 1 133 ? 2.808   -9.579  9.464   1.00 33.42 ? 133  VAL A O   1 
ATOM   936  C  CB  . VAL A 1 133 ? 2.590   -6.878  10.513  1.00 33.75 ? 133  VAL A CB  1 
ATOM   937  C  CG1 . VAL A 1 133 ? 2.173   -7.349  11.905  1.00 33.44 ? 133  VAL A CG1 1 
ATOM   938  C  CG2 . VAL A 1 133 ? 2.756   -5.365  10.497  1.00 34.50 ? 133  VAL A CG2 1 
ATOM   939  N  N   . ASP A 1 134 ? 4.602   -9.760  10.805  1.00 36.10 ? 134  ASP A N   1 
ATOM   940  C  CA  . ASP A 1 134 ? 4.539   -11.214 10.872  1.00 37.58 ? 134  ASP A CA  1 
ATOM   941  C  C   . ASP A 1 134 ? 3.751   -11.698 12.076  1.00 39.58 ? 134  ASP A C   1 
ATOM   942  O  O   . ASP A 1 134 ? 4.311   -12.253 13.026  1.00 39.80 ? 134  ASP A O   1 
ATOM   943  C  CB  . ASP A 1 134 ? 5.954   -11.784 10.898  1.00 37.81 ? 134  ASP A CB  1 
ATOM   944  C  CG  . ASP A 1 134 ? 6.745   -11.401 9.669   1.00 39.02 ? 134  ASP A CG  1 
ATOM   945  O  OD1 . ASP A 1 134 ? 6.317   -11.765 8.554   1.00 38.29 ? 134  ASP A OD1 1 
ATOM   946  O  OD2 . ASP A 1 134 ? 7.788   -10.731 9.814   1.00 40.79 ? 134  ASP A OD2 1 
ATOM   947  N  N   . ARG A 1 135 ? 2.438   -11.493 12.019  1.00 39.87 ? 135  ARG A N   1 
ATOM   948  C  CA  . ARG A 1 135 ? 1.537   -11.892 13.094  1.00 40.90 ? 135  ARG A CA  1 
ATOM   949  C  C   . ARG A 1 135 ? 0.143   -11.384 12.738  1.00 40.69 ? 135  ARG A C   1 
ATOM   950  O  O   . ARG A 1 135 ? 0.003   -10.459 11.935  1.00 40.93 ? 135  ARG A O   1 
ATOM   951  C  CB  . ARG A 1 135 ? 1.989   -11.262 14.414  1.00 42.15 ? 135  ARG A CB  1 
ATOM   952  C  CG  . ARG A 1 135 ? 1.882   -9.749  14.411  1.00 44.69 ? 135  ARG A CG  1 
ATOM   953  C  CD  . ARG A 1 135 ? 2.580   -9.116  15.597  1.00 47.80 ? 135  ARG A CD  1 
ATOM   954  N  NE  . ARG A 1 135 ? 2.300   -7.683  15.660  1.00 49.32 ? 135  ARG A NE  1 
ATOM   955  C  CZ  . ARG A 1 135 ? 2.894   -6.836  16.491  1.00 50.47 ? 135  ARG A CZ  1 
ATOM   956  N  NH1 . ARG A 1 135 ? 3.814   -7.271  17.343  1.00 51.55 ? 135  ARG A NH1 1 
ATOM   957  N  NH2 . ARG A 1 135 ? 2.562   -5.552  16.474  1.00 50.11 ? 135  ARG A NH2 1 
ATOM   958  N  N   . ASN A 1 136 ? -0.883  -11.987 13.325  1.00 40.12 ? 136  ASN A N   1 
ATOM   959  C  CA  . ASN A 1 136 ? -2.251  -11.566 13.057  1.00 40.05 ? 136  ASN A CA  1 
ATOM   960  C  C   . ASN A 1 136 ? -2.747  -10.643 14.159  1.00 39.63 ? 136  ASN A C   1 
ATOM   961  O  O   . ASN A 1 136 ? -2.687  -10.983 15.340  1.00 39.23 ? 136  ASN A O   1 
ATOM   962  C  CB  . ASN A 1 136 ? -3.185  -12.772 12.955  1.00 41.27 ? 136  ASN A CB  1 
ATOM   963  C  CG  . ASN A 1 136 ? -2.861  -13.664 11.778  1.00 43.21 ? 136  ASN A CG  1 
ATOM   964  O  OD1 . ASN A 1 136 ? -2.614  -13.184 10.672  1.00 42.99 ? 136  ASN A OD1 1 
ATOM   965  N  ND2 . ASN A 1 136 ? -2.876  -14.972 12.005  1.00 43.61 ? 136  ASN A ND2 1 
ATOM   966  N  N   . VAL A 1 137 ? -3.230  -9.470  13.767  1.00 37.33 ? 137  VAL A N   1 
ATOM   967  C  CA  . VAL A 1 137 ? -3.753  -8.505  14.720  1.00 36.86 ? 137  VAL A CA  1 
ATOM   968  C  C   . VAL A 1 137 ? -5.231  -8.308  14.406  1.00 36.51 ? 137  VAL A C   1 
ATOM   969  O  O   . VAL A 1 137 ? -5.586  -7.533  13.525  1.00 36.55 ? 137  VAL A O   1 
ATOM   970  C  CB  . VAL A 1 137 ? -3.020  -7.159  14.609  1.00 36.97 ? 137  VAL A CB  1 
ATOM   971  C  CG1 . VAL A 1 137 ? -3.620  -6.161  15.579  1.00 36.08 ? 137  VAL A CG1 1 
ATOM   972  C  CG2 . VAL A 1 137 ? -1.540  -7.356  14.890  1.00 37.14 ? 137  VAL A CG2 1 
ATOM   973  N  N   . PRO A 1 138 ? -6.112  -9.013  15.131  1.00 36.33 ? 138  PRO A N   1 
ATOM   974  C  CA  . PRO A 1 138 ? -7.557  -8.909  14.912  1.00 36.12 ? 138  PRO A CA  1 
ATOM   975  C  C   . PRO A 1 138 ? -8.113  -7.520  15.184  1.00 34.66 ? 138  PRO A C   1 
ATOM   976  O  O   . PRO A 1 138 ? -7.527  -6.741  15.936  1.00 33.50 ? 138  PRO A O   1 
ATOM   977  C  CB  . PRO A 1 138 ? -8.120  -9.959  15.866  1.00 36.91 ? 138  PRO A CB  1 
ATOM   978  C  CG  . PRO A 1 138 ? -7.158  -9.894  17.008  1.00 37.47 ? 138  PRO A CG  1 
ATOM   979  C  CD  . PRO A 1 138 ? -5.823  -9.872  16.293  1.00 37.82 ? 138  PRO A CD  1 
ATOM   980  N  N   . GLY A 1 139 ? -9.245  -7.214  14.560  1.00 33.95 ? 139  GLY A N   1 
ATOM   981  C  CA  . GLY A 1 139 ? -9.862  -5.922  14.775  1.00 33.47 ? 139  GLY A CA  1 
ATOM   982  C  C   . GLY A 1 139 ? -10.226 -5.178  13.508  1.00 33.59 ? 139  GLY A C   1 
ATOM   983  O  O   . GLY A 1 139 ? -9.703  -5.462  12.427  1.00 33.38 ? 139  GLY A O   1 
ATOM   984  N  N   . TYR A 1 140 ? -11.138 -4.222  13.645  1.00 31.96 ? 140  TYR A N   1 
ATOM   985  C  CA  . TYR A 1 140 ? -11.563 -3.422  12.506  1.00 31.56 ? 140  TYR A CA  1 
ATOM   986  C  C   . TYR A 1 140 ? -10.615 -2.240  12.360  1.00 29.77 ? 140  TYR A C   1 
ATOM   987  O  O   . TYR A 1 140 ? -10.459 -1.450  13.289  1.00 28.15 ? 140  TYR A O   1 
ATOM   988  C  CB  . TYR A 1 140 ? -12.988 -2.901  12.709  1.00 32.27 ? 140  TYR A CB  1 
ATOM   989  C  CG  . TYR A 1 140 ? -14.058 -3.969  12.766  1.00 33.50 ? 140  TYR A CG  1 
ATOM   990  C  CD1 . TYR A 1 140 ? -14.116 -4.978  11.804  1.00 34.75 ? 140  TYR A CD1 1 
ATOM   991  C  CD2 . TYR A 1 140 ? -15.037 -3.948  13.759  1.00 34.26 ? 140  TYR A CD2 1 
ATOM   992  C  CE1 . TYR A 1 140 ? -15.125 -5.940  11.826  1.00 34.94 ? 140  TYR A CE1 1 
ATOM   993  C  CE2 . TYR A 1 140 ? -16.052 -4.906  13.791  1.00 35.72 ? 140  TYR A CE2 1 
ATOM   994  C  CZ  . TYR A 1 140 ? -16.091 -5.897  12.823  1.00 36.66 ? 140  TYR A CZ  1 
ATOM   995  O  OH  . TYR A 1 140 ? -17.093 -6.840  12.846  1.00 37.95 ? 140  TYR A OH  1 
ATOM   996  N  N   . VAL A 1 141 ? -9.965  -2.134  11.206  1.00 28.93 ? 141  VAL A N   1 
ATOM   997  C  CA  . VAL A 1 141 ? -9.058  -1.017  10.955  1.00 27.97 ? 141  VAL A CA  1 
ATOM   998  C  C   . VAL A 1 141 ? -9.942  0.100   10.411  1.00 26.08 ? 141  VAL A C   1 
ATOM   999  O  O   . VAL A 1 141 ? -10.358 0.061   9.251   1.00 25.92 ? 141  VAL A O   1 
ATOM   1000 C  CB  . VAL A 1 141 ? -7.987  -1.375  9.904   1.00 28.05 ? 141  VAL A CB  1 
ATOM   1001 C  CG1 . VAL A 1 141 ? -7.034  -0.199  9.710   1.00 28.90 ? 141  VAL A CG1 1 
ATOM   1002 C  CG2 . VAL A 1 141 ? -7.230  -2.605  10.341  1.00 29.96 ? 141  VAL A CG2 1 
ATOM   1003 N  N   . VAL A 1 142 ? -10.234 1.081   11.258  1.00 26.51 ? 142  VAL A N   1 
ATOM   1004 C  CA  . VAL A 1 142 ? -11.109 2.191   10.887  1.00 26.16 ? 142  VAL A CA  1 
ATOM   1005 C  C   . VAL A 1 142 ? -10.470 3.167   9.909   1.00 25.01 ? 142  VAL A C   1 
ATOM   1006 O  O   . VAL A 1 142 ? -9.449  3.783   10.208  1.00 25.58 ? 142  VAL A O   1 
ATOM   1007 C  CB  . VAL A 1 142 ? -11.565 2.985   12.135  1.00 27.07 ? 142  VAL A CB  1 
ATOM   1008 C  CG1 . VAL A 1 142 ? -12.536 4.085   11.723  1.00 27.03 ? 142  VAL A CG1 1 
ATOM   1009 C  CG2 . VAL A 1 142 ? -12.217 2.046   13.142  1.00 28.30 ? 142  VAL A CG2 1 
ATOM   1010 N  N   . ARG A 1 143 ? -11.095 3.317   8.748   1.00 25.31 ? 143  ARG A N   1 
ATOM   1011 C  CA  . ARG A 1 143 ? -10.588 4.217   7.720   1.00 23.84 ? 143  ARG A CA  1 
ATOM   1012 C  C   . ARG A 1 143 ? -11.719 5.047   7.115   1.00 23.41 ? 143  ARG A C   1 
ATOM   1013 O  O   . ARG A 1 143 ? -12.888 4.859   7.452   1.00 20.91 ? 143  ARG A O   1 
ATOM   1014 C  CB  . ARG A 1 143 ? -9.896  3.407   6.619   1.00 22.12 ? 143  ARG A CB  1 
ATOM   1015 C  CG  . ARG A 1 143 ? -8.701  2.565   7.094   1.00 24.00 ? 143  ARG A CG  1 
ATOM   1016 C  CD  . ARG A 1 143 ? -8.049  1.824   5.927   1.00 22.58 ? 143  ARG A CD  1 
ATOM   1017 N  NE  . ARG A 1 143 ? -6.933  0.967   6.341   1.00 22.34 ? 143  ARG A NE  1 
ATOM   1018 C  CZ  . ARG A 1 143 ? -5.744  1.410   6.728   1.00 21.57 ? 143  ARG A CZ  1 
ATOM   1019 N  NH1 . ARG A 1 143 ? -5.490  2.715   6.758   1.00 23.36 ? 143  ARG A NH1 1 
ATOM   1020 N  NH2 . ARG A 1 143 ? -4.804  0.547   7.089   1.00 23.36 ? 143  ARG A NH2 1 
ATOM   1021 N  N   . HIS A 1 144 ? -11.364 5.973   6.226   1.00 22.29 ? 144  HIS A N   1 
ATOM   1022 C  CA  . HIS A 1 144 ? -12.369 6.798   5.569   1.00 23.08 ? 144  HIS A CA  1 
ATOM   1023 C  C   . HIS A 1 144 ? -13.076 5.915   4.552   1.00 22.93 ? 144  HIS A C   1 
ATOM   1024 O  O   . HIS A 1 144 ? -12.423 5.177   3.815   1.00 24.11 ? 144  HIS A O   1 
ATOM   1025 C  CB  . HIS A 1 144 ? -11.713 7.964   4.832   1.00 21.04 ? 144  HIS A CB  1 
ATOM   1026 C  CG  . HIS A 1 144 ? -10.828 8.806   5.693   1.00 23.22 ? 144  HIS A CG  1 
ATOM   1027 N  ND1 . HIS A 1 144 ? -11.282 9.443   6.827   1.00 22.36 ? 144  HIS A ND1 1 
ATOM   1028 C  CD2 . HIS A 1 144 ? -9.524  9.146   5.566   1.00 23.67 ? 144  HIS A CD2 1 
ATOM   1029 C  CE1 . HIS A 1 144 ? -10.295 10.141  7.361   1.00 25.89 ? 144  HIS A CE1 1 
ATOM   1030 N  NE2 . HIS A 1 144 ? -9.217  9.979   6.615   1.00 24.45 ? 144  HIS A NE2 1 
ATOM   1031 N  N   . ALA A 1 145 ? -14.402 5.977   4.508   1.00 23.40 ? 145  ALA A N   1 
ATOM   1032 C  CA  . ALA A 1 145 ? -15.140 5.159   3.552   1.00 23.95 ? 145  ALA A CA  1 
ATOM   1033 C  C   . ALA A 1 145 ? -14.765 5.564   2.136   1.00 22.83 ? 145  ALA A C   1 
ATOM   1034 O  O   . ALA A 1 145 ? -14.513 4.718   1.272   1.00 20.76 ? 145  ALA A O   1 
ATOM   1035 C  CB  . ALA A 1 145 ? -16.643 5.329   3.752   1.00 25.32 ? 145  ALA A CB  1 
ATOM   1036 N  N   . ARG A 1 146 ? -14.721 6.870   1.907   1.00 22.09 ? 146  ARG A N   1 
ATOM   1037 C  CA  . ARG A 1 146 ? -14.404 7.389   0.591   1.00 22.48 ? 146  ARG A CA  1 
ATOM   1038 C  C   . ARG A 1 146 ? -13.329 8.463   0.617   1.00 21.06 ? 146  ARG A C   1 
ATOM   1039 O  O   . ARG A 1 146 ? -13.246 9.263   1.553   1.00 20.53 ? 146  ARG A O   1 
ATOM   1040 C  CB  . ARG A 1 146 ? -15.685 7.923   -0.065  1.00 24.15 ? 146  ARG A CB  1 
ATOM   1041 C  CG  . ARG A 1 146 ? -16.489 6.834   -0.758  1.00 28.98 ? 146  ARG A CG  1 
ATOM   1042 C  CD  . ARG A 1 146 ? -17.907 7.244   -1.124  1.00 31.36 ? 146  ARG A CD  1 
ATOM   1043 N  NE  . ARG A 1 146 ? -18.838 6.833   -0.086  1.00 38.24 ? 146  ARG A NE  1 
ATOM   1044 C  CZ  . ARG A 1 146 ? -19.178 7.578   0.958   1.00 38.31 ? 146  ARG A CZ  1 
ATOM   1045 N  NH1 . ARG A 1 146 ? -18.677 8.794   1.103   1.00 38.38 ? 146  ARG A NH1 1 
ATOM   1046 N  NH2 . ARG A 1 146 ? -19.988 7.086   1.879   1.00 38.76 ? 146  ARG A NH2 1 
ATOM   1047 N  N   . VAL A 1 147 ? -12.490 8.455   -0.413  1.00 20.10 ? 147  VAL A N   1 
ATOM   1048 C  CA  . VAL A 1 147 ? -11.409 9.420   -0.526  1.00 19.67 ? 147  VAL A CA  1 
ATOM   1049 C  C   . VAL A 1 147 ? -11.177 9.848   -1.962  1.00 19.39 ? 147  VAL A C   1 
ATOM   1050 O  O   . VAL A 1 147 ? -11.430 9.095   -2.907  1.00 18.07 ? 147  VAL A O   1 
ATOM   1051 C  CB  . VAL A 1 147 ? -10.065 8.849   -0.023  1.00 20.46 ? 147  VAL A CB  1 
ATOM   1052 C  CG1 . VAL A 1 147 ? -10.157 8.501   1.446   1.00 22.33 ? 147  VAL A CG1 1 
ATOM   1053 C  CG2 . VAL A 1 147 ? -9.683  7.626   -0.855  1.00 19.31 ? 147  VAL A CG2 1 
ATOM   1054 N  N   . THR A 1 148 ? -10.694 11.073  -2.107  1.00 19.31 ? 148  THR A N   1 
ATOM   1055 C  CA  . THR A 1 148 ? -10.341 11.612  -3.406  1.00 18.53 ? 148  THR A CA  1 
ATOM   1056 C  C   . THR A 1 148 ? -8.828  11.701  -3.274  1.00 19.00 ? 148  THR A C   1 
ATOM   1057 O  O   . THR A 1 148 ? -8.315  12.349  -2.357  1.00 16.99 ? 148  THR A O   1 
ATOM   1058 C  CB  . THR A 1 148 ? -10.931 13.011  -3.628  1.00 18.84 ? 148  THR A CB  1 
ATOM   1059 O  OG1 . THR A 1 148 ? -12.363 12.938  -3.562  1.00 18.60 ? 148  THR A OG1 1 
ATOM   1060 C  CG2 . THR A 1 148 ? -10.526 13.541  -4.998  1.00 19.23 ? 148  THR A CG2 1 
ATOM   1061 N  N   . VAL A 1 149 ? -8.115  11.030  -4.171  1.00 17.16 ? 149  VAL A N   1 
ATOM   1062 C  CA  . VAL A 1 149 ? -6.666  11.020  -4.108  1.00 17.66 ? 149  VAL A CA  1 
ATOM   1063 C  C   . VAL A 1 149 ? -6.012  11.639  -5.336  1.00 18.50 ? 149  VAL A C   1 
ATOM   1064 O  O   . VAL A 1 149 ? -6.408  11.364  -6.470  1.00 18.97 ? 149  VAL A O   1 
ATOM   1065 C  CB  . VAL A 1 149 ? -6.136  9.574   -3.958  1.00 17.81 ? 149  VAL A CB  1 
ATOM   1066 C  CG1 . VAL A 1 149 ? -4.609  9.588   -3.857  1.00 19.32 ? 149  VAL A CG1 1 
ATOM   1067 C  CG2 . VAL A 1 149 ? -6.761  8.911   -2.722  1.00 19.31 ? 149  VAL A CG2 1 
ATOM   1068 N  N   . ASP A 1 150 ? -5.026  12.491  -5.089  1.00 18.54 ? 150  ASP A N   1 
ATOM   1069 C  CA  . ASP A 1 150 ? -4.248  13.128  -6.143  1.00 19.50 ? 150  ASP A CA  1 
ATOM   1070 C  C   . ASP A 1 150 ? -2.914  12.399  -6.157  1.00 20.38 ? 150  ASP A C   1 
ATOM   1071 O  O   . ASP A 1 150 ? -2.386  12.038  -5.098  1.00 18.41 ? 150  ASP A O   1 
ATOM   1072 C  CB  . ASP A 1 150 ? -3.969  14.600  -5.826  1.00 19.14 ? 150  ASP A CB  1 
ATOM   1073 C  CG  . ASP A 1 150 ? -5.140  15.510  -6.148  1.00 21.60 ? 150  ASP A CG  1 
ATOM   1074 O  OD1 . ASP A 1 150 ? -6.188  15.002  -6.590  1.00 19.29 ? 150  ASP A OD1 1 
ATOM   1075 O  OD2 . ASP A 1 150 ? -5.001  16.740  -5.958  1.00 20.68 ? 150  ASP A OD2 1 
ATOM   1076 N  N   . TYR A 1 151 ? -2.369  12.174  -7.348  1.00 18.80 ? 151  TYR A N   1 
ATOM   1077 C  CA  . TYR A 1 151 ? -1.072  11.528  -7.463  1.00 18.74 ? 151  TYR A CA  1 
ATOM   1078 C  C   . TYR A 1 151 ? -0.496  11.802  -8.835  1.00 20.03 ? 151  TYR A C   1 
ATOM   1079 O  O   . TYR A 1 151 ? -1.195  12.292  -9.726  1.00 19.23 ? 151  TYR A O   1 
ATOM   1080 C  CB  . TYR A 1 151 ? -1.181  10.019  -7.224  1.00 18.19 ? 151  TYR A CB  1 
ATOM   1081 C  CG  . TYR A 1 151 ? -1.817  9.224   -8.347  1.00 20.32 ? 151  TYR A CG  1 
ATOM   1082 C  CD1 . TYR A 1 151 ? -1.062  8.773   -9.432  1.00 18.19 ? 151  TYR A CD1 1 
ATOM   1083 C  CD2 . TYR A 1 151 ? -3.173  8.906   -8.313  1.00 19.54 ? 151  TYR A CD2 1 
ATOM   1084 C  CE1 . TYR A 1 151 ? -1.650  8.016   -10.458 1.00 20.04 ? 151  TYR A CE1 1 
ATOM   1085 C  CE2 . TYR A 1 151 ? -3.766  8.159   -9.324  1.00 18.82 ? 151  TYR A CE2 1 
ATOM   1086 C  CZ  . TYR A 1 151 ? -3.005  7.716   -10.390 1.00 18.90 ? 151  TYR A CZ  1 
ATOM   1087 O  OH  . TYR A 1 151 ? -3.605  6.966   -11.373 1.00 24.36 ? 151  TYR A OH  1 
ATOM   1088 N  N   . PHE A 1 152 ? 0.788   11.506  -8.992  1.00 17.75 ? 152  PHE A N   1 
ATOM   1089 C  CA  . PHE A 1 152 ? 1.453   11.699  -10.268 1.00 21.06 ? 152  PHE A CA  1 
ATOM   1090 C  C   . PHE A 1 152 ? 1.911   10.346  -10.782 1.00 21.14 ? 152  PHE A C   1 
ATOM   1091 O  O   . PHE A 1 152 ? 2.334   9.496   -9.994  1.00 20.44 ? 152  PHE A O   1 
ATOM   1092 C  CB  . PHE A 1 152 ? 2.657   12.629  -10.114 1.00 21.92 ? 152  PHE A CB  1 
ATOM   1093 C  CG  . PHE A 1 152 ? 2.289   14.035  -9.739  1.00 23.92 ? 152  PHE A CG  1 
ATOM   1094 C  CD1 . PHE A 1 152 ? 2.014   14.369  -8.418  1.00 23.71 ? 152  PHE A CD1 1 
ATOM   1095 C  CD2 . PHE A 1 152 ? 2.183   15.022  -10.719 1.00 25.83 ? 152  PHE A CD2 1 
ATOM   1096 C  CE1 . PHE A 1 152 ? 1.633   15.667  -8.072  1.00 26.50 ? 152  PHE A CE1 1 
ATOM   1097 C  CE2 . PHE A 1 152 ? 1.803   16.320  -10.386 1.00 25.72 ? 152  PHE A CE2 1 
ATOM   1098 C  CZ  . PHE A 1 152 ? 1.528   16.646  -9.061  1.00 27.43 ? 152  PHE A CZ  1 
ATOM   1099 N  N   . ASP A 1 153 ? 1.813   10.136  -12.093 1.00 22.40 ? 153  ASP A N   1 
ATOM   1100 C  CA  . ASP A 1 153 ? 2.258   8.877   -12.677 1.00 23.86 ? 153  ASP A CA  1 
ATOM   1101 C  C   . ASP A 1 153 ? 3.735   9.022   -13.038 1.00 24.77 ? 153  ASP A C   1 
ATOM   1102 O  O   . ASP A 1 153 ? 4.324   10.076  -12.818 1.00 24.48 ? 153  ASP A O   1 
ATOM   1103 C  CB  . ASP A 1 153 ? 1.429   8.510   -13.922 1.00 25.56 ? 153  ASP A CB  1 
ATOM   1104 C  CG  . ASP A 1 153 ? 1.513   9.552   -15.015 1.00 25.53 ? 153  ASP A CG  1 
ATOM   1105 O  OD1 . ASP A 1 153 ? 2.608   10.107  -15.230 1.00 27.34 ? 153  ASP A OD1 1 
ATOM   1106 O  OD2 . ASP A 1 153 ? 0.481   9.811   -15.676 1.00 27.47 ? 153  ASP A OD2 1 
ATOM   1107 N  N   . LYS A 1 154 ? 4.327   7.966   -13.588 1.00 28.39 ? 154  LYS A N   1 
ATOM   1108 C  CA  . LYS A 1 154 ? 5.744   7.974   -13.945 1.00 32.54 ? 154  LYS A CA  1 
ATOM   1109 C  C   . LYS A 1 154 ? 6.156   9.094   -14.895 1.00 34.61 ? 154  LYS A C   1 
ATOM   1110 O  O   . LYS A 1 154 ? 7.324   9.488   -14.923 1.00 36.24 ? 154  LYS A O   1 
ATOM   1111 C  CB  . LYS A 1 154 ? 6.136   6.630   -14.561 1.00 35.37 ? 154  LYS A CB  1 
ATOM   1112 C  CG  . LYS A 1 154 ? 5.529   6.379   -15.936 1.00 38.01 ? 154  LYS A CG  1 
ATOM   1113 C  CD  . LYS A 1 154 ? 5.810   4.964   -16.422 1.00 40.48 ? 154  LYS A CD  1 
ATOM   1114 C  CE  . LYS A 1 154 ? 5.132   3.927   -15.535 1.00 41.58 ? 154  LYS A CE  1 
ATOM   1115 N  NZ  . LYS A 1 154 ? 5.352   2.535   -16.020 1.00 42.22 ? 154  LYS A NZ  1 
ATOM   1116 N  N   . ASP A 1 155 ? 5.209   9.606   -15.673 1.00 34.36 ? 155  ASP A N   1 
ATOM   1117 C  CA  . ASP A 1 155 ? 5.510   10.669  -16.625 1.00 35.17 ? 155  ASP A CA  1 
ATOM   1118 C  C   . ASP A 1 155 ? 5.339   12.048  -16.021 1.00 33.81 ? 155  ASP A C   1 
ATOM   1119 O  O   . ASP A 1 155 ? 5.497   13.056  -16.706 1.00 35.89 ? 155  ASP A O   1 
ATOM   1120 C  CB  . ASP A 1 155 ? 4.621   10.537  -17.865 1.00 39.53 ? 155  ASP A CB  1 
ATOM   1121 C  CG  . ASP A 1 155 ? 4.750   9.178   -18.531 1.00 40.35 ? 155  ASP A CG  1 
ATOM   1122 O  OD1 . ASP A 1 155 ? 5.889   8.758   -18.821 1.00 42.77 ? 155  ASP A OD1 1 
ATOM   1123 O  OD2 . ASP A 1 155 ? 3.711   8.530   -18.765 1.00 42.69 ? 155  ASP A OD2 1 
ATOM   1124 N  N   . GLY A 1 156 ? 5.009   12.093  -14.735 1.00 31.37 ? 156  GLY A N   1 
ATOM   1125 C  CA  . GLY A 1 156 ? 4.829   13.370  -14.072 1.00 30.17 ? 156  GLY A CA  1 
ATOM   1126 C  C   . GLY A 1 156 ? 3.465   13.998  -14.285 1.00 28.51 ? 156  GLY A C   1 
ATOM   1127 O  O   . GLY A 1 156 ? 3.253   15.156  -13.923 1.00 28.81 ? 156  GLY A O   1 
ATOM   1128 N  N   . GLU A 1 157 ? 2.541   13.245  -14.877 1.00 28.08 ? 157  GLU A N   1 
ATOM   1129 C  CA  . GLU A 1 157 ? 1.187   13.744  -15.125 1.00 26.28 ? 157  GLU A CA  1 
ATOM   1130 C  C   . GLU A 1 157 ? 0.351   13.583  -13.856 1.00 24.69 ? 157  GLU A C   1 
ATOM   1131 O  O   . GLU A 1 157 ? 0.428   12.555  -13.178 1.00 20.92 ? 157  GLU A O   1 
ATOM   1132 C  CB  . GLU A 1 157 ? 0.535   12.960  -16.265 1.00 29.40 ? 157  GLU A CB  1 
ATOM   1133 C  CG  . GLU A 1 157 ? 1.412   12.819  -17.498 1.00 34.81 ? 157  GLU A CG  1 
ATOM   1134 C  CD  . GLU A 1 157 ? 0.851   13.541  -18.704 1.00 39.14 ? 157  GLU A CD  1 
ATOM   1135 O  OE1 . GLU A 1 157 ? 0.619   14.765  -18.611 1.00 41.08 ? 157  GLU A OE1 1 
ATOM   1136 O  OE2 . GLU A 1 157 ? 0.644   12.879  -19.745 1.00 41.67 ? 157  GLU A OE2 1 
ATOM   1137 N  N   . LYS A 1 158 ? -0.455  14.594  -13.549 1.00 23.78 ? 158  LYS A N   1 
ATOM   1138 C  CA  . LYS A 1 158 ? -1.294  14.577  -12.353 1.00 24.56 ? 158  LYS A CA  1 
ATOM   1139 C  C   . LYS A 1 158 ? -2.615  13.852  -12.582 1.00 23.51 ? 158  LYS A C   1 
ATOM   1140 O  O   . LYS A 1 158 ? -3.253  14.012  -13.619 1.00 23.31 ? 158  LYS A O   1 
ATOM   1141 C  CB  . LYS A 1 158 ? -1.581  16.006  -11.896 1.00 26.35 ? 158  LYS A CB  1 
ATOM   1142 C  CG  . LYS A 1 158 ? -2.254  16.117  -10.532 1.00 32.45 ? 158  LYS A CG  1 
ATOM   1143 C  CD  . LYS A 1 158 ? -2.772  17.537  -10.300 1.00 35.57 ? 158  LYS A CD  1 
ATOM   1144 C  CE  . LYS A 1 158 ? -3.338  17.724  -8.900  1.00 36.92 ? 158  LYS A CE  1 
ATOM   1145 N  NZ  . LYS A 1 158 ? -2.258  17.795  -7.881  1.00 40.99 ? 158  LYS A NZ  1 
ATOM   1146 N  N   . HIS A 1 159 ? -3.014  13.059  -11.595 1.00 19.11 ? 159  HIS A N   1 
ATOM   1147 C  CA  . HIS A 1 159 ? -4.257  12.304  -11.652 1.00 20.75 ? 159  HIS A CA  1 
ATOM   1148 C  C   . HIS A 1 159 ? -5.060  12.581  -10.381 1.00 18.89 ? 159  HIS A C   1 
ATOM   1149 O  O   . HIS A 1 159 ? -4.482  12.716  -9.305  1.00 19.85 ? 159  HIS A O   1 
ATOM   1150 C  CB  . HIS A 1 159 ? -3.955  10.804  -11.727 1.00 19.73 ? 159  HIS A CB  1 
ATOM   1151 C  CG  . HIS A 1 159 ? -3.322  10.377  -13.013 1.00 22.50 ? 159  HIS A CG  1 
ATOM   1152 N  ND1 . HIS A 1 159 ? -4.059  9.996   -14.113 1.00 20.97 ? 159  HIS A ND1 1 
ATOM   1153 C  CD2 . HIS A 1 159 ? -2.023  10.293  -13.383 1.00 20.67 ? 159  HIS A CD2 1 
ATOM   1154 C  CE1 . HIS A 1 159 ? -3.241  9.694   -15.105 1.00 23.00 ? 159  HIS A CE1 1 
ATOM   1155 N  NE2 . HIS A 1 159 ? -2.000  9.866   -14.689 1.00 22.34 ? 159  HIS A NE2 1 
ATOM   1156 N  N   . ARG A 1 160 ? -6.377  12.676  -10.515 1.00 17.54 ? 160  ARG A N   1 
ATOM   1157 C  CA  . ARG A 1 160 ? -7.264  12.898  -9.371  1.00 16.39 ? 160  ARG A CA  1 
ATOM   1158 C  C   . ARG A 1 160 ? -8.362  11.850  -9.487  1.00 16.73 ? 160  ARG A C   1 
ATOM   1159 O  O   . ARG A 1 160 ? -9.152  11.862  -10.429 1.00 16.76 ? 160  ARG A O   1 
ATOM   1160 C  CB  . ARG A 1 160 ? -7.865  14.315  -9.392  1.00 17.93 ? 160  ARG A CB  1 
ATOM   1161 C  CG  . ARG A 1 160 ? -8.894  14.598  -8.280  1.00 16.26 ? 160  ARG A CG  1 
ATOM   1162 C  CD  . ARG A 1 160 ? -9.138  16.112  -8.112  1.00 21.52 ? 160  ARG A CD  1 
ATOM   1163 N  NE  . ARG A 1 160 ? -8.000  16.791  -7.486  1.00 20.79 ? 160  ARG A NE  1 
ATOM   1164 C  CZ  . ARG A 1 160 ? -7.786  18.107  -7.523  1.00 24.59 ? 160  ARG A CZ  1 
ATOM   1165 N  NH1 . ARG A 1 160 ? -8.628  18.910  -8.161  1.00 22.13 ? 160  ARG A NH1 1 
ATOM   1166 N  NH2 . ARG A 1 160 ? -6.725  18.623  -6.920  1.00 25.21 ? 160  ARG A NH2 1 
ATOM   1167 N  N   . ILE A 1 161 ? -8.396  10.932  -8.531  1.00 16.90 ? 161  ILE A N   1 
ATOM   1168 C  CA  . ILE A 1 161 ? -9.375  9.858   -8.560  1.00 17.70 ? 161  ILE A CA  1 
ATOM   1169 C  C   . ILE A 1 161 ? -10.196 9.760   -7.290  1.00 17.02 ? 161  ILE A C   1 
ATOM   1170 O  O   . ILE A 1 161 ? -9.768  10.218  -6.231  1.00 17.03 ? 161  ILE A O   1 
ATOM   1171 C  CB  . ILE A 1 161 ? -8.673  8.505   -8.801  1.00 18.10 ? 161  ILE A CB  1 
ATOM   1172 C  CG1 . ILE A 1 161 ? -7.699  8.207   -7.655  1.00 20.20 ? 161  ILE A CG1 1 
ATOM   1173 C  CG2 . ILE A 1 161 ? -7.927  8.544   -10.132 1.00 19.05 ? 161  ILE A CG2 1 
ATOM   1174 C  CD1 . ILE A 1 161 ? -6.980  6.864   -7.771  1.00 22.66 ? 161  ILE A CD1 1 
ATOM   1175 N  N   . LYS A 1 162 ? -11.389 9.181   -7.407  1.00 16.23 ? 162  LYS A N   1 
ATOM   1176 C  CA  . LYS A 1 162 ? -12.250 8.987   -6.252  1.00 18.11 ? 162  LYS A CA  1 
ATOM   1177 C  C   . LYS A 1 162 ? -12.401 7.485   -6.047  1.00 18.95 ? 162  LYS A C   1 
ATOM   1178 O  O   . LYS A 1 162 ? -12.738 6.747   -6.982  1.00 18.59 ? 162  LYS A O   1 
ATOM   1179 C  CB  . LYS A 1 162 ? -13.613 9.649   -6.462  1.00 19.28 ? 162  LYS A CB  1 
ATOM   1180 C  CG  . LYS A 1 162 ? -13.538 11.167  -6.408  1.00 19.23 ? 162  LYS A CG  1 
ATOM   1181 C  CD  . LYS A 1 162 ? -14.891 11.821  -6.645  1.00 21.40 ? 162  LYS A CD  1 
ATOM   1182 C  CE  . LYS A 1 162 ? -14.790 13.339  -6.462  1.00 19.59 ? 162  LYS A CE  1 
ATOM   1183 N  NZ  . LYS A 1 162 ? -16.093 14.026  -6.712  1.00 19.80 ? 162  LYS A NZ  1 
ATOM   1184 N  N   . LEU A 1 163 ? -12.137 7.045   -4.819  1.00 18.14 ? 163  LEU A N   1 
ATOM   1185 C  CA  . LEU A 1 163 ? -12.201 5.635   -4.470  1.00 18.47 ? 163  LEU A CA  1 
ATOM   1186 C  C   . LEU A 1 163 ? -13.212 5.332   -3.376  1.00 19.37 ? 163  LEU A C   1 
ATOM   1187 O  O   . LEU A 1 163 ? -13.492 6.168   -2.517  1.00 18.98 ? 163  LEU A O   1 
ATOM   1188 C  CB  . LEU A 1 163 ? -10.822 5.151   -4.002  1.00 17.15 ? 163  LEU A CB  1 
ATOM   1189 C  CG  . LEU A 1 163 ? -9.638  5.348   -4.950  1.00 17.64 ? 163  LEU A CG  1 
ATOM   1190 C  CD1 . LEU A 1 163 ? -8.371  4.918   -4.253  1.00 22.75 ? 163  LEU A CD1 1 
ATOM   1191 C  CD2 . LEU A 1 163 ? -9.843  4.556   -6.222  1.00 21.50 ? 163  LEU A CD2 1 
ATOM   1192 N  N   . LYS A 1 164 ? -13.730 4.110   -3.413  1.00 20.57 ? 164  LYS A N   1 
ATOM   1193 C  CA  . LYS A 1 164 ? -14.694 3.633   -2.435  1.00 21.99 ? 164  LYS A CA  1 
ATOM   1194 C  C   . LYS A 1 164 ? -14.433 2.144   -2.224  1.00 22.10 ? 164  LYS A C   1 
ATOM   1195 O  O   . LYS A 1 164 ? -13.550 1.565   -2.858  1.00 21.32 ? 164  LYS A O   1 
ATOM   1196 C  CB  . LYS A 1 164 ? -16.116 3.845   -2.953  1.00 23.43 ? 164  LYS A CB  1 
ATOM   1197 C  CG  . LYS A 1 164 ? -16.414 3.081   -4.237  1.00 26.88 ? 164  LYS A CG  1 
ATOM   1198 C  CD  . LYS A 1 164 ? -17.771 3.450   -4.809  1.00 31.61 ? 164  LYS A CD  1 
ATOM   1199 C  CE  . LYS A 1 164 ? -18.015 2.748   -6.140  1.00 32.61 ? 164  LYS A CE  1 
ATOM   1200 N  NZ  . LYS A 1 164 ? -19.308 3.160   -6.767  1.00 35.21 ? 164  LYS A NZ  1 
ATOM   1201 N  N   . GLY A 1 165 ? -15.194 1.535   -1.324  1.00 22.22 ? 165  GLY A N   1 
ATOM   1202 C  CA  . GLY A 1 165 ? -15.043 0.116   -1.062  1.00 23.25 ? 165  GLY A CA  1 
ATOM   1203 C  C   . GLY A 1 165 ? -13.636 -0.364  -0.750  1.00 23.69 ? 165  GLY A C   1 
ATOM   1204 O  O   . GLY A 1 165 ? -12.899 0.265   0.009   1.00 23.75 ? 165  GLY A O   1 
ATOM   1205 N  N   . TYR A 1 166 ? -13.259 -1.492  -1.345  1.00 25.52 ? 166  TYR A N   1 
ATOM   1206 C  CA  . TYR A 1 166 ? -11.947 -2.067  -1.105  1.00 26.19 ? 166  TYR A CA  1 
ATOM   1207 C  C   . TYR A 1 166 ? -10.797 -1.204  -1.619  1.00 24.41 ? 166  TYR A C   1 
ATOM   1208 O  O   . TYR A 1 166 ? -9.797  -1.040  -0.928  1.00 23.95 ? 166  TYR A O   1 
ATOM   1209 C  CB  . TYR A 1 166 ? -11.859 -3.473  -1.717  1.00 31.51 ? 166  TYR A CB  1 
ATOM   1210 C  CG  . TYR A 1 166 ? -12.825 -4.477  -1.120  1.00 37.12 ? 166  TYR A CG  1 
ATOM   1211 C  CD1 . TYR A 1 166 ? -12.672 -5.843  -1.357  1.00 41.16 ? 166  TYR A CD1 1 
ATOM   1212 C  CD2 . TYR A 1 166 ? -13.890 -4.066  -0.318  1.00 41.25 ? 166  TYR A CD2 1 
ATOM   1213 C  CE1 . TYR A 1 166 ? -13.555 -6.774  -0.804  1.00 43.08 ? 166  TYR A CE1 1 
ATOM   1214 C  CE2 . TYR A 1 166 ? -14.780 -4.989  0.236   1.00 42.96 ? 166  TYR A CE2 1 
ATOM   1215 C  CZ  . TYR A 1 166 ? -14.605 -6.339  -0.010  1.00 43.42 ? 166  TYR A CZ  1 
ATOM   1216 O  OH  . TYR A 1 166 ? -15.477 -7.251  0.549   1.00 46.60 ? 166  TYR A OH  1 
ATOM   1217 N  N   . ASN A 1 167 ? -10.932 -0.650  -2.820  1.00 23.41 ? 167  ASN A N   1 
ATOM   1218 C  CA  . ASN A 1 167 ? -9.861  0.187   -3.366  1.00 22.87 ? 167  ASN A CA  1 
ATOM   1219 C  C   . ASN A 1 167 ? -9.518  1.321   -2.406  1.00 20.90 ? 167  ASN A C   1 
ATOM   1220 O  O   . ASN A 1 167 ? -8.347  1.625   -2.176  1.00 22.12 ? 167  ASN A O   1 
ATOM   1221 C  CB  . ASN A 1 167 ? -10.254 0.781   -4.719  1.00 23.40 ? 167  ASN A CB  1 
ATOM   1222 C  CG  . ASN A 1 167 ? -10.494 -0.273  -5.779  1.00 26.20 ? 167  ASN A CG  1 
ATOM   1223 O  OD1 . ASN A 1 167 ? -9.927  -1.367  -5.732  1.00 26.55 ? 167  ASN A OD1 1 
ATOM   1224 N  ND2 . ASN A 1 167 ? -11.327 0.058   -6.756  1.00 26.89 ? 167  ASN A ND2 1 
ATOM   1225 N  N   . SER A 1 168 ? -10.546 1.949   -1.847  1.00 20.03 ? 168  SER A N   1 
ATOM   1226 C  CA  . SER A 1 168 ? -10.343 3.049   -0.909  1.00 19.41 ? 168  SER A CA  1 
ATOM   1227 C  C   . SER A 1 168 ? -9.524  2.580   0.288   1.00 19.57 ? 168  SER A C   1 
ATOM   1228 O  O   . SER A 1 168 ? -8.593  3.256   0.724   1.00 19.46 ? 168  SER A O   1 
ATOM   1229 C  CB  . SER A 1 168 ? -11.693 3.597   -0.431  1.00 18.15 ? 168  SER A CB  1 
ATOM   1230 O  OG  . SER A 1 168 ? -11.524 4.500   0.653   1.00 17.20 ? 168  SER A OG  1 
ATOM   1231 N  N   . ILE A 1 169 ? -9.872  1.416   0.817   1.00 19.40 ? 169  ILE A N   1 
ATOM   1232 C  CA  . ILE A 1 169 ? -9.158  0.873   1.964   1.00 21.23 ? 169  ILE A CA  1 
ATOM   1233 C  C   . ILE A 1 169 ? -7.691  0.606   1.628   1.00 20.98 ? 169  ILE A C   1 
ATOM   1234 O  O   . ILE A 1 169 ? -6.789  1.009   2.366   1.00 19.95 ? 169  ILE A O   1 
ATOM   1235 C  CB  . ILE A 1 169 ? -9.810  -0.449  2.442   1.00 22.86 ? 169  ILE A CB  1 
ATOM   1236 C  CG1 . ILE A 1 169 ? -11.241 -0.187  2.913   1.00 24.96 ? 169  ILE A CG1 1 
ATOM   1237 C  CG2 . ILE A 1 169 ? -8.977  -1.072  3.560   1.00 23.77 ? 169  ILE A CG2 1 
ATOM   1238 C  CD1 . ILE A 1 169 ? -11.336 0.793   4.074   1.00 25.89 ? 169  ILE A CD1 1 
ATOM   1239 N  N   . VAL A 1 170 ? -7.460  -0.073  0.506   1.00 20.49 ? 170  VAL A N   1 
ATOM   1240 C  CA  . VAL A 1 170 ? -6.102  -0.419  0.085   1.00 18.59 ? 170  VAL A CA  1 
ATOM   1241 C  C   . VAL A 1 170 ? -5.191  0.792   -0.123  1.00 18.50 ? 170  VAL A C   1 
ATOM   1242 O  O   . VAL A 1 170 ? -4.060  0.808   0.352   1.00 20.63 ? 170  VAL A O   1 
ATOM   1243 C  CB  . VAL A 1 170 ? -6.133  -1.267  -1.207  1.00 17.90 ? 170  VAL A CB  1 
ATOM   1244 C  CG1 . VAL A 1 170 ? -4.717  -1.504  -1.723  1.00 17.97 ? 170  VAL A CG1 1 
ATOM   1245 C  CG2 . VAL A 1 170 ? -6.811  -2.597  -0.922  1.00 20.28 ? 170  VAL A CG2 1 
ATOM   1246 N  N   . VAL A 1 171 ? -5.677  1.807   -0.829  1.00 18.47 ? 171  VAL A N   1 
ATOM   1247 C  CA  . VAL A 1 171 ? -4.857  2.996   -1.062  1.00 16.75 ? 171  VAL A CA  1 
ATOM   1248 C  C   . VAL A 1 171 ? -4.524  3.713   0.247   1.00 17.31 ? 171  VAL A C   1 
ATOM   1249 O  O   . VAL A 1 171 ? -3.409  4.208   0.411   1.00 16.92 ? 171  VAL A O   1 
ATOM   1250 C  CB  . VAL A 1 171 ? -5.553  3.968   -2.039  1.00 16.34 ? 171  VAL A CB  1 
ATOM   1251 C  CG1 . VAL A 1 171 ? -4.743  5.264   -2.174  1.00 16.79 ? 171  VAL A CG1 1 
ATOM   1252 C  CG2 . VAL A 1 171 ? -5.683  3.298   -3.409  1.00 15.74 ? 171  VAL A CG2 1 
ATOM   1253 N  N   . GLN A 1 172 ? -5.479  3.758   1.176   1.00 15.76 ? 172  GLN A N   1 
ATOM   1254 C  CA  . GLN A 1 172 ? -5.253  4.405   2.465   1.00 17.39 ? 172  GLN A CA  1 
ATOM   1255 C  C   . GLN A 1 172 ? -4.196  3.644   3.256   1.00 20.16 ? 172  GLN A C   1 
ATOM   1256 O  O   . GLN A 1 172 ? -3.368  4.243   3.937   1.00 21.17 ? 172  GLN A O   1 
ATOM   1257 C  CB  . GLN A 1 172 ? -6.554  4.488   3.273   1.00 18.09 ? 172  GLN A CB  1 
ATOM   1258 C  CG  . GLN A 1 172 ? -7.526  5.542   2.752   1.00 18.84 ? 172  GLN A CG  1 
ATOM   1259 C  CD  . GLN A 1 172 ? -8.809  5.612   3.554   1.00 18.24 ? 172  GLN A CD  1 
ATOM   1260 O  OE1 . GLN A 1 172 ? -8.828  6.110   4.682   1.00 22.28 ? 172  GLN A OE1 1 
ATOM   1261 N  NE2 . GLN A 1 172 ? -9.885  5.102   2.981   1.00 19.23 ? 172  GLN A NE2 1 
ATOM   1262 N  N   . HIS A 1 173 ? -4.227  2.321   3.161   1.00 20.71 ? 173  HIS A N   1 
ATOM   1263 C  CA  . HIS A 1 173 ? -3.241  1.491   3.848   1.00 22.27 ? 173  HIS A CA  1 
ATOM   1264 C  C   . HIS A 1 173 ? -1.831  1.838   3.344   1.00 19.44 ? 173  HIS A C   1 
ATOM   1265 O  O   . HIS A 1 173 ? -0.909  2.000   4.138   1.00 20.47 ? 173  HIS A O   1 
ATOM   1266 C  CB  . HIS A 1 173 ? -3.560  0.012   3.600   1.00 23.31 ? 173  HIS A CB  1 
ATOM   1267 C  CG  . HIS A 1 173 ? -2.602  -0.943  4.245   1.00 26.54 ? 173  HIS A CG  1 
ATOM   1268 N  ND1 . HIS A 1 173 ? -3.009  -1.905  5.143   1.00 28.46 ? 173  HIS A ND1 1 
ATOM   1269 C  CD2 . HIS A 1 173 ? -1.272  -1.129  4.073   1.00 27.64 ? 173  HIS A CD2 1 
ATOM   1270 C  CE1 . HIS A 1 173 ? -1.972  -2.644  5.495   1.00 30.48 ? 173  HIS A CE1 1 
ATOM   1271 N  NE2 . HIS A 1 173 ? -0.906  -2.195  4.859   1.00 29.76 ? 173  HIS A NE2 1 
ATOM   1272 N  N   . GLU A 1 174 ? -1.659  1.967   2.030   1.00 19.65 ? 174  GLU A N   1 
ATOM   1273 C  CA  . GLU A 1 174 ? -0.335  2.302   1.491   1.00 18.17 ? 174  GLU A CA  1 
ATOM   1274 C  C   . GLU A 1 174 ? 0.096   3.732   1.809   1.00 18.17 ? 174  GLU A C   1 
ATOM   1275 O  O   . GLU A 1 174 ? 1.271   3.988   2.114   1.00 16.86 ? 174  GLU A O   1 
ATOM   1276 C  CB  . GLU A 1 174 ? -0.285  2.101   -0.026  1.00 18.90 ? 174  GLU A CB  1 
ATOM   1277 C  CG  . GLU A 1 174 ? -0.620  0.705   -0.506  1.00 20.99 ? 174  GLU A CG  1 
ATOM   1278 C  CD  . GLU A 1 174 ? 0.009   -0.394  0.340   1.00 23.92 ? 174  GLU A CD  1 
ATOM   1279 O  OE1 . GLU A 1 174 ? 1.171   -0.249  0.774   1.00 21.20 ? 174  GLU A OE1 1 
ATOM   1280 O  OE2 . GLU A 1 174 ? -0.671  -1.416  0.552   1.00 25.73 ? 174  GLU A OE2 1 
ATOM   1281 N  N   . ILE A 1 175 ? -0.840  4.671   1.725   1.00 18.02 ? 175  ILE A N   1 
ATOM   1282 C  CA  . ILE A 1 175 ? -0.514  6.062   2.020   1.00 19.00 ? 175  ILE A CA  1 
ATOM   1283 C  C   . ILE A 1 175 ? -0.085  6.149   3.485   1.00 22.41 ? 175  ILE A C   1 
ATOM   1284 O  O   . ILE A 1 175 ? 0.802   6.928   3.832   1.00 20.65 ? 175  ILE A O   1 
ATOM   1285 C  CB  . ILE A 1 175 ? -1.719  6.996   1.739   1.00 19.43 ? 175  ILE A CB  1 
ATOM   1286 C  CG1 . ILE A 1 175 ? -1.893  7.147   0.220   1.00 19.98 ? 175  ILE A CG1 1 
ATOM   1287 C  CG2 . ILE A 1 175 ? -1.515  8.367   2.406   1.00 19.99 ? 175  ILE A CG2 1 
ATOM   1288 C  CD1 . ILE A 1 175 ? -3.056  8.030   -0.189  1.00 22.08 ? 175  ILE A CD1 1 
ATOM   1289 N  N   . ASP A 1 176 ? -0.699  5.332   4.339   1.00 21.10 ? 176  ASP A N   1 
ATOM   1290 C  CA  . ASP A 1 176 ? -0.336  5.338   5.754   1.00 22.85 ? 176  ASP A CA  1 
ATOM   1291 C  C   . ASP A 1 176 ? 1.140   4.965   5.889   1.00 22.25 ? 176  ASP A C   1 
ATOM   1292 O  O   . ASP A 1 176 ? 1.857   5.539   6.707   1.00 22.00 ? 176  ASP A O   1 
ATOM   1293 C  CB  . ASP A 1 176 ? -1.188  4.335   6.550   1.00 23.18 ? 176  ASP A CB  1 
ATOM   1294 C  CG  . ASP A 1 176 ? -2.436  4.966   7.161   1.00 23.81 ? 176  ASP A CG  1 
ATOM   1295 O  OD1 . ASP A 1 176 ? -2.570  6.207   7.132   1.00 25.46 ? 176  ASP A OD1 1 
ATOM   1296 O  OD2 . ASP A 1 176 ? -3.285  4.213   7.684   1.00 24.85 ? 176  ASP A OD2 1 
ATOM   1297 N  N   . HIS A 1 177 ? 1.589   4.006   5.081   1.00 21.87 ? 177  HIS A N   1 
ATOM   1298 C  CA  . HIS A 1 177 ? 2.981   3.575   5.128   1.00 23.23 ? 177  HIS A CA  1 
ATOM   1299 C  C   . HIS A 1 177 ? 3.936   4.727   4.877   1.00 23.56 ? 177  HIS A C   1 
ATOM   1300 O  O   . HIS A 1 177 ? 4.920   4.882   5.596   1.00 21.79 ? 177  HIS A O   1 
ATOM   1301 C  CB  . HIS A 1 177 ? 3.262   2.460   4.108   1.00 25.17 ? 177  HIS A CB  1 
ATOM   1302 C  CG  . HIS A 1 177 ? 2.947   1.084   4.608   1.00 23.98 ? 177  HIS A CG  1 
ATOM   1303 N  ND1 . HIS A 1 177 ? 3.389   0.616   5.827   1.00 26.51 ? 177  HIS A ND1 1 
ATOM   1304 C  CD2 . HIS A 1 177 ? 2.247   0.068   4.048   1.00 24.57 ? 177  HIS A CD2 1 
ATOM   1305 C  CE1 . HIS A 1 177 ? 2.975   -0.627  5.998   1.00 23.98 ? 177  HIS A CE1 1 
ATOM   1306 N  NE2 . HIS A 1 177 ? 2.280   -0.984  4.933   1.00 25.40 ? 177  HIS A NE2 1 
ATOM   1307 N  N   . ILE A 1 178 ? 3.650   5.540   3.864   1.00 21.94 ? 178  ILE A N   1 
ATOM   1308 C  CA  . ILE A 1 178 ? 4.532   6.657   3.558   1.00 21.91 ? 178  ILE A CA  1 
ATOM   1309 C  C   . ILE A 1 178 ? 4.425   7.771   4.593   1.00 21.40 ? 178  ILE A C   1 
ATOM   1310 O  O   . ILE A 1 178 ? 5.138   8.766   4.518   1.00 21.60 ? 178  ILE A O   1 
ATOM   1311 C  CB  . ILE A 1 178 ? 4.288   7.220   2.130   1.00 21.78 ? 178  ILE A CB  1 
ATOM   1312 C  CG1 . ILE A 1 178 ? 2.881   7.787   2.001   1.00 21.88 ? 178  ILE A CG1 1 
ATOM   1313 C  CG2 . ILE A 1 178 ? 4.502   6.108   1.092   1.00 20.41 ? 178  ILE A CG2 1 
ATOM   1314 C  CD1 . ILE A 1 178 ? 2.652   8.511   0.674   1.00 22.58 ? 178  ILE A CD1 1 
ATOM   1315 N  N   . ASN A 1 179 ? 3.533   7.595   5.561   1.00 25.24 ? 179  ASN A N   1 
ATOM   1316 C  CA  . ASN A 1 179 ? 3.379   8.567   6.643   1.00 27.82 ? 179  ASN A CA  1 
ATOM   1317 C  C   . ASN A 1 179 ? 3.773   7.935   7.982   1.00 29.22 ? 179  ASN A C   1 
ATOM   1318 O  O   . ASN A 1 179 ? 3.487   8.482   9.043   1.00 30.26 ? 179  ASN A O   1 
ATOM   1319 C  CB  . ASN A 1 179 ? 1.942   9.096   6.729   1.00 27.23 ? 179  ASN A CB  1 
ATOM   1320 C  CG  . ASN A 1 179 ? 1.638   10.148  5.671   1.00 27.28 ? 179  ASN A CG  1 
ATOM   1321 O  OD1 . ASN A 1 179 ? 2.504   10.947  5.302   1.00 25.35 ? 179  ASN A OD1 1 
ATOM   1322 N  ND2 . ASN A 1 179 ? 0.399   10.167  5.196   1.00 26.78 ? 179  ASN A ND2 1 
ATOM   1323 N  N   . GLY A 1 180 ? 4.425   6.777   7.918   1.00 30.37 ? 180  GLY A N   1 
ATOM   1324 C  CA  . GLY A 1 180 ? 4.871   6.096   9.122   1.00 30.70 ? 180  GLY A CA  1 
ATOM   1325 C  C   . GLY A 1 180 ? 3.771   5.553   10.013  1.00 31.35 ? 180  GLY A C   1 
ATOM   1326 O  O   . GLY A 1 180 ? 3.950   5.450   11.231  1.00 31.86 ? 180  GLY A O   1 
ATOM   1327 N  N   . ILE A 1 181 ? 2.641   5.191   9.413   1.00 29.03 ? 181  ILE A N   1 
ATOM   1328 C  CA  . ILE A 1 181 ? 1.507   4.659   10.158  1.00 28.92 ? 181  ILE A CA  1 
ATOM   1329 C  C   . ILE A 1 181 ? 1.261   3.192   9.816   1.00 29.86 ? 181  ILE A C   1 
ATOM   1330 O  O   . ILE A 1 181 ? 1.388   2.789   8.659   1.00 30.46 ? 181  ILE A O   1 
ATOM   1331 C  CB  . ILE A 1 181 ? 0.226   5.471   9.854   1.00 28.23 ? 181  ILE A CB  1 
ATOM   1332 C  CG1 . ILE A 1 181 ? 0.396   6.909   10.347  1.00 25.56 ? 181  ILE A CG1 1 
ATOM   1333 C  CG2 . ILE A 1 181 ? -0.979  4.811   10.505  1.00 28.15 ? 181  ILE A CG2 1 
ATOM   1334 C  CD1 . ILE A 1 181 ? -0.719  7.857   9.923   1.00 29.83 ? 181  ILE A CD1 1 
ATOM   1335 N  N   . MET A 1 182 ? 0.916   2.399   10.828  1.00 29.78 ? 182  MET A N   1 
ATOM   1336 C  CA  . MET A 1 182 ? 0.639   0.970   10.649  1.00 29.94 ? 182  MET A CA  1 
ATOM   1337 C  C   . MET A 1 182 ? -0.859  0.720   10.800  1.00 29.54 ? 182  MET A C   1 
ATOM   1338 O  O   . MET A 1 182 ? -1.539  1.444   11.523  1.00 30.28 ? 182  MET A O   1 
ATOM   1339 C  CB  . MET A 1 182 ? 1.412   0.144   11.679  1.00 29.36 ? 182  MET A CB  1 
ATOM   1340 C  CG  . MET A 1 182 ? 2.919   0.303   11.599  1.00 30.47 ? 182  MET A CG  1 
ATOM   1341 S  SD  . MET A 1 182 ? 3.622   -0.214  10.013  1.00 32.09 ? 182  MET A SD  1 
ATOM   1342 C  CE  . MET A 1 182 ? 3.558   -1.971  10.177  1.00 30.53 ? 182  MET A CE  1 
ATOM   1343 N  N   . PHE A 1 183 ? -1.368  -0.312  10.132  1.00 29.77 ? 183  PHE A N   1 
ATOM   1344 C  CA  . PHE A 1 183 ? -2.795  -0.608  10.173  1.00 29.60 ? 183  PHE A CA  1 
ATOM   1345 C  C   . PHE A 1 183 ? -3.384  -0.760  11.570  1.00 29.94 ? 183  PHE A C   1 
ATOM   1346 O  O   . PHE A 1 183 ? -4.498  -0.304  11.825  1.00 28.61 ? 183  PHE A O   1 
ATOM   1347 C  CB  . PHE A 1 183 ? -3.113  -1.850  9.324   1.00 30.76 ? 183  PHE A CB  1 
ATOM   1348 C  CG  . PHE A 1 183 ? -2.781  -3.168  9.985   1.00 33.06 ? 183  PHE A CG  1 
ATOM   1349 C  CD1 . PHE A 1 183 ? -3.653  -3.740  10.912  1.00 33.13 ? 183  PHE A CD1 1 
ATOM   1350 C  CD2 . PHE A 1 183 ? -1.618  -3.855  9.651   1.00 31.27 ? 183  PHE A CD2 1 
ATOM   1351 C  CE1 . PHE A 1 183 ? -3.372  -4.980  11.494  1.00 32.66 ? 183  PHE A CE1 1 
ATOM   1352 C  CE2 . PHE A 1 183 ? -1.326  -5.095  10.226  1.00 32.30 ? 183  PHE A CE2 1 
ATOM   1353 C  CZ  . PHE A 1 183 ? -2.205  -5.659  11.150  1.00 32.52 ? 183  PHE A CZ  1 
ATOM   1354 N  N   . TYR A 1 184 ? -2.642  -1.387  12.478  1.00 30.31 ? 184  TYR A N   1 
ATOM   1355 C  CA  . TYR A 1 184 ? -3.148  -1.583  13.828  1.00 29.98 ? 184  TYR A CA  1 
ATOM   1356 C  C   . TYR A 1 184 ? -3.223  -0.292  14.639  1.00 30.98 ? 184  TYR A C   1 
ATOM   1357 O  O   . TYR A 1 184 ? -3.727  -0.289  15.760  1.00 31.11 ? 184  TYR A O   1 
ATOM   1358 C  CB  . TYR A 1 184 ? -2.327  -2.656  14.561  1.00 29.75 ? 184  TYR A CB  1 
ATOM   1359 C  CG  . TYR A 1 184 ? -0.825  -2.527  14.434  1.00 27.81 ? 184  TYR A CG  1 
ATOM   1360 C  CD1 . TYR A 1 184 ? -0.128  -1.518  15.100  1.00 28.24 ? 184  TYR A CD1 1 
ATOM   1361 C  CD2 . TYR A 1 184 ? -0.096  -3.436  13.671  1.00 28.55 ? 184  TYR A CD2 1 
ATOM   1362 C  CE1 . TYR A 1 184 ? 1.265   -1.422  15.010  1.00 29.73 ? 184  TYR A CE1 1 
ATOM   1363 C  CE2 . TYR A 1 184 ? 1.292   -3.352  13.574  1.00 29.49 ? 184  TYR A CE2 1 
ATOM   1364 C  CZ  . TYR A 1 184 ? 1.967   -2.345  14.246  1.00 29.36 ? 184  TYR A CZ  1 
ATOM   1365 O  OH  . TYR A 1 184 ? 3.340   -2.271  14.160  1.00 31.41 ? 184  TYR A OH  1 
ATOM   1366 N  N   . ASP A 1 185 ? -2.738  0.807   14.069  1.00 31.91 ? 185  ASP A N   1 
ATOM   1367 C  CA  . ASP A 1 185 ? -2.801  2.101   14.743  1.00 32.05 ? 185  ASP A CA  1 
ATOM   1368 C  C   . ASP A 1 185 ? -4.230  2.630   14.669  1.00 31.46 ? 185  ASP A C   1 
ATOM   1369 O  O   . ASP A 1 185 ? -4.603  3.537   15.415  1.00 31.24 ? 185  ASP A O   1 
ATOM   1370 C  CB  . ASP A 1 185 ? -1.885  3.127   14.070  1.00 34.70 ? 185  ASP A CB  1 
ATOM   1371 C  CG  . ASP A 1 185 ? -0.418  2.783   14.198  1.00 36.79 ? 185  ASP A CG  1 
ATOM   1372 O  OD1 . ASP A 1 185 ? -0.088  1.808   14.907  1.00 37.54 ? 185  ASP A OD1 1 
ATOM   1373 O  OD2 . ASP A 1 185 ? 0.407   3.501   13.590  1.00 37.73 ? 185  ASP A OD2 1 
ATOM   1374 N  N   . ARG A 1 186 ? -5.023  2.062   13.765  1.00 29.60 ? 186  ARG A N   1 
ATOM   1375 C  CA  . ARG A 1 186 ? -6.403  2.496   13.567  1.00 31.61 ? 186  ARG A CA  1 
ATOM   1376 C  C   . ARG A 1 186 ? -7.462  1.524   14.089  1.00 32.48 ? 186  ARG A C   1 
ATOM   1377 O  O   . ARG A 1 186 ? -8.644  1.647   13.764  1.00 33.29 ? 186  ARG A O   1 
ATOM   1378 C  CB  . ARG A 1 186 ? -6.641  2.783   12.077  1.00 29.14 ? 186  ARG A CB  1 
ATOM   1379 C  CG  . ARG A 1 186 ? -5.726  3.875   11.527  1.00 29.56 ? 186  ARG A CG  1 
ATOM   1380 C  CD  . ARG A 1 186 ? -5.979  4.156   10.048  1.00 28.46 ? 186  ARG A CD  1 
ATOM   1381 N  NE  . ARG A 1 186 ? -5.051  5.152   9.519   1.00 28.63 ? 186  ARG A NE  1 
ATOM   1382 C  CZ  . ARG A 1 186 ? -5.107  6.452   9.791   1.00 30.06 ? 186  ARG A CZ  1 
ATOM   1383 N  NH1 . ARG A 1 186 ? -6.052  6.925   10.592  1.00 29.98 ? 186  ARG A NH1 1 
ATOM   1384 N  NH2 . ARG A 1 186 ? -4.214  7.281   9.267   1.00 29.21 ? 186  ARG A NH2 1 
ATOM   1385 N  N   . ILE A 1 187 ? -7.035  0.555   14.894  1.00 35.31 ? 187  ILE A N   1 
ATOM   1386 C  CA  . ILE A 1 187 ? -7.959  -0.410  15.477  1.00 36.91 ? 187  ILE A CA  1 
ATOM   1387 C  C   . ILE A 1 187 ? -8.305  0.088   16.877  1.00 39.32 ? 187  ILE A C   1 
ATOM   1388 O  O   . ILE A 1 187 ? -7.440  0.595   17.590  1.00 39.57 ? 187  ILE A O   1 
ATOM   1389 C  CB  . ILE A 1 187 ? -7.324  -1.814  15.584  1.00 36.49 ? 187  ILE A CB  1 
ATOM   1390 C  CG1 . ILE A 1 187 ? -6.998  -2.344  14.185  1.00 35.75 ? 187  ILE A CG1 1 
ATOM   1391 C  CG2 . ILE A 1 187 ? -8.275  -2.764  16.307  1.00 35.65 ? 187  ILE A CG2 1 
ATOM   1392 C  CD1 . ILE A 1 187 ? -6.263  -3.669  14.178  1.00 32.30 ? 187  ILE A CD1 1 
ATOM   1393 N  N   . ASN A 1 188 ? -9.570  -0.048  17.262  1.00 41.53 ? 188  ASN A N   1 
ATOM   1394 C  CA  . ASN A 1 188 ? -10.012 0.401   18.578  1.00 43.94 ? 188  ASN A CA  1 
ATOM   1395 C  C   . ASN A 1 188 ? -9.391  -0.445  19.685  1.00 45.23 ? 188  ASN A C   1 
ATOM   1396 O  O   . ASN A 1 188 ? -9.682  -1.634  19.808  1.00 45.49 ? 188  ASN A O   1 
ATOM   1397 C  CB  . ASN A 1 188 ? -11.537 0.333   18.675  1.00 43.75 ? 188  ASN A CB  1 
ATOM   1398 C  CG  . ASN A 1 188 ? -12.065 0.938   19.962  1.00 44.78 ? 188  ASN A CG  1 
ATOM   1399 O  OD1 . ASN A 1 188 ? -11.740 0.483   21.058  1.00 44.77 ? 188  ASN A OD1 1 
ATOM   1400 N  ND2 . ASN A 1 188 ? -12.882 1.973   19.832  1.00 45.16 ? 188  ASN A ND2 1 
ATOM   1401 N  N   . GLU A 1 189 ? -8.534  0.179   20.487  1.00 47.36 ? 189  GLU A N   1 
ATOM   1402 C  CA  . GLU A 1 189 ? -7.873  -0.518  21.579  1.00 49.94 ? 189  GLU A CA  1 
ATOM   1403 C  C   . GLU A 1 189 ? -8.861  -1.213  22.511  1.00 50.54 ? 189  GLU A C   1 
ATOM   1404 O  O   . GLU A 1 189 ? -8.794  -2.428  22.693  1.00 51.08 ? 189  GLU A O   1 
ATOM   1405 C  CB  . GLU A 1 189 ? -7.002  0.454   22.374  1.00 51.54 ? 189  GLU A CB  1 
ATOM   1406 C  CG  . GLU A 1 189 ? -5.716  0.819   21.664  1.00 54.80 ? 189  GLU A CG  1 
ATOM   1407 C  CD  . GLU A 1 189 ? -4.529  0.823   22.602  1.00 56.49 ? 189  GLU A CD  1 
ATOM   1408 O  OE1 . GLU A 1 189 ? -4.428  -0.112  23.422  1.00 58.29 ? 189  GLU A OE1 1 
ATOM   1409 O  OE2 . GLU A 1 189 ? -3.693  1.748   22.513  1.00 58.32 ? 189  GLU A OE2 1 
ATOM   1410 N  N   . LYS A 1 190 ? -9.775  -0.444  23.095  1.00 50.14 ? 190  LYS A N   1 
ATOM   1411 C  CA  . LYS A 1 190 ? -10.769 -1.004  24.002  1.00 49.92 ? 190  LYS A CA  1 
ATOM   1412 C  C   . LYS A 1 190 ? -11.492 -2.199  23.379  1.00 49.53 ? 190  LYS A C   1 
ATOM   1413 O  O   . LYS A 1 190 ? -11.305 -3.338  23.810  1.00 49.45 ? 190  LYS A O   1 
ATOM   1414 C  CB  . LYS A 1 190 ? -11.792 0.065   24.403  1.00 51.10 ? 190  LYS A CB  1 
ATOM   1415 C  CG  . LYS A 1 190 ? -11.232 1.203   25.251  1.00 52.27 ? 190  LYS A CG  1 
ATOM   1416 C  CD  . LYS A 1 190 ? -10.305 2.105   24.452  1.00 53.86 ? 190  LYS A CD  1 
ATOM   1417 C  CE  . LYS A 1 190 ? -9.791  3.263   25.296  1.00 53.95 ? 190  LYS A CE  1 
ATOM   1418 N  NZ  . LYS A 1 190 ? -8.906  4.166   24.505  1.00 55.11 ? 190  LYS A NZ  1 
ATOM   1419 N  N   . ASP A 1 191 ? -12.317 -1.940  22.368  1.00 48.06 ? 191  ASP A N   1 
ATOM   1420 C  CA  . ASP A 1 191 ? -13.059 -3.003  21.697  1.00 47.60 ? 191  ASP A CA  1 
ATOM   1421 C  C   . ASP A 1 191 ? -12.657 -3.080  20.224  1.00 47.22 ? 191  ASP A C   1 
ATOM   1422 O  O   . ASP A 1 191 ? -13.158 -2.319  19.395  1.00 45.81 ? 191  ASP A O   1 
ATOM   1423 C  CB  . ASP A 1 191 ? -14.568 -2.746  21.797  1.00 47.71 ? 191  ASP A CB  1 
ATOM   1424 C  CG  . ASP A 1 191 ? -15.399 -3.952  21.376  1.00 49.08 ? 191  ASP A CG  1 
ATOM   1425 O  OD1 . ASP A 1 191 ? -15.044 -4.612  20.375  1.00 49.26 ? 191  ASP A OD1 1 
ATOM   1426 O  OD2 . ASP A 1 191 ? -16.416 -4.237  22.042  1.00 50.31 ? 191  ASP A OD2 1 
ATOM   1427 N  N   . PRO A 1 192 ? -11.746 -4.003  19.882  1.00 46.99 ? 192  PRO A N   1 
ATOM   1428 C  CA  . PRO A 1 192 ? -11.274 -4.183  18.506  1.00 46.90 ? 192  PRO A CA  1 
ATOM   1429 C  C   . PRO A 1 192 ? -12.379 -4.358  17.467  1.00 46.35 ? 192  PRO A C   1 
ATOM   1430 O  O   . PRO A 1 192 ? -12.200 -4.005  16.302  1.00 45.96 ? 192  PRO A O   1 
ATOM   1431 C  CB  . PRO A 1 192 ? -10.379 -5.413  18.614  1.00 47.69 ? 192  PRO A CB  1 
ATOM   1432 C  CG  . PRO A 1 192 ? -9.781  -5.247  19.974  1.00 48.00 ? 192  PRO A CG  1 
ATOM   1433 C  CD  . PRO A 1 192 ? -10.988 -4.867  20.806  1.00 47.55 ? 192  PRO A CD  1 
ATOM   1434 N  N   . PHE A 1 193 ? -13.520 -4.903  17.877  1.00 45.14 ? 193  PHE A N   1 
ATOM   1435 C  CA  . PHE A 1 193 ? -14.607 -5.102  16.929  1.00 44.80 ? 193  PHE A CA  1 
ATOM   1436 C  C   . PHE A 1 193 ? -15.853 -4.273  17.210  1.00 44.49 ? 193  PHE A C   1 
ATOM   1437 O  O   . PHE A 1 193 ? -16.963 -4.654  16.840  1.00 43.87 ? 193  PHE A O   1 
ATOM   1438 C  CB  . PHE A 1 193 ? -14.967 -6.584  16.841  1.00 45.50 ? 193  PHE A CB  1 
ATOM   1439 C  CG  . PHE A 1 193 ? -13.873 -7.431  16.260  1.00 45.24 ? 193  PHE A CG  1 
ATOM   1440 C  CD1 . PHE A 1 193 ? -12.860 -7.937  17.069  1.00 46.68 ? 193  PHE A CD1 1 
ATOM   1441 C  CD2 . PHE A 1 193 ? -13.828 -7.684  14.892  1.00 45.11 ? 193  PHE A CD2 1 
ATOM   1442 C  CE1 . PHE A 1 193 ? -11.815 -8.684  16.521  1.00 45.55 ? 193  PHE A CE1 1 
ATOM   1443 C  CE2 . PHE A 1 193 ? -12.790 -8.426  14.334  1.00 44.22 ? 193  PHE A CE2 1 
ATOM   1444 C  CZ  . PHE A 1 193 ? -11.780 -8.927  15.153  1.00 46.04 ? 193  PHE A CZ  1 
ATOM   1445 N  N   . ALA A 1 194 ? -15.656 -3.129  17.854  1.00 44.19 ? 194  ALA A N   1 
ATOM   1446 C  CA  . ALA A 1 194 ? -16.759 -2.233  18.161  1.00 45.06 ? 194  ALA A CA  1 
ATOM   1447 C  C   . ALA A 1 194 ? -17.224 -1.566  16.867  1.00 45.39 ? 194  ALA A C   1 
ATOM   1448 O  O   . ALA A 1 194 ? -16.405 -1.191  16.024  1.00 45.18 ? 194  ALA A O   1 
ATOM   1449 C  CB  . ALA A 1 194 ? -16.307 -1.182  19.160  1.00 46.01 ? 194  ALA A CB  1 
ATOM   1450 N  N   . VAL A 1 195 ? -18.536 -1.426  16.709  1.00 44.53 ? 195  VAL A N   1 
ATOM   1451 C  CA  . VAL A 1 195 ? -19.098 -0.800  15.520  1.00 44.90 ? 195  VAL A CA  1 
ATOM   1452 C  C   . VAL A 1 195 ? -19.692 0.564   15.859  1.00 44.74 ? 195  VAL A C   1 
ATOM   1453 O  O   . VAL A 1 195 ? -20.869 0.679   16.208  1.00 46.18 ? 195  VAL A O   1 
ATOM   1454 C  CB  . VAL A 1 195 ? -20.183 -1.693  14.883  1.00 45.71 ? 195  VAL A CB  1 
ATOM   1455 C  CG1 . VAL A 1 195 ? -19.542 -2.942  14.293  1.00 46.28 ? 195  VAL A CG1 1 
ATOM   1456 C  CG2 . VAL A 1 195 ? -21.221 -2.084  15.925  1.00 47.23 ? 195  VAL A CG2 1 
ATOM   1457 N  N   . LYS A 1 196 ? -18.867 1.599   15.752  1.00 42.54 ? 196  LYS A N   1 
ATOM   1458 C  CA  . LYS A 1 196 ? -19.298 2.955   16.060  1.00 40.11 ? 196  LYS A CA  1 
ATOM   1459 C  C   . LYS A 1 196 ? -20.302 3.485   15.035  1.00 37.21 ? 196  LYS A C   1 
ATOM   1460 O  O   . LYS A 1 196 ? -20.440 2.944   13.938  1.00 34.85 ? 196  LYS A O   1 
ATOM   1461 C  CB  . LYS A 1 196 ? -18.077 3.877   16.131  1.00 42.55 ? 196  LYS A CB  1 
ATOM   1462 C  CG  . LYS A 1 196 ? -18.338 5.238   16.765  1.00 46.37 ? 196  LYS A CG  1 
ATOM   1463 C  CD  . LYS A 1 196 ? -17.031 6.001   16.962  1.00 50.24 ? 196  LYS A CD  1 
ATOM   1464 C  CE  . LYS A 1 196 ? -17.252 7.347   17.640  1.00 51.88 ? 196  LYS A CE  1 
ATOM   1465 N  NZ  . LYS A 1 196 ? -15.976 8.117   17.767  1.00 52.82 ? 196  LYS A NZ  1 
ATOM   1466 N  N   . ASP A 1 197 ? -21.016 4.541   15.411  1.00 34.56 ? 197  ASP A N   1 
ATOM   1467 C  CA  . ASP A 1 197 ? -21.999 5.151   14.528  1.00 33.14 ? 197  ASP A CA  1 
ATOM   1468 C  C   . ASP A 1 197 ? -21.253 5.695   13.315  1.00 31.29 ? 197  ASP A C   1 
ATOM   1469 O  O   . ASP A 1 197 ? -20.206 6.318   13.462  1.00 31.66 ? 197  ASP A O   1 
ATOM   1470 C  CB  . ASP A 1 197 ? -22.714 6.296   15.253  1.00 34.85 ? 197  ASP A CB  1 
ATOM   1471 C  CG  . ASP A 1 197 ? -23.881 6.855   14.460  1.00 36.14 ? 197  ASP A CG  1 
ATOM   1472 O  OD1 . ASP A 1 197 ? -24.860 6.111   14.235  1.00 37.34 ? 197  ASP A OD1 1 
ATOM   1473 O  OD2 . ASP A 1 197 ? -23.824 8.040   14.064  1.00 38.13 ? 197  ASP A OD2 1 
ATOM   1474 N  N   . GLY A 1 198 ? -21.783 5.448   12.121  1.00 29.25 ? 198  GLY A N   1 
ATOM   1475 C  CA  . GLY A 1 198 ? -21.139 5.946   10.916  1.00 28.95 ? 198  GLY A CA  1 
ATOM   1476 C  C   . GLY A 1 198 ? -20.037 5.050   10.377  1.00 27.86 ? 198  GLY A C   1 
ATOM   1477 O  O   . GLY A 1 198 ? -19.332 5.428   9.438   1.00 27.32 ? 198  GLY A O   1 
ATOM   1478 N  N   . LEU A 1 199 ? -19.880 3.868   10.964  1.00 26.82 ? 199  LEU A N   1 
ATOM   1479 C  CA  . LEU A 1 199 ? -18.857 2.930   10.510  1.00 28.36 ? 199  LEU A CA  1 
ATOM   1480 C  C   . LEU A 1 199 ? -19.463 1.885   9.584   1.00 29.61 ? 199  LEU A C   1 
ATOM   1481 O  O   . LEU A 1 199 ? -20.371 1.139   9.956   1.00 30.79 ? 199  LEU A O   1 
ATOM   1482 C  CB  . LEU A 1 199 ? -18.176 2.237   11.699  1.00 29.46 ? 199  LEU A CB  1 
ATOM   1483 C  CG  . LEU A 1 199 ? -17.056 1.241   11.352  1.00 30.08 ? 199  LEU A CG  1 
ATOM   1484 C  CD1 . LEU A 1 199 ? -15.979 1.935   10.522  1.00 27.69 ? 199  LEU A CD1 1 
ATOM   1485 C  CD2 . LEU A 1 199 ? -16.452 0.675   12.637  1.00 28.06 ? 199  LEU A CD2 1 
ATOM   1486 N  N   . LEU A 1 200 ? -18.948 1.837   8.366   1.00 30.25 ? 200  LEU A N   1 
ATOM   1487 C  CA  . LEU A 1 200 ? -19.436 0.903   7.372   1.00 32.35 ? 200  LEU A CA  1 
ATOM   1488 C  C   . LEU A 1 200 ? -18.534 -0.330  7.304   1.00 33.26 ? 200  LEU A C   1 
ATOM   1489 O  O   . LEU A 1 200 ? -17.389 -0.250  6.860   1.00 34.27 ? 200  LEU A O   1 
ATOM   1490 C  CB  . LEU A 1 200 ? -19.483 1.610   6.015   1.00 34.15 ? 200  LEU A CB  1 
ATOM   1491 C  CG  . LEU A 1 200 ? -20.045 0.889   4.796   1.00 35.89 ? 200  LEU A CG  1 
ATOM   1492 C  CD1 . LEU A 1 200 ? -21.509 0.543   5.017   1.00 37.19 ? 200  LEU A CD1 1 
ATOM   1493 C  CD2 . LEU A 1 200 ? -19.893 1.797   3.583   1.00 36.43 ? 200  LEU A CD2 1 
ATOM   1494 N  N   . ILE A 1 201 ? -19.054 -1.468  7.752   1.00 32.71 ? 201  ILE A N   1 
ATOM   1495 C  CA  . ILE A 1 201 ? -18.294 -2.714  7.729   1.00 32.61 ? 201  ILE A CA  1 
ATOM   1496 C  C   . ILE A 1 201 ? -18.425 -3.343  6.350   1.00 33.40 ? 201  ILE A C   1 
ATOM   1497 O  O   . ILE A 1 201 ? -19.529 -3.660  5.910   1.00 33.50 ? 201  ILE A O   1 
ATOM   1498 C  CB  . ILE A 1 201 ? -18.818 -3.712  8.784   1.00 32.66 ? 201  ILE A CB  1 
ATOM   1499 C  CG1 . ILE A 1 201 ? -18.725 -3.089  10.180  1.00 30.96 ? 201  ILE A CG1 1 
ATOM   1500 C  CG2 . ILE A 1 201 ? -18.027 -5.013  8.707   1.00 33.73 ? 201  ILE A CG2 1 
ATOM   1501 C  CD1 . ILE A 1 201 ? -17.325 -2.659  10.583  1.00 29.42 ? 201  ILE A CD1 1 
ATOM   1502 N  N   . LEU A 1 202 ? -17.293 -3.529  5.678   1.00 33.21 ? 202  LEU A N   1 
ATOM   1503 C  CA  . LEU A 1 202 ? -17.272 -4.099  4.337   1.00 34.14 ? 202  LEU A CA  1 
ATOM   1504 C  C   . LEU A 1 202 ? -17.192 -5.625  4.311   1.00 36.80 ? 202  LEU A C   1 
ATOM   1505 O  O   . LEU A 1 202 ? -16.283 -6.218  4.889   1.00 34.78 ? 202  LEU A O   1 
ATOM   1506 C  CB  . LEU A 1 202 ? -16.098 -3.513  3.551   1.00 32.62 ? 202  LEU A CB  1 
ATOM   1507 C  CG  . LEU A 1 202 ? -15.987 -1.984  3.587   1.00 32.31 ? 202  LEU A CG  1 
ATOM   1508 C  CD1 . LEU A 1 202 ? -14.802 -1.532  2.744   1.00 31.08 ? 202  LEU A CD1 1 
ATOM   1509 C  CD2 . LEU A 1 202 ? -17.277 -1.363  3.078   1.00 30.80 ? 202  LEU A CD2 1 
ATOM   1510 N  N   . GLU A 1 203 ? -18.160 -6.230  3.626   1.00 40.83 ? 203  GLU A N   1 
ATOM   1511 C  CA  . GLU A 1 203 ? -18.281 -7.681  3.450   1.00 45.55 ? 203  GLU A CA  1 
ATOM   1512 C  C   . GLU A 1 203 ? -19.667 -8.015  2.910   1.00 46.54 ? 203  GLU A C   1 
ATOM   1513 O  O   . GLU A 1 203 ? -19.780 -8.244  1.688   1.00 48.26 ? 203  GLU A O   1 
ATOM   1514 C  CB  . GLU A 1 203 ? -18.073 -8.439  4.768   1.00 47.54 ? 203  GLU A CB  1 
ATOM   1515 C  CG  . GLU A 1 203 ? -16.653 -8.943  4.989   1.00 50.98 ? 203  GLU A CG  1 
ATOM   1516 C  CD  . GLU A 1 203 ? -16.565 -9.964  6.109   1.00 53.13 ? 203  GLU A CD  1 
ATOM   1517 O  OE1 . GLU A 1 203 ? -17.235 -9.772  7.146   1.00 55.09 ? 203  GLU A OE1 1 
ATOM   1518 O  OE2 . GLU A 1 203 ? -15.816 -10.954 5.956   1.00 54.55 ? 203  GLU A OE2 1 
ATOM   1519 O  OXT . GLU A 1 203 ? -20.626 -8.028  3.710   1.00 48.60 ? 203  GLU A OXT 1 
HETATM 1520 NI NI  . NI  B 2 .   ? 1.181   -2.858  4.748   1.00 38.93 ? 301  NI  A NI  1 
HETATM 1521 S  S   . SO4 C 3 .   ? -19.059 12.085  0.757   1.00 43.29 ? 3001 SO4 A S   1 
HETATM 1522 O  O1  . SO4 C 3 .   ? -19.460 11.382  1.987   1.00 44.24 ? 3001 SO4 A O1  1 
HETATM 1523 O  O2  . SO4 C 3 .   ? -18.333 11.159  -0.134  1.00 40.94 ? 3001 SO4 A O2  1 
HETATM 1524 O  O3  . SO4 C 3 .   ? -18.182 13.215  1.116   1.00 42.25 ? 3001 SO4 A O3  1 
HETATM 1525 O  O4  . SO4 C 3 .   ? -20.259 12.584  0.060   1.00 44.44 ? 3001 SO4 A O4  1 
HETATM 1526 C  C1  . SB7 D 4 .   ? -5.980  -5.654  3.223   1.00 41.04 ? 300  SB7 A C1  1 
HETATM 1527 C  C2  . SB7 D 4 .   ? -4.693  -5.768  2.631   1.00 41.22 ? 300  SB7 A C2  1 
HETATM 1528 C  C3  . SB7 D 4 .   ? -3.920  -4.618  2.273   1.00 39.39 ? 300  SB7 A C3  1 
HETATM 1529 C  C4  . SB7 D 4 .   ? -4.434  -3.313  2.506   1.00 38.65 ? 300  SB7 A C4  1 
HETATM 1530 C  C5  . SB7 D 4 .   ? -5.698  -3.122  3.086   1.00 39.78 ? 300  SB7 A C5  1 
HETATM 1531 C  C6  . SB7 D 4 .   ? -6.532  -4.385  3.473   1.00 39.86 ? 300  SB7 A C6  1 
HETATM 1532 C  C7  . SB7 D 4 .   ? -2.558  -4.761  1.643   1.00 39.68 ? 300  SB7 A C7  1 
HETATM 1533 C  C8  . SB7 D 4 .   ? -1.579  -5.554  2.521   1.00 38.65 ? 300  SB7 A C8  1 
HETATM 1534 C  C11 . SB7 D 4 .   ? -0.190  -5.666  1.875   1.00 35.20 ? 300  SB7 A C11 1 
HETATM 1535 N  N14 . SB7 D 4 .   ? 0.716   -4.694  2.497   1.00 33.33 ? 300  SB7 A N14 1 
HETATM 1536 O  O22 . SB7 D 4 .   ? 1.446   -5.038  3.634   1.00 35.30 ? 300  SB7 A O22 1 
HETATM 1537 C  C24 . SB7 D 4 .   ? 0.814   -3.458  1.942   1.00 29.84 ? 300  SB7 A C24 1 
HETATM 1538 O  O25 . SB7 D 4 .   ? 1.636   -2.414  2.432   1.00 25.62 ? 300  SB7 A O25 1 
HETATM 1539 O  O   . HOH E 5 .   ? 8.792   -9.814  -7.719  1.00 26.56 ? 3002 HOH A O   1 
HETATM 1540 O  O   . HOH E 5 .   ? -10.631 -3.789  9.113   1.00 23.81 ? 3003 HOH A O   1 
HETATM 1541 O  O   . HOH E 5 .   ? -11.549 -1.106  15.771  1.00 26.34 ? 3004 HOH A O   1 
HETATM 1542 O  O   . HOH E 5 .   ? 8.959   12.395  -14.354 1.00 30.25 ? 3005 HOH A O   1 
HETATM 1543 O  O   . HOH E 5 .   ? 9.277   15.435  1.411   1.00 32.52 ? 3006 HOH A O   1 
HETATM 1544 O  O   . HOH E 5 .   ? -2.500  1.553   8.112   1.00 27.18 ? 3007 HOH A O   1 
HETATM 1545 O  O   . HOH E 5 .   ? 2.648   12.279  -1.197  1.00 19.80 ? 3008 HOH A O   1 
HETATM 1546 O  O   . HOH E 5 .   ? 0.223   1.250   6.681   1.00 23.11 ? 3009 HOH A O   1 
HETATM 1547 O  O   . HOH E 5 .   ? 8.155   15.526  -15.260 1.00 35.29 ? 3010 HOH A O   1 
HETATM 1548 O  O   . HOH E 5 .   ? -7.040  5.347   6.717   1.00 25.13 ? 3011 HOH A O   1 
HETATM 1549 O  O   . HOH E 5 .   ? 14.350  16.010  -11.099 1.00 16.90 ? 3012 HOH A O   1 
HETATM 1550 O  O   . HOH E 5 .   ? 16.187  7.833   -19.408 1.00 29.82 ? 3013 HOH A O   1 
HETATM 1551 O  O   . HOH E 5 .   ? -1.735  8.715   6.397   1.00 22.80 ? 3014 HOH A O   1 
HETATM 1552 O  O   . HOH E 5 .   ? 18.037  6.825   -12.356 1.00 19.50 ? 3015 HOH A O   1 
HETATM 1553 O  O   . HOH E 5 .   ? -14.499 2.026   1.869   1.00 24.66 ? 3016 HOH A O   1 
HETATM 1554 O  O   . HOH E 5 .   ? 16.857  7.911   -7.952  1.00 21.11 ? 3017 HOH A O   1 
HETATM 1555 O  O   . HOH E 5 .   ? -14.048 11.230  -2.494  1.00 24.11 ? 3018 HOH A O   1 
HETATM 1556 O  O   . HOH E 5 .   ? -12.416 16.260  3.194   1.00 27.60 ? 3019 HOH A O   1 
HETATM 1557 O  O   . HOH E 5 .   ? 10.068  5.839   5.188   1.00 28.17 ? 3020 HOH A O   1 
HETATM 1558 O  O   . HOH E 5 .   ? -5.981  5.514   -11.461 1.00 35.97 ? 3021 HOH A O   1 
HETATM 1559 O  O   . HOH E 5 .   ? -13.950 9.544   7.822   1.00 28.42 ? 3022 HOH A O   1 
HETATM 1560 O  O   . HOH E 5 .   ? 9.765   -7.210  -8.491  1.00 19.53 ? 3023 HOH A O   1 
HETATM 1561 O  O   . HOH E 5 .   ? 13.005  12.461  -5.933  1.00 20.20 ? 3024 HOH A O   1 
HETATM 1562 O  O   . HOH E 5 .   ? 2.722   15.249  -1.517  1.00 34.91 ? 3025 HOH A O   1 
HETATM 1563 O  O   . HOH E 5 .   ? -2.636  11.876  2.481   1.00 21.92 ? 3026 HOH A O   1 
HETATM 1564 O  O   . HOH E 5 .   ? 19.365  8.096   -9.978  1.00 17.73 ? 3027 HOH A O   1 
HETATM 1565 O  O   . HOH E 5 .   ? -8.531  5.590   11.926  1.00 27.85 ? 3028 HOH A O   1 
HETATM 1566 O  O   . HOH E 5 .   ? 11.755  10.981  -15.800 1.00 19.51 ? 3029 HOH A O   1 
HETATM 1567 O  O   . HOH E 5 .   ? 3.443   -18.211 -13.974 1.00 42.25 ? 3030 HOH A O   1 
HETATM 1568 O  O   . HOH E 5 .   ? -20.104 10.476  4.724   1.00 26.00 ? 3031 HOH A O   1 
HETATM 1569 O  O   . HOH E 5 .   ? -18.755 4.156   0.073   1.00 36.28 ? 3032 HOH A O   1 
HETATM 1570 O  O   . HOH E 5 .   ? 9.833   -14.426 5.049   1.00 43.50 ? 3033 HOH A O   1 
HETATM 1571 O  O   . HOH E 5 .   ? 19.959  4.687   -13.275 1.00 34.47 ? 3034 HOH A O   1 
HETATM 1572 O  O   . HOH E 5 .   ? 20.994  -6.383  -13.531 1.00 30.34 ? 3035 HOH A O   1 
HETATM 1573 O  O   . HOH E 5 .   ? 15.531  5.882   1.936   1.00 30.86 ? 3036 HOH A O   1 
HETATM 1574 O  O   . HOH E 5 .   ? 7.099   6.083   5.372   1.00 36.89 ? 3037 HOH A O   1 
HETATM 1575 O  O   . HOH E 5 .   ? -25.201 4.885   3.876   1.00 46.37 ? 3038 HOH A O   1 
HETATM 1576 O  O   . HOH E 5 .   ? 0.115   -1.402  7.919   1.00 23.35 ? 3039 HOH A O   1 
HETATM 1577 O  O   . HOH E 5 .   ? 12.995  8.933   -17.594 1.00 35.16 ? 3040 HOH A O   1 
HETATM 1578 O  O   . HOH E 5 .   ? -2.784  18.088  -4.681  1.00 33.34 ? 3041 HOH A O   1 
HETATM 1579 O  O   . HOH E 5 .   ? -15.262 16.362  -1.541  1.00 27.09 ? 3042 HOH A O   1 
HETATM 1580 O  O   . HOH E 5 .   ? -22.699 9.190   3.940   1.00 31.64 ? 3043 HOH A O   1 
HETATM 1581 O  O   . HOH E 5 .   ? -6.571  0.862   -12.647 1.00 32.30 ? 3044 HOH A O   1 
HETATM 1582 O  O   . HOH E 5 .   ? 19.619  5.086   -16.355 1.00 26.18 ? 3045 HOH A O   1 
HETATM 1583 O  O   . HOH E 5 .   ? 15.031  -3.744  0.840   1.00 26.41 ? 3046 HOH A O   1 
HETATM 1584 O  O   . HOH E 5 .   ? 1.262   15.188  -4.467  1.00 32.82 ? 3047 HOH A O   1 
HETATM 1585 O  O   . HOH E 5 .   ? 16.571  -11.126 -7.740  1.00 26.25 ? 3048 HOH A O   1 
HETATM 1586 O  O   . HOH E 5 .   ? -15.159 9.499   12.348  1.00 49.66 ? 3049 HOH A O   1 
HETATM 1587 O  O   . HOH E 5 .   ? 13.316  -5.561  9.422   1.00 37.93 ? 3050 HOH A O   1 
HETATM 1588 O  O   . HOH E 5 .   ? 5.215   2.150   7.201   1.00 36.40 ? 3051 HOH A O   1 
HETATM 1589 O  O   . HOH E 5 .   ? -4.763  7.021   4.785   1.00 33.59 ? 3052 HOH A O   1 
HETATM 1590 O  O   . HOH E 5 .   ? -2.740  -5.367  -16.477 1.00 37.53 ? 3053 HOH A O   1 
HETATM 1591 O  O   . HOH E 5 .   ? -9.022  2.844   -12.374 1.00 53.21 ? 3054 HOH A O   1 
HETATM 1592 O  O   . HOH E 5 .   ? 10.689  -14.336 -0.613  1.00 24.08 ? 3055 HOH A O   1 
HETATM 1593 O  O   . HOH E 5 .   ? -6.839  21.720  -7.844  1.00 46.28 ? 3056 HOH A O   1 
HETATM 1594 O  O   . HOH E 5 .   ? -21.661 -1.133  9.300   1.00 28.73 ? 3057 HOH A O   1 
HETATM 1595 O  O   . HOH E 5 .   ? 5.821   -10.955 5.998   1.00 30.32 ? 3058 HOH A O   1 
HETATM 1596 O  O   . HOH E 5 .   ? 21.961  6.612   -9.530  1.00 39.42 ? 3059 HOH A O   1 
HETATM 1597 O  O   . HOH E 5 .   ? 5.628   -3.009  -13.658 1.00 35.54 ? 3060 HOH A O   1 
HETATM 1598 O  O   . HOH E 5 .   ? -26.626 7.647   16.357  1.00 26.36 ? 3061 HOH A O   1 
HETATM 1599 O  O   . HOH E 5 .   ? -5.562  -2.772  -15.391 1.00 39.92 ? 3062 HOH A O   1 
HETATM 1600 O  O   . HOH E 5 .   ? 6.896   3.581   -12.441 1.00 24.53 ? 3063 HOH A O   1 
HETATM 1601 O  O   . HOH E 5 .   ? 16.882  9.773   -5.387  1.00 39.79 ? 3064 HOH A O   1 
HETATM 1602 O  O   . HOH E 5 .   ? 11.739  -24.784 -5.684  1.00 44.22 ? 3065 HOH A O   1 
HETATM 1603 O  O   . HOH E 5 .   ? 10.215  -20.331 -0.163  1.00 40.12 ? 3066 HOH A O   1 
HETATM 1604 O  O   . HOH E 5 .   ? -3.741  -9.099  10.999  1.00 25.85 ? 3067 HOH A O   1 
HETATM 1605 O  O   . HOH E 5 .   ? 23.590  -1.642  0.774   1.00 51.41 ? 3068 HOH A O   1 
HETATM 1606 O  O   . HOH E 5 .   ? -1.808  6.280   -13.512 1.00 34.92 ? 3069 HOH A O   1 
HETATM 1607 O  O   . HOH E 5 .   ? -4.179  13.674  -16.142 1.00 45.63 ? 3070 HOH A O   1 
HETATM 1608 O  O   . HOH E 5 .   ? 18.978  -0.815  3.457   1.00 43.56 ? 3071 HOH A O   1 
HETATM 1609 O  O   . HOH E 5 .   ? -4.739  3.422   -13.563 1.00 44.58 ? 3072 HOH A O   1 
HETATM 1610 O  O   . HOH E 5 .   ? 3.963   -5.474  -13.950 1.00 43.47 ? 3073 HOH A O   1 
HETATM 1611 O  O   . HOH E 5 .   ? 0.325   12.134  1.216   1.00 22.57 ? 3074 HOH A O   1 
HETATM 1612 O  O   . HOH E 5 .   ? -13.241 2.650   -5.982  1.00 21.68 ? 3075 HOH A O   1 
HETATM 1613 O  O   . HOH E 5 .   ? -14.764 8.477   -3.320  1.00 22.11 ? 3076 HOH A O   1 
HETATM 1614 O  O   . HOH E 5 .   ? -10.166 -1.761  7.081   1.00 27.77 ? 3077 HOH A O   1 
HETATM 1615 O  O   . HOH E 5 .   ? 9.151   18.377  -8.492  1.00 24.15 ? 3078 HOH A O   1 
HETATM 1616 O  O   . HOH E 5 .   ? 21.441  -2.922  -14.568 1.00 40.74 ? 3079 HOH A O   1 
HETATM 1617 O  O   . HOH E 5 .   ? -13.081 -1.352  -4.457  1.00 35.73 ? 3080 HOH A O   1 
HETATM 1618 O  O   . HOH E 5 .   ? -22.575 -3.360  10.894  1.00 34.80 ? 3081 HOH A O   1 
HETATM 1619 O  O   . HOH E 5 .   ? -17.423 -0.509  -4.210  1.00 34.97 ? 3082 HOH A O   1 
HETATM 1620 O  O   . HOH E 5 .   ? -15.547 -2.739  -2.963  1.00 35.72 ? 3083 HOH A O   1 
HETATM 1621 O  O   . HOH E 5 .   ? -6.375  10.704  9.376   1.00 44.52 ? 3084 HOH A O   1 
HETATM 1622 O  O   . HOH E 5 .   ? -0.939  -5.138  18.256  1.00 43.31 ? 3085 HOH A O   1 
HETATM 1623 O  O   . HOH E 5 .   ? 0.180   -9.442  8.508   1.00 28.07 ? 3086 HOH A O   1 
HETATM 1624 O  O   . HOH E 5 .   ? -15.313 13.238  0.376   1.00 40.96 ? 3087 HOH A O   1 
HETATM 1625 O  O   . HOH E 5 .   ? -16.848 12.198  -2.309  1.00 34.22 ? 3088 HOH A O   1 
HETATM 1626 O  O   . HOH E 5 .   ? -5.372  -2.160  25.664  1.00 48.88 ? 3089 HOH A O   1 
HETATM 1627 O  O   . HOH E 5 .   ? -15.076 0.349   -5.822  1.00 31.83 ? 3090 HOH A O   1 
HETATM 1628 O  O   . HOH E 5 .   ? 18.943  0.218   -12.431 1.00 42.00 ? 3091 HOH A O   1 
HETATM 1629 O  O   . HOH E 5 .   ? 16.372  1.076   9.158   1.00 42.08 ? 3092 HOH A O   1 
HETATM 1630 O  O   . HOH E 5 .   ? 8.030   17.272  -4.820  1.00 52.13 ? 3093 HOH A O   1 
HETATM 1631 O  O   . HOH E 5 .   ? -0.750  -15.968 -3.147  1.00 36.17 ? 3094 HOH A O   1 
HETATM 1632 O  O   . HOH E 5 .   ? 14.814  10.617  -19.412 1.00 35.46 ? 3095 HOH A O   1 
HETATM 1633 O  O   . HOH E 5 .   ? 0.139   2.818   -13.458 1.00 32.90 ? 3096 HOH A O   1 
HETATM 1634 O  O   . HOH E 5 .   ? 11.575  -7.517  -10.770 1.00 33.76 ? 3097 HOH A O   1 
HETATM 1635 O  O   . HOH E 5 .   ? 1.164   -0.987  -13.757 1.00 25.96 ? 3098 HOH A O   1 
HETATM 1636 O  O   . HOH E 5 .   ? 20.089  -6.846  -7.354  1.00 36.75 ? 3099 HOH A O   1 
HETATM 1637 O  O   . HOH E 5 .   ? -19.875 5.884   -7.332  1.00 46.11 ? 3100 HOH A O   1 
HETATM 1638 O  O   . HOH E 5 .   ? 9.029   -0.357  12.827  1.00 39.42 ? 3101 HOH A O   1 
HETATM 1639 O  O   . HOH E 5 .   ? 9.773   18.028  -0.245  1.00 43.89 ? 3102 HOH A O   1 
HETATM 1640 O  O   . HOH E 5 .   ? 11.233  -2.215  -15.111 1.00 36.97 ? 3103 HOH A O   1 
HETATM 1641 O  O   . HOH E 5 .   ? -24.421 9.048   17.925  1.00 39.48 ? 3104 HOH A O   1 
HETATM 1642 O  O   . HOH E 5 .   ? -7.144  -6.476  11.686  1.00 31.01 ? 3105 HOH A O   1 
HETATM 1643 O  O   . HOH E 5 .   ? 11.988  15.694  -1.793  1.00 41.46 ? 3106 HOH A O   1 
HETATM 1644 O  O   . HOH E 5 .   ? -9.952  -9.281  12.466  1.00 35.50 ? 3107 HOH A O   1 
HETATM 1645 O  O   . HOH E 5 .   ? -21.759 10.136  14.318  1.00 39.22 ? 3108 HOH A O   1 
HETATM 1646 O  O   . HOH E 5 .   ? 14.013  -8.511  7.816   1.00 43.97 ? 3109 HOH A O   1 
HETATM 1647 O  O   . HOH E 5 .   ? -3.702  -12.096 -2.394  1.00 43.99 ? 3110 HOH A O   1 
HETATM 1648 O  O   . HOH E 5 .   ? 4.996   17.793  -9.986  1.00 38.67 ? 3111 HOH A O   1 
HETATM 1649 O  O   . HOH E 5 .   ? 6.044   -0.755  12.058  1.00 47.31 ? 3112 HOH A O   1 
HETATM 1650 O  O   . HOH E 5 .   ? 9.593   11.137  10.034  1.00 40.62 ? 3113 HOH A O   1 
HETATM 1651 O  O   . HOH E 5 .   ? 2.651   5.426   -12.886 1.00 42.86 ? 3114 HOH A O   1 
HETATM 1652 O  O   . HOH E 5 .   ? 10.025  7.260   -18.985 1.00 43.77 ? 3115 HOH A O   1 
HETATM 1653 O  O   . HOH E 5 .   ? -19.141 -6.117  15.206  1.00 50.81 ? 3116 HOH A O   1 
HETATM 1654 O  O   . HOH E 5 .   ? 12.788  10.128  5.277   1.00 37.98 ? 3117 HOH A O   1 
HETATM 1655 O  O   . HOH E 5 .   ? -12.084 11.361  10.273  1.00 41.24 ? 3118 HOH A O   1 
HETATM 1656 O  O   . HOH E 5 .   ? -3.001  -10.711 -10.320 1.00 44.30 ? 3119 HOH A O   1 
HETATM 1657 O  O   . HOH E 5 .   ? -5.644  8.842   -17.708 1.00 43.99 ? 3120 HOH A O   1 
HETATM 1658 O  O   . HOH E 5 .   ? -16.645 -7.906  20.348  1.00 43.79 ? 3121 HOH A O   1 
HETATM 1659 O  O   . HOH E 5 .   ? 18.068  -11.039 -0.552  1.00 46.76 ? 3122 HOH A O   1 
HETATM 1660 O  O   . HOH E 5 .   ? 21.897  -6.432  0.851   1.00 43.39 ? 3123 HOH A O   1 
HETATM 1661 O  O   . HOH E 5 .   ? 5.715   -23.230 -7.599  1.00 40.19 ? 3124 HOH A O   1 
HETATM 1662 O  O   . HOH E 5 .   ? -18.261 8.387   10.714  1.00 39.64 ? 3125 HOH A O   1 
HETATM 1663 O  O   . HOH E 5 .   ? -7.650  -13.479 7.199   1.00 42.68 ? 3126 HOH A O   1 
HETATM 1664 O  O   . HOH E 5 .   ? 15.919  5.626   -1.513  1.00 47.73 ? 3127 HOH A O   1 
HETATM 1665 O  O   . HOH E 5 .   ? 17.849  3.192   -1.243  1.00 36.46 ? 3128 HOH A O   1 
HETATM 1666 O  O   . HOH E 5 .   ? 20.634  0.433   -9.819  1.00 39.98 ? 3129 HOH A O   1 
HETATM 1667 O  O   . HOH E 5 .   ? -8.820  15.181  2.973   1.00 38.64 ? 3130 HOH A O   1 
HETATM 1668 O  O   . HOH E 5 .   ? -2.411  -11.174 9.009   1.00 41.43 ? 3131 HOH A O   1 
HETATM 1669 O  O   . HOH E 5 .   ? 3.943   16.513  -5.436  1.00 40.02 ? 3132 HOH A O   1 
HETATM 1670 O  O   . HOH E 5 .   ? -18.286 -5.146  0.120   1.00 46.67 ? 3133 HOH A O   1 
HETATM 1671 O  O   . HOH E 5 .   ? -0.260  16.736  -15.330 1.00 38.09 ? 3134 HOH A O   1 
HETATM 1672 O  O   . HOH E 5 .   ? 17.512  -11.458 -4.346  1.00 41.30 ? 3135 HOH A O   1 
HETATM 1673 O  O   . HOH E 5 .   ? -13.541 -8.183  4.777   1.00 41.09 ? 3136 HOH A O   1 
HETATM 1674 O  O   . HOH E 5 .   ? 13.882  -3.952  -15.375 1.00 43.07 ? 3137 HOH A O   1 
HETATM 1675 O  O   . HOH E 5 .   ? 7.948   19.077  -13.848 1.00 41.83 ? 3138 HOH A O   1 
# 
